data_2YRN
#
_entry.id   2YRN
#
_entity_poly.entity_id   1
_entity_poly.type   'polypeptide(L)'
_entity_poly.pdbx_seq_one_letter_code
;GSSGSSGKRKPVIHGLEDQKRIYTDWANHYLAKSGHKRLIRDLQQDVTDGVLLAQIIQVVANEKIEDINGCPKNRSQMIE
NIDACLNFLAAKGINIQGLSAEEIRNGNLKAILGLFFSLSRYKQQQQQP
;
_entity_poly.pdbx_strand_id   A
#
# COMPACT_ATOMS: atom_id res chain seq x y z
N GLY A 1 0.75 -7.46 -14.20
CA GLY A 1 0.36 -8.86 -14.22
C GLY A 1 0.93 -9.63 -13.04
N SER A 2 0.05 -10.15 -12.19
CA SER A 2 0.47 -10.90 -11.02
C SER A 2 -0.23 -12.26 -10.98
N SER A 3 0.54 -13.30 -10.64
CA SER A 3 0.00 -14.65 -10.57
C SER A 3 -0.40 -15.00 -9.13
N GLY A 4 -1.24 -16.02 -8.99
CA GLY A 4 -1.67 -16.44 -7.66
C GLY A 4 -2.32 -17.80 -7.68
N SER A 5 -1.55 -18.83 -7.33
CA SER A 5 -2.05 -20.20 -7.30
C SER A 5 -1.45 -20.98 -6.14
N SER A 6 -1.96 -22.18 -5.90
CA SER A 6 -1.49 -23.02 -4.82
C SER A 6 -0.52 -24.08 -5.35
N GLY A 7 0.77 -23.80 -5.27
CA GLY A 7 1.77 -24.74 -5.74
C GLY A 7 2.69 -25.21 -4.64
N LYS A 8 3.99 -25.31 -4.94
CA LYS A 8 4.97 -25.75 -3.97
C LYS A 8 5.56 -24.56 -3.22
N ARG A 9 5.77 -24.73 -1.92
CA ARG A 9 6.33 -23.68 -1.08
C ARG A 9 7.75 -24.02 -0.64
N LYS A 10 8.70 -23.16 -1.01
CA LYS A 10 10.10 -23.37 -0.65
C LYS A 10 10.70 -22.11 -0.04
N PRO A 11 11.76 -22.29 0.76
CA PRO A 11 12.44 -21.18 1.43
C PRO A 11 13.21 -20.31 0.44
N VAL A 12 12.76 -19.06 0.29
CA VAL A 12 13.41 -18.13 -0.63
C VAL A 12 13.32 -16.70 -0.10
N ILE A 13 14.39 -15.94 -0.29
CA ILE A 13 14.43 -14.55 0.16
C ILE A 13 13.83 -13.61 -0.89
N HIS A 14 13.26 -12.50 -0.43
CA HIS A 14 12.66 -11.53 -1.33
C HIS A 14 13.26 -10.14 -1.10
N GLY A 15 14.43 -9.92 -1.70
CA GLY A 15 15.10 -8.63 -1.56
C GLY A 15 14.14 -7.47 -1.69
N LEU A 16 14.61 -6.28 -1.32
CA LEU A 16 13.78 -5.08 -1.38
C LEU A 16 12.97 -5.06 -2.68
N GLU A 17 13.65 -5.17 -3.81
CA GLU A 17 12.99 -5.15 -5.11
C GLU A 17 11.96 -6.28 -5.20
N ASP A 18 12.30 -7.43 -4.62
CA ASP A 18 11.40 -8.59 -4.64
C ASP A 18 10.13 -8.29 -3.84
N GLN A 19 10.29 -7.58 -2.73
CA GLN A 19 9.15 -7.24 -1.88
C GLN A 19 8.13 -6.41 -2.64
N LYS A 20 8.60 -5.35 -3.30
CA LYS A 20 7.73 -4.47 -4.07
C LYS A 20 6.60 -5.26 -4.73
N ARG A 21 6.92 -6.48 -5.17
CA ARG A 21 5.93 -7.33 -5.82
C ARG A 21 4.98 -7.93 -4.79
N ILE A 22 5.53 -8.77 -3.90
CA ILE A 22 4.72 -9.42 -2.87
C ILE A 22 3.60 -8.50 -2.40
N TYR A 23 3.95 -7.27 -2.06
CA TYR A 23 2.97 -6.29 -1.59
C TYR A 23 1.96 -5.96 -2.69
N THR A 24 2.47 -5.64 -3.87
CA THR A 24 1.61 -5.31 -5.01
C THR A 24 0.43 -6.28 -5.11
N ASP A 25 0.73 -7.57 -5.03
CA ASP A 25 -0.31 -8.59 -5.10
C ASP A 25 -1.25 -8.50 -3.92
N TRP A 26 -0.69 -8.33 -2.73
CA TRP A 26 -1.49 -8.23 -1.51
C TRP A 26 -2.53 -7.14 -1.63
N ALA A 27 -2.14 -6.01 -2.22
CA ALA A 27 -3.05 -4.88 -2.40
C ALA A 27 -4.01 -5.14 -3.55
N ASN A 28 -3.46 -5.40 -4.73
CA ASN A 28 -4.27 -5.66 -5.92
C ASN A 28 -5.51 -6.48 -5.56
N HIS A 29 -5.32 -7.46 -4.68
CA HIS A 29 -6.41 -8.32 -4.25
C HIS A 29 -7.58 -7.50 -3.72
N TYR A 30 -7.27 -6.50 -2.90
CA TYR A 30 -8.29 -5.64 -2.32
C TYR A 30 -8.93 -4.75 -3.39
N LEU A 31 -8.19 -4.51 -4.46
CA LEU A 31 -8.67 -3.67 -5.56
C LEU A 31 -9.62 -4.46 -6.46
N ALA A 32 -9.12 -5.57 -7.00
CA ALA A 32 -9.93 -6.41 -7.88
C ALA A 32 -11.21 -6.87 -7.19
N LYS A 33 -11.06 -7.39 -5.98
CA LYS A 33 -12.21 -7.86 -5.21
C LYS A 33 -13.34 -6.85 -5.24
N SER A 34 -12.99 -5.57 -5.17
CA SER A 34 -13.97 -4.49 -5.19
C SER A 34 -14.24 -4.02 -6.61
N GLY A 35 -14.14 -4.95 -7.56
CA GLY A 35 -14.38 -4.61 -8.96
C GLY A 35 -13.55 -3.42 -9.41
N HIS A 36 -12.24 -3.55 -9.35
CA HIS A 36 -11.35 -2.47 -9.76
C HIS A 36 -10.45 -2.91 -10.91
N LYS A 37 -10.96 -2.78 -12.13
CA LYS A 37 -10.21 -3.16 -13.32
C LYS A 37 -8.73 -2.81 -13.17
N ARG A 38 -8.43 -1.52 -13.21
CA ARG A 38 -7.05 -1.07 -13.08
C ARG A 38 -6.34 -1.80 -11.95
N LEU A 39 -5.02 -1.95 -12.09
CA LEU A 39 -4.22 -2.64 -11.08
C LEU A 39 -2.96 -1.85 -10.75
N ILE A 40 -2.16 -2.38 -9.83
CA ILE A 40 -0.93 -1.72 -9.43
C ILE A 40 0.28 -2.27 -10.19
N ARG A 41 0.80 -1.47 -11.12
CA ARG A 41 1.95 -1.87 -11.92
C ARG A 41 3.25 -1.61 -11.17
N ASP A 42 3.47 -0.35 -10.80
CA ASP A 42 4.68 0.02 -10.07
C ASP A 42 4.34 0.52 -8.67
N LEU A 43 4.54 -0.36 -7.69
CA LEU A 43 4.25 0.00 -6.30
C LEU A 43 4.79 1.38 -5.95
N GLN A 44 5.99 1.68 -6.44
CA GLN A 44 6.62 2.97 -6.19
C GLN A 44 5.84 4.09 -6.87
N GLN A 45 5.19 3.76 -7.99
CA GLN A 45 4.42 4.74 -8.74
C GLN A 45 2.93 4.56 -8.50
N ASP A 46 2.59 3.68 -7.56
CA ASP A 46 1.20 3.41 -7.22
C ASP A 46 0.80 4.15 -5.94
N VAL A 47 1.78 4.73 -5.27
CA VAL A 47 1.53 5.47 -4.04
C VAL A 47 2.20 6.84 -4.08
N THR A 48 2.24 7.44 -5.26
CA THR A 48 2.84 8.76 -5.43
C THR A 48 1.81 9.86 -5.29
N ASP A 49 0.55 9.52 -5.55
CA ASP A 49 -0.53 10.50 -5.44
C ASP A 49 -1.42 10.19 -4.24
N GLY A 50 -1.27 8.99 -3.68
CA GLY A 50 -2.06 8.60 -2.54
C GLY A 50 -3.46 8.14 -2.92
N VAL A 51 -3.87 8.50 -4.14
CA VAL A 51 -5.19 8.12 -4.63
C VAL A 51 -5.34 6.60 -4.69
N LEU A 52 -4.58 5.98 -5.57
CA LEU A 52 -4.63 4.53 -5.74
C LEU A 52 -4.28 3.82 -4.43
N LEU A 53 -3.49 4.48 -3.60
CA LEU A 53 -3.08 3.91 -2.32
C LEU A 53 -4.28 3.76 -1.39
N ALA A 54 -5.01 4.85 -1.20
CA ALA A 54 -6.19 4.84 -0.33
C ALA A 54 -7.25 3.87 -0.85
N GLN A 55 -7.37 3.80 -2.17
CA GLN A 55 -8.34 2.90 -2.80
C GLN A 55 -8.26 1.50 -2.20
N ILE A 56 -7.10 1.18 -1.63
CA ILE A 56 -6.89 -0.13 -1.03
C ILE A 56 -7.16 -0.10 0.47
N ILE A 57 -6.58 0.89 1.14
CA ILE A 57 -6.76 1.04 2.59
C ILE A 57 -8.24 1.04 2.96
N GLN A 58 -8.99 1.95 2.33
CA GLN A 58 -10.42 2.07 2.59
C GLN A 58 -11.11 0.72 2.41
N VAL A 59 -10.49 -0.18 1.67
CA VAL A 59 -11.05 -1.50 1.42
C VAL A 59 -10.66 -2.47 2.53
N VAL A 60 -9.38 -2.80 2.61
CA VAL A 60 -8.88 -3.71 3.62
C VAL A 60 -9.32 -3.27 5.02
N ALA A 61 -9.36 -1.96 5.23
CA ALA A 61 -9.77 -1.41 6.53
C ALA A 61 -11.29 -1.29 6.61
N ASN A 62 -11.94 -1.18 5.46
CA ASN A 62 -13.39 -1.05 5.41
C ASN A 62 -13.84 0.30 5.98
N GLU A 63 -13.07 1.33 5.67
CA GLU A 63 -13.39 2.68 6.14
C GLU A 63 -13.14 3.71 5.06
N LYS A 64 -13.75 4.89 5.21
CA LYS A 64 -13.59 5.96 4.24
C LYS A 64 -12.72 7.09 4.80
N ILE A 65 -11.85 7.62 3.96
CA ILE A 65 -10.96 8.70 4.37
C ILE A 65 -11.37 10.03 3.75
N GLU A 66 -12.03 10.87 4.54
CA GLU A 66 -12.47 12.17 4.06
C GLU A 66 -11.30 13.14 3.93
N ASP A 67 -10.18 12.78 4.53
CA ASP A 67 -8.99 13.61 4.50
C ASP A 67 -8.15 13.29 3.26
N ILE A 68 -8.82 12.90 2.18
CA ILE A 68 -8.13 12.58 0.93
C ILE A 68 -8.45 13.59 -0.15
N ASN A 69 -7.42 14.28 -0.63
CA ASN A 69 -7.59 15.28 -1.68
C ASN A 69 -8.50 14.76 -2.78
N GLY A 70 -8.18 13.60 -3.33
CA GLY A 70 -8.98 13.02 -4.39
C GLY A 70 -8.44 13.34 -5.77
N CYS A 71 -8.14 14.62 -6.00
CA CYS A 71 -7.62 15.06 -7.29
C CYS A 71 -6.36 15.90 -7.11
N PRO A 72 -5.22 15.22 -6.92
CA PRO A 72 -3.93 15.87 -6.73
C PRO A 72 -3.43 16.54 -8.01
N LYS A 73 -2.98 17.79 -7.87
CA LYS A 73 -2.48 18.55 -9.02
C LYS A 73 -1.11 19.13 -8.72
N ASN A 74 -0.98 19.80 -7.57
CA ASN A 74 0.28 20.40 -7.16
C ASN A 74 1.20 19.36 -6.54
N ARG A 75 2.49 19.68 -6.48
CA ARG A 75 3.48 18.78 -5.89
C ARG A 75 3.18 18.52 -4.43
N SER A 76 2.57 19.50 -3.77
CA SER A 76 2.23 19.37 -2.36
C SER A 76 0.90 18.65 -2.18
N GLN A 77 -0.09 19.04 -2.97
CA GLN A 77 -1.42 18.44 -2.90
C GLN A 77 -1.31 16.93 -2.73
N MET A 78 -0.48 16.30 -3.56
CA MET A 78 -0.29 14.86 -3.51
C MET A 78 0.11 14.41 -2.11
N ILE A 79 0.94 15.22 -1.45
CA ILE A 79 1.39 14.91 -0.09
C ILE A 79 0.21 14.63 0.83
N GLU A 80 -0.67 15.62 0.97
CA GLU A 80 -1.83 15.48 1.83
C GLU A 80 -2.45 14.09 1.68
N ASN A 81 -2.56 13.62 0.45
CA ASN A 81 -3.13 12.31 0.17
C ASN A 81 -2.43 11.23 0.99
N ILE A 82 -1.15 11.00 0.68
CA ILE A 82 -0.37 9.99 1.39
C ILE A 82 -0.37 10.25 2.88
N ASP A 83 -0.25 11.52 3.27
CA ASP A 83 -0.24 11.90 4.67
C ASP A 83 -1.50 11.40 5.38
N ALA A 84 -2.66 11.71 4.80
CA ALA A 84 -3.93 11.30 5.37
C ALA A 84 -3.97 9.79 5.60
N CYS A 85 -3.39 9.04 4.68
CA CYS A 85 -3.36 7.59 4.77
C CYS A 85 -2.51 7.14 5.96
N LEU A 86 -1.38 7.82 6.16
CA LEU A 86 -0.48 7.50 7.26
C LEU A 86 -1.15 7.76 8.60
N ASN A 87 -1.73 8.94 8.75
CA ASN A 87 -2.40 9.31 10.00
C ASN A 87 -3.61 8.41 10.25
N PHE A 88 -4.29 8.03 9.17
CA PHE A 88 -5.47 7.17 9.27
C PHE A 88 -5.08 5.78 9.76
N LEU A 89 -3.92 5.31 9.32
CA LEU A 89 -3.44 3.99 9.71
C LEU A 89 -2.99 3.98 11.18
N ALA A 90 -2.23 5.00 11.56
CA ALA A 90 -1.74 5.12 12.93
C ALA A 90 -2.87 4.96 13.93
N ALA A 91 -4.00 5.63 13.66
CA ALA A 91 -5.16 5.56 14.54
C ALA A 91 -5.67 4.13 14.66
N LYS A 92 -5.47 3.34 13.61
CA LYS A 92 -5.91 1.96 13.59
C LYS A 92 -4.97 1.07 14.40
N GLY A 93 -3.83 1.63 14.79
CA GLY A 93 -2.86 0.88 15.57
C GLY A 93 -1.68 0.41 14.73
N ILE A 94 -1.37 1.15 13.68
CA ILE A 94 -0.28 0.80 12.79
C ILE A 94 0.88 1.77 12.96
N ASN A 95 2.06 1.23 13.28
CA ASN A 95 3.26 2.05 13.46
C ASN A 95 3.67 2.71 12.15
N ILE A 96 3.54 4.02 12.08
CA ILE A 96 3.92 4.76 10.89
C ILE A 96 5.19 5.58 11.11
N GLN A 97 5.54 5.76 12.37
CA GLN A 97 6.75 6.51 12.72
C GLN A 97 7.95 6.06 11.89
N GLY A 98 8.66 7.01 11.32
CA GLY A 98 9.82 6.69 10.50
C GLY A 98 9.58 6.98 9.03
N LEU A 99 8.37 6.69 8.56
CA LEU A 99 8.03 6.92 7.16
C LEU A 99 8.11 8.40 6.81
N SER A 100 7.79 8.74 5.57
CA SER A 100 7.83 10.11 5.10
C SER A 100 7.02 10.29 3.82
N ALA A 101 5.86 10.92 3.93
CA ALA A 101 5.01 11.16 2.77
C ALA A 101 5.82 11.59 1.56
N GLU A 102 6.76 12.51 1.79
CA GLU A 102 7.60 13.01 0.72
C GLU A 102 8.36 11.87 0.04
N GLU A 103 9.05 11.07 0.84
CA GLU A 103 9.82 9.95 0.32
C GLU A 103 8.94 9.03 -0.53
N ILE A 104 7.72 8.79 -0.05
CA ILE A 104 6.78 7.92 -0.75
C ILE A 104 6.37 8.53 -2.08
N ARG A 105 6.13 9.85 -2.08
CA ARG A 105 5.73 10.56 -3.28
C ARG A 105 6.80 10.46 -4.36
N ASN A 106 8.06 10.44 -3.93
CA ASN A 106 9.19 10.35 -4.86
C ASN A 106 9.29 8.94 -5.44
N GLY A 107 8.81 7.96 -4.69
CA GLY A 107 8.85 6.58 -5.16
C GLY A 107 9.99 5.80 -4.52
N ASN A 108 10.47 6.28 -3.38
CA ASN A 108 11.55 5.62 -2.67
C ASN A 108 11.11 4.26 -2.13
N LEU A 109 11.58 3.19 -2.77
CA LEU A 109 11.24 1.85 -2.35
C LEU A 109 11.28 1.71 -0.83
N LYS A 110 12.47 1.88 -0.26
CA LYS A 110 12.64 1.79 1.18
C LYS A 110 11.42 2.31 1.92
N ALA A 111 10.80 3.35 1.36
CA ALA A 111 9.60 3.95 1.96
C ALA A 111 8.37 3.10 1.68
N ILE A 112 7.91 3.14 0.43
CA ILE A 112 6.73 2.39 0.02
C ILE A 112 6.70 1.03 0.71
N LEU A 113 7.80 0.28 0.59
CA LEU A 113 7.89 -1.04 1.19
C LEU A 113 7.54 -0.99 2.68
N GLY A 114 8.10 -0.02 3.39
CA GLY A 114 7.83 0.12 4.81
C GLY A 114 6.35 0.30 5.09
N LEU A 115 5.65 1.00 4.20
CA LEU A 115 4.23 1.24 4.37
C LEU A 115 3.44 -0.07 4.26
N PHE A 116 3.59 -0.75 3.13
CA PHE A 116 2.89 -2.01 2.90
C PHE A 116 3.38 -3.09 3.87
N PHE A 117 4.51 -2.82 4.53
CA PHE A 117 5.09 -3.76 5.48
C PHE A 117 4.35 -3.70 6.81
N SER A 118 3.85 -2.51 7.15
CA SER A 118 3.14 -2.31 8.41
C SER A 118 1.63 -2.46 8.20
N LEU A 119 1.13 -1.90 7.10
CA LEU A 119 -0.29 -1.97 6.79
C LEU A 119 -0.80 -3.41 6.89
N SER A 120 -0.21 -4.30 6.10
CA SER A 120 -0.60 -5.70 6.09
C SER A 120 -0.78 -6.22 7.52
N ARG A 121 0.12 -5.81 8.41
CA ARG A 121 0.07 -6.23 9.80
C ARG A 121 -1.32 -6.00 10.39
N TYR A 122 -1.80 -4.75 10.28
CA TYR A 122 -3.11 -4.39 10.80
C TYR A 122 -4.13 -5.49 10.52
N LYS A 123 -4.19 -5.92 9.25
CA LYS A 123 -5.13 -6.96 8.85
C LYS A 123 -4.74 -8.30 9.49
N GLN A 124 -3.51 -8.72 9.27
CA GLN A 124 -3.03 -9.98 9.82
C GLN A 124 -3.31 -10.08 11.32
N GLN A 125 -3.58 -11.29 11.79
CA GLN A 125 -3.87 -11.51 13.20
C GLN A 125 -5.23 -10.92 13.57
N GLN A 126 -6.17 -10.99 12.64
CA GLN A 126 -7.51 -10.46 12.87
C GLN A 126 -8.53 -11.59 13.02
N GLN A 127 -8.73 -12.04 14.25
CA GLN A 127 -9.66 -13.12 14.52
C GLN A 127 -10.69 -12.70 15.57
N GLN A 128 -11.95 -12.58 15.15
CA GLN A 128 -13.02 -12.19 16.06
C GLN A 128 -14.08 -13.28 16.17
N PRO A 129 -14.62 -13.46 17.37
CA PRO A 129 -15.65 -14.47 17.63
C PRO A 129 -16.99 -14.13 16.98
N GLY A 1 10.04 -17.72 -13.04
CA GLY A 1 9.17 -17.58 -14.20
C GLY A 1 9.33 -18.72 -15.18
N SER A 2 8.74 -19.87 -14.84
CA SER A 2 8.82 -21.04 -15.71
C SER A 2 7.49 -21.29 -16.40
N SER A 3 7.56 -21.64 -17.69
CA SER A 3 6.36 -21.91 -18.47
C SER A 3 5.42 -22.85 -17.74
N GLY A 4 4.40 -22.29 -17.10
CA GLY A 4 3.45 -23.09 -16.36
C GLY A 4 3.40 -22.74 -14.89
N SER A 5 2.77 -23.61 -14.09
CA SER A 5 2.66 -23.37 -12.66
C SER A 5 3.65 -24.24 -11.89
N SER A 6 4.81 -23.65 -11.56
CA SER A 6 5.85 -24.37 -10.84
C SER A 6 6.36 -23.53 -9.67
N GLY A 7 6.68 -24.19 -8.56
CA GLY A 7 7.18 -23.49 -7.39
C GLY A 7 8.59 -23.91 -7.03
N LYS A 8 8.88 -23.92 -5.74
CA LYS A 8 10.21 -24.29 -5.26
C LYS A 8 10.13 -24.94 -3.88
N ARG A 9 11.23 -25.55 -3.45
CA ARG A 9 11.28 -26.21 -2.15
C ARG A 9 11.96 -25.32 -1.11
N LYS A 10 13.28 -25.21 -1.20
CA LYS A 10 14.04 -24.38 -0.27
C LYS A 10 13.45 -22.99 -0.17
N PRO A 11 13.66 -22.33 0.99
CA PRO A 11 13.15 -20.98 1.23
C PRO A 11 13.88 -19.93 0.41
N VAL A 12 13.11 -19.03 -0.19
CA VAL A 12 13.69 -17.97 -1.01
C VAL A 12 13.50 -16.61 -0.36
N ILE A 13 14.52 -15.76 -0.43
CA ILE A 13 14.47 -14.43 0.14
C ILE A 13 14.01 -13.40 -0.88
N HIS A 14 13.10 -12.53 -0.46
CA HIS A 14 12.56 -11.49 -1.34
C HIS A 14 13.20 -10.14 -1.04
N GLY A 15 14.33 -9.87 -1.67
CA GLY A 15 15.03 -8.61 -1.45
C GLY A 15 14.08 -7.42 -1.50
N LEU A 16 14.61 -6.25 -1.18
CA LEU A 16 13.81 -5.02 -1.18
C LEU A 16 12.92 -4.95 -2.42
N GLU A 17 13.56 -4.94 -3.59
CA GLU A 17 12.83 -4.87 -4.85
C GLU A 17 11.82 -6.02 -4.95
N ASP A 18 12.20 -7.19 -4.44
CA ASP A 18 11.33 -8.35 -4.47
C ASP A 18 10.07 -8.11 -3.64
N GLN A 19 10.24 -7.50 -2.48
CA GLN A 19 9.12 -7.21 -1.59
C GLN A 19 8.02 -6.46 -2.33
N LYS A 20 8.40 -5.37 -2.99
CA LYS A 20 7.44 -4.56 -3.73
C LYS A 20 6.38 -5.43 -4.39
N ARG A 21 6.82 -6.51 -5.03
CA ARG A 21 5.91 -7.43 -5.70
C ARG A 21 4.92 -8.03 -4.70
N ILE A 22 5.45 -8.69 -3.68
CA ILE A 22 4.61 -9.32 -2.66
C ILE A 22 3.49 -8.38 -2.21
N TYR A 23 3.83 -7.10 -2.01
CA TYR A 23 2.86 -6.11 -1.59
C TYR A 23 1.92 -5.75 -2.73
N THR A 24 2.50 -5.51 -3.91
CA THR A 24 1.71 -5.15 -5.08
C THR A 24 0.53 -6.09 -5.26
N ASP A 25 0.82 -7.38 -5.34
CA ASP A 25 -0.22 -8.40 -5.51
C ASP A 25 -1.15 -8.42 -4.31
N TRP A 26 -0.61 -8.14 -3.13
CA TRP A 26 -1.39 -8.13 -1.90
C TRP A 26 -2.50 -7.09 -1.98
N ALA A 27 -2.15 -5.88 -2.40
CA ALA A 27 -3.11 -4.80 -2.51
C ALA A 27 -4.08 -5.04 -3.66
N ASN A 28 -3.55 -5.48 -4.79
CA ASN A 28 -4.38 -5.76 -5.97
C ASN A 28 -5.61 -6.57 -5.58
N HIS A 29 -5.39 -7.68 -4.88
CA HIS A 29 -6.50 -8.53 -4.46
C HIS A 29 -7.68 -7.70 -3.97
N TYR A 30 -7.39 -6.67 -3.19
CA TYR A 30 -8.42 -5.80 -2.65
C TYR A 30 -9.11 -5.02 -3.77
N LEU A 31 -8.30 -4.47 -4.67
CA LEU A 31 -8.82 -3.69 -5.79
C LEU A 31 -9.69 -4.56 -6.70
N ALA A 32 -9.27 -5.80 -6.90
CA ALA A 32 -10.03 -6.73 -7.74
C ALA A 32 -11.32 -7.15 -7.06
N LYS A 33 -11.20 -7.63 -5.83
CA LYS A 33 -12.36 -8.09 -5.06
C LYS A 33 -13.36 -6.95 -4.87
N SER A 34 -12.85 -5.72 -4.80
CA SER A 34 -13.69 -4.55 -4.62
C SER A 34 -14.31 -4.11 -5.94
N GLY A 35 -13.87 -4.74 -7.03
CA GLY A 35 -14.40 -4.40 -8.34
C GLY A 35 -13.72 -3.18 -8.93
N HIS A 36 -12.42 -3.28 -9.18
CA HIS A 36 -11.66 -2.17 -9.74
C HIS A 36 -11.10 -2.55 -11.11
N LYS A 37 -10.82 -1.53 -11.93
CA LYS A 37 -10.28 -1.76 -13.26
C LYS A 37 -8.76 -1.68 -13.25
N ARG A 38 -8.23 -0.47 -13.11
CA ARG A 38 -6.79 -0.25 -13.08
C ARG A 38 -6.16 -0.95 -11.87
N LEU A 39 -5.08 -1.70 -12.11
CA LEU A 39 -4.40 -2.42 -11.05
C LEU A 39 -3.14 -1.66 -10.61
N ILE A 40 -2.38 -2.28 -9.71
CA ILE A 40 -1.15 -1.67 -9.21
C ILE A 40 0.06 -2.18 -9.96
N ARG A 41 0.58 -1.37 -10.88
CA ARG A 41 1.75 -1.74 -11.68
C ARG A 41 3.02 -1.54 -10.87
N ASP A 42 3.32 -0.29 -10.53
CA ASP A 42 4.52 0.04 -9.77
C ASP A 42 4.15 0.60 -8.40
N LEU A 43 4.19 -0.26 -7.39
CA LEU A 43 3.86 0.14 -6.03
C LEU A 43 4.50 1.49 -5.70
N GLN A 44 5.67 1.74 -6.27
CA GLN A 44 6.39 2.98 -6.04
C GLN A 44 5.66 4.16 -6.69
N GLN A 45 5.13 3.94 -7.89
CA GLN A 45 4.42 4.99 -8.61
C GLN A 45 2.96 5.05 -8.17
N ASP A 46 2.27 3.92 -8.29
CA ASP A 46 0.87 3.84 -7.91
C ASP A 46 0.63 4.57 -6.59
N VAL A 47 1.67 4.71 -5.79
CA VAL A 47 1.57 5.38 -4.50
C VAL A 47 2.28 6.73 -4.54
N THR A 48 2.13 7.44 -5.65
CA THR A 48 2.75 8.75 -5.81
C THR A 48 1.74 9.88 -5.54
N ASP A 49 0.47 9.59 -5.77
CA ASP A 49 -0.59 10.57 -5.56
C ASP A 49 -1.42 10.21 -4.34
N GLY A 50 -1.31 8.96 -3.88
CA GLY A 50 -2.05 8.52 -2.73
C GLY A 50 -3.45 8.02 -3.09
N VAL A 51 -3.95 8.45 -4.24
CA VAL A 51 -5.28 8.06 -4.70
C VAL A 51 -5.42 6.54 -4.73
N LEU A 52 -4.72 5.90 -5.67
CA LEU A 52 -4.76 4.46 -5.81
C LEU A 52 -4.40 3.77 -4.49
N LEU A 53 -3.44 4.35 -3.78
CA LEU A 53 -3.00 3.80 -2.51
C LEU A 53 -4.17 3.66 -1.55
N ALA A 54 -4.97 4.71 -1.43
CA ALA A 54 -6.13 4.70 -0.55
C ALA A 54 -7.19 3.71 -1.04
N GLN A 55 -7.38 3.67 -2.36
CA GLN A 55 -8.36 2.77 -2.95
C GLN A 55 -8.34 1.41 -2.27
N ILE A 56 -7.17 1.01 -1.77
CA ILE A 56 -7.02 -0.27 -1.10
C ILE A 56 -7.23 -0.12 0.41
N ILE A 57 -6.43 0.73 1.04
CA ILE A 57 -6.54 0.96 2.47
C ILE A 57 -7.99 0.99 2.92
N GLN A 58 -8.80 1.79 2.23
CA GLN A 58 -10.21 1.91 2.56
C GLN A 58 -10.92 0.57 2.42
N VAL A 59 -10.47 -0.23 1.45
CA VAL A 59 -11.06 -1.55 1.21
C VAL A 59 -10.63 -2.55 2.27
N VAL A 60 -9.33 -2.74 2.40
CA VAL A 60 -8.78 -3.67 3.38
C VAL A 60 -9.20 -3.28 4.80
N ALA A 61 -9.48 -2.00 5.00
CA ALA A 61 -9.89 -1.50 6.30
C ALA A 61 -11.41 -1.35 6.37
N ASN A 62 -12.05 -1.32 5.21
CA ASN A 62 -13.50 -1.18 5.15
C ASN A 62 -13.94 0.18 5.68
N GLU A 63 -13.09 1.19 5.51
CA GLU A 63 -13.39 2.54 5.97
C GLU A 63 -13.07 3.57 4.89
N LYS A 64 -13.68 4.75 5.01
CA LYS A 64 -13.46 5.82 4.05
C LYS A 64 -12.62 6.93 4.65
N ILE A 65 -11.67 7.44 3.86
CA ILE A 65 -10.79 8.51 4.32
C ILE A 65 -11.25 9.87 3.80
N GLU A 66 -11.91 10.64 4.67
CA GLU A 66 -12.41 11.95 4.29
C GLU A 66 -11.26 12.95 4.13
N ASP A 67 -10.06 12.53 4.53
CA ASP A 67 -8.88 13.37 4.43
C ASP A 67 -8.13 13.09 3.14
N ILE A 68 -8.86 12.79 2.08
CA ILE A 68 -8.25 12.50 0.78
C ILE A 68 -8.64 13.55 -0.24
N ASN A 69 -7.64 14.21 -0.82
CA ASN A 69 -7.88 15.24 -1.82
C ASN A 69 -8.73 14.70 -2.98
N GLY A 70 -8.29 13.58 -3.55
CA GLY A 70 -9.02 12.98 -4.65
C GLY A 70 -8.40 13.29 -5.99
N CYS A 71 -8.17 14.56 -6.26
CA CYS A 71 -7.56 14.99 -7.52
C CYS A 71 -6.44 15.98 -7.29
N PRO A 72 -5.25 15.47 -6.94
CA PRO A 72 -4.08 16.31 -6.67
C PRO A 72 -3.54 16.97 -7.94
N LYS A 73 -3.45 18.28 -7.93
CA LYS A 73 -2.95 19.03 -9.08
C LYS A 73 -1.61 19.67 -8.77
N ASN A 74 -1.46 20.16 -7.53
CA ASN A 74 -0.21 20.78 -7.11
C ASN A 74 0.83 19.75 -6.75
N ARG A 75 2.08 20.19 -6.61
CA ARG A 75 3.17 19.28 -6.27
C ARG A 75 3.09 18.86 -4.81
N SER A 76 2.61 19.76 -3.96
CA SER A 76 2.48 19.48 -2.54
C SER A 76 1.15 18.81 -2.23
N GLN A 77 0.14 19.12 -3.05
CA GLN A 77 -1.19 18.54 -2.87
C GLN A 77 -1.11 17.02 -2.68
N MET A 78 -0.21 16.39 -3.43
CA MET A 78 -0.05 14.94 -3.34
C MET A 78 0.39 14.54 -1.94
N ILE A 79 1.33 15.29 -1.37
CA ILE A 79 1.83 15.01 -0.03
C ILE A 79 0.68 14.69 0.93
N GLU A 80 -0.24 15.65 1.07
CA GLU A 80 -1.38 15.47 1.96
C GLU A 80 -1.98 14.08 1.80
N ASN A 81 -2.44 13.76 0.59
CA ASN A 81 -3.04 12.47 0.31
C ASN A 81 -2.33 11.36 1.09
N ILE A 82 -1.12 11.03 0.67
CA ILE A 82 -0.34 10.00 1.33
C ILE A 82 -0.32 10.20 2.85
N ASP A 83 -0.24 11.46 3.26
CA ASP A 83 -0.21 11.79 4.69
C ASP A 83 -1.45 11.25 5.39
N ALA A 84 -2.62 11.53 4.82
CA ALA A 84 -3.88 11.07 5.39
C ALA A 84 -3.86 9.57 5.64
N CYS A 85 -3.26 8.84 4.71
CA CYS A 85 -3.17 7.39 4.82
C CYS A 85 -2.30 6.98 6.01
N LEU A 86 -1.23 7.74 6.22
CA LEU A 86 -0.30 7.47 7.32
C LEU A 86 -0.98 7.72 8.67
N ASN A 87 -1.71 8.83 8.76
CA ASN A 87 -2.40 9.19 9.99
C ASN A 87 -3.64 8.32 10.20
N PHE A 88 -4.28 7.94 9.10
CA PHE A 88 -5.48 7.11 9.16
C PHE A 88 -5.13 5.70 9.65
N LEU A 89 -3.92 5.25 9.33
CA LEU A 89 -3.48 3.93 9.73
C LEU A 89 -3.03 3.92 11.19
N ALA A 90 -2.25 4.93 11.57
CA ALA A 90 -1.76 5.04 12.94
C ALA A 90 -2.91 4.98 13.94
N ALA A 91 -4.00 5.67 13.63
CA ALA A 91 -5.16 5.70 14.50
C ALA A 91 -5.74 4.30 14.69
N LYS A 92 -5.41 3.40 13.77
CA LYS A 92 -5.89 2.03 13.82
C LYS A 92 -4.96 1.15 14.67
N GLY A 93 -3.76 1.67 14.92
CA GLY A 93 -2.79 0.92 15.72
C GLY A 93 -1.61 0.46 14.91
N ILE A 94 -1.21 1.24 13.91
CA ILE A 94 -0.09 0.91 13.06
C ILE A 94 1.04 1.93 13.20
N ASN A 95 2.23 1.44 13.53
CA ASN A 95 3.39 2.31 13.69
C ASN A 95 3.81 2.93 12.36
N ILE A 96 3.69 4.25 12.25
CA ILE A 96 4.06 4.94 11.02
C ILE A 96 5.34 5.74 11.21
N GLN A 97 5.66 6.05 12.46
CA GLN A 97 6.86 6.80 12.78
C GLN A 97 8.04 6.35 11.92
N GLY A 98 8.69 7.31 11.26
CA GLY A 98 9.82 6.99 10.41
C GLY A 98 9.52 7.23 8.94
N LEU A 99 8.29 6.92 8.53
CA LEU A 99 7.88 7.10 7.14
C LEU A 99 7.82 8.58 6.78
N SER A 100 7.99 8.87 5.49
CA SER A 100 7.96 10.25 5.01
C SER A 100 7.09 10.37 3.76
N ALA A 101 5.92 10.98 3.91
CA ALA A 101 5.01 11.16 2.77
C ALA A 101 5.76 11.61 1.53
N GLU A 102 6.76 12.48 1.72
CA GLU A 102 7.55 12.98 0.61
C GLU A 102 8.26 11.85 -0.11
N GLU A 103 9.01 11.04 0.65
CA GLU A 103 9.75 9.93 0.09
C GLU A 103 8.83 9.03 -0.74
N ILE A 104 7.66 8.73 -0.20
CA ILE A 104 6.69 7.89 -0.88
C ILE A 104 6.30 8.48 -2.23
N ARG A 105 6.00 9.78 -2.24
CA ARG A 105 5.61 10.47 -3.46
C ARG A 105 6.70 10.35 -4.52
N ASN A 106 7.96 10.37 -4.09
CA ASN A 106 9.09 10.26 -4.99
C ASN A 106 9.22 8.84 -5.54
N GLY A 107 8.66 7.88 -4.80
CA GLY A 107 8.73 6.49 -5.22
C GLY A 107 9.92 5.76 -4.64
N ASN A 108 10.25 6.09 -3.39
CA ASN A 108 11.37 5.45 -2.70
C ASN A 108 10.96 4.10 -2.15
N LEU A 109 11.37 3.03 -2.84
CA LEU A 109 11.06 1.67 -2.41
C LEU A 109 11.12 1.55 -0.89
N LYS A 110 12.27 1.92 -0.32
CA LYS A 110 12.47 1.85 1.12
C LYS A 110 11.26 2.42 1.86
N ALA A 111 10.72 3.52 1.34
CA ALA A 111 9.56 4.16 1.95
C ALA A 111 8.31 3.31 1.76
N ILE A 112 7.90 3.13 0.52
CA ILE A 112 6.71 2.34 0.20
C ILE A 112 6.72 1.03 0.97
N LEU A 113 7.72 0.20 0.72
CA LEU A 113 7.84 -1.09 1.39
C LEU A 113 7.57 -0.96 2.89
N GLY A 114 8.15 0.06 3.50
CA GLY A 114 7.96 0.29 4.92
C GLY A 114 6.50 0.48 5.29
N LEU A 115 5.74 1.07 4.37
CA LEU A 115 4.32 1.32 4.61
C LEU A 115 3.53 0.01 4.52
N PHE A 116 3.61 -0.65 3.36
CA PHE A 116 2.90 -1.90 3.15
C PHE A 116 3.40 -2.98 4.11
N PHE A 117 4.61 -2.78 4.63
CA PHE A 117 5.21 -3.74 5.55
C PHE A 117 4.48 -3.73 6.90
N SER A 118 4.00 -2.55 7.29
CA SER A 118 3.28 -2.39 8.55
C SER A 118 1.79 -2.55 8.35
N LEU A 119 1.26 -1.92 7.30
CA LEU A 119 -0.16 -1.98 7.00
C LEU A 119 -0.66 -3.42 7.03
N SER A 120 -0.06 -4.27 6.22
CA SER A 120 -0.44 -5.68 6.15
C SER A 120 -0.68 -6.24 7.55
N ARG A 121 0.23 -5.94 8.47
CA ARG A 121 0.12 -6.41 9.84
C ARG A 121 -1.28 -6.17 10.39
N TYR A 122 -1.76 -4.94 10.25
CA TYR A 122 -3.08 -4.59 10.73
C TYR A 122 -4.12 -5.62 10.30
N LYS A 123 -4.14 -5.91 9.01
CA LYS A 123 -5.09 -6.88 8.46
C LYS A 123 -4.82 -8.28 9.03
N GLN A 124 -3.56 -8.69 9.00
CA GLN A 124 -3.18 -10.00 9.51
C GLN A 124 -3.49 -10.12 11.00
N GLN A 125 -3.71 -11.34 11.47
CA GLN A 125 -4.02 -11.59 12.87
C GLN A 125 -5.12 -10.65 13.36
N GLN A 126 -6.20 -10.56 12.58
CA GLN A 126 -7.33 -9.70 12.93
C GLN A 126 -8.24 -10.39 13.94
N GLN A 127 -7.66 -10.91 15.00
CA GLN A 127 -8.42 -11.60 16.04
C GLN A 127 -8.76 -10.66 17.18
N GLN A 128 -7.80 -9.79 17.53
CA GLN A 128 -8.00 -8.84 18.61
C GLN A 128 -7.46 -7.46 18.23
N PRO A 129 -8.06 -6.41 18.80
CA PRO A 129 -7.66 -5.02 18.53
C PRO A 129 -6.29 -4.69 19.13
N GLY A 1 -7.73 -17.27 -18.41
CA GLY A 1 -6.96 -18.45 -18.07
C GLY A 1 -5.66 -18.10 -17.37
N SER A 2 -4.92 -19.13 -16.95
CA SER A 2 -3.65 -18.94 -16.26
C SER A 2 -2.57 -19.81 -16.88
N SER A 3 -1.52 -19.17 -17.39
CA SER A 3 -0.41 -19.89 -18.01
C SER A 3 -0.07 -21.14 -17.21
N GLY A 4 0.06 -20.99 -15.90
CA GLY A 4 0.39 -22.12 -15.05
C GLY A 4 1.77 -22.00 -14.44
N SER A 5 2.05 -22.85 -13.45
CA SER A 5 3.35 -22.84 -12.78
C SER A 5 3.56 -24.12 -11.98
N SER A 6 4.81 -24.58 -11.92
CA SER A 6 5.15 -25.80 -11.20
C SER A 6 4.78 -25.68 -9.73
N GLY A 7 5.32 -24.65 -9.07
CA GLY A 7 5.04 -24.44 -7.67
C GLY A 7 6.23 -24.77 -6.78
N LYS A 8 7.16 -23.84 -6.67
CA LYS A 8 8.34 -24.05 -5.84
C LYS A 8 8.07 -23.68 -4.38
N ARG A 9 7.93 -24.70 -3.55
CA ARG A 9 7.66 -24.49 -2.12
C ARG A 9 8.96 -24.44 -1.33
N LYS A 10 10.06 -24.17 -2.02
CA LYS A 10 11.37 -24.09 -1.38
C LYS A 10 11.56 -22.75 -0.68
N PRO A 11 12.23 -22.78 0.48
CA PRO A 11 12.49 -21.57 1.27
C PRO A 11 13.49 -20.64 0.59
N VAL A 12 13.05 -19.42 0.29
CA VAL A 12 13.91 -18.44 -0.37
C VAL A 12 13.68 -17.04 0.21
N ILE A 13 14.69 -16.19 0.09
CA ILE A 13 14.59 -14.83 0.60
C ILE A 13 13.92 -13.90 -0.42
N HIS A 14 13.30 -12.84 0.08
CA HIS A 14 12.63 -11.88 -0.79
C HIS A 14 13.24 -10.49 -0.65
N GLY A 15 14.32 -10.26 -1.38
CA GLY A 15 15.00 -8.97 -1.33
C GLY A 15 14.04 -7.81 -1.48
N LEU A 16 14.49 -6.61 -1.14
CA LEU A 16 13.66 -5.42 -1.24
C LEU A 16 12.88 -5.41 -2.55
N GLU A 17 13.57 -5.69 -3.64
CA GLU A 17 12.95 -5.72 -4.96
C GLU A 17 11.88 -6.80 -5.03
N ASP A 18 12.10 -7.90 -4.31
CA ASP A 18 11.15 -9.01 -4.30
C ASP A 18 9.92 -8.66 -3.47
N GLN A 19 10.12 -7.87 -2.41
CA GLN A 19 9.03 -7.47 -1.55
C GLN A 19 8.02 -6.61 -2.30
N LYS A 20 8.52 -5.60 -3.00
CA LYS A 20 7.66 -4.71 -3.77
C LYS A 20 6.51 -5.47 -4.42
N ARG A 21 6.84 -6.59 -5.06
CA ARG A 21 5.84 -7.41 -5.72
C ARG A 21 4.90 -8.05 -4.70
N ILE A 22 5.47 -8.83 -3.78
CA ILE A 22 4.68 -9.49 -2.74
C ILE A 22 3.59 -8.57 -2.21
N TYR A 23 3.95 -7.33 -1.93
CA TYR A 23 3.01 -6.34 -1.42
C TYR A 23 1.99 -5.95 -2.49
N THR A 24 2.46 -5.87 -3.73
CA THR A 24 1.60 -5.49 -4.84
C THR A 24 0.41 -6.44 -4.95
N ASP A 25 0.68 -7.70 -5.28
CA ASP A 25 -0.38 -8.69 -5.42
C ASP A 25 -1.31 -8.66 -4.21
N TRP A 26 -0.76 -8.35 -3.04
CA TRP A 26 -1.54 -8.29 -1.81
C TRP A 26 -2.56 -7.16 -1.87
N ALA A 27 -2.09 -5.96 -2.20
CA ALA A 27 -2.96 -4.80 -2.30
C ALA A 27 -3.92 -4.93 -3.48
N ASN A 28 -3.37 -5.20 -4.65
CA ASN A 28 -4.18 -5.35 -5.86
C ASN A 28 -5.38 -6.24 -5.61
N HIS A 29 -5.17 -7.31 -4.85
CA HIS A 29 -6.24 -8.25 -4.52
C HIS A 29 -7.46 -7.51 -3.97
N TYR A 30 -7.21 -6.47 -3.19
CA TYR A 30 -8.27 -5.68 -2.60
C TYR A 30 -8.97 -4.81 -3.65
N LEU A 31 -8.28 -4.60 -4.76
CA LEU A 31 -8.83 -3.80 -5.85
C LEU A 31 -9.72 -4.63 -6.76
N ALA A 32 -9.27 -5.84 -7.06
CA ALA A 32 -10.03 -6.75 -7.91
C ALA A 32 -11.26 -7.29 -7.18
N LYS A 33 -11.17 -7.38 -5.86
CA LYS A 33 -12.27 -7.87 -5.04
C LYS A 33 -13.40 -6.84 -4.96
N SER A 34 -13.01 -5.57 -4.82
CA SER A 34 -13.98 -4.49 -4.73
C SER A 34 -14.48 -4.07 -6.10
N GLY A 35 -14.17 -4.89 -7.11
CA GLY A 35 -14.59 -4.59 -8.47
C GLY A 35 -13.99 -3.29 -8.98
N HIS A 36 -12.68 -3.17 -8.90
CA HIS A 36 -11.99 -1.98 -9.35
C HIS A 36 -11.51 -2.14 -10.80
N LYS A 37 -11.76 -1.12 -11.62
CA LYS A 37 -11.36 -1.15 -13.01
C LYS A 37 -9.92 -0.65 -13.19
N ARG A 38 -9.02 -1.23 -12.40
CA ARG A 38 -7.61 -0.84 -12.47
C ARG A 38 -6.77 -1.71 -11.55
N LEU A 39 -5.46 -1.70 -11.77
CA LEU A 39 -4.54 -2.50 -10.96
C LEU A 39 -3.29 -1.69 -10.60
N ILE A 40 -2.36 -2.33 -9.90
CA ILE A 40 -1.12 -1.68 -9.49
C ILE A 40 0.04 -2.14 -10.35
N ARG A 41 0.57 -1.23 -11.17
CA ARG A 41 1.69 -1.55 -12.05
C ARG A 41 3.01 -1.35 -11.32
N ASP A 42 3.27 -0.12 -10.89
CA ASP A 42 4.50 0.21 -10.18
C ASP A 42 4.21 0.62 -8.75
N LEU A 43 4.54 -0.25 -7.80
CA LEU A 43 4.31 0.03 -6.39
C LEU A 43 4.96 1.34 -5.98
N GLN A 44 6.15 1.60 -6.51
CA GLN A 44 6.88 2.83 -6.20
C GLN A 44 6.29 4.02 -6.95
N GLN A 45 5.27 3.74 -7.77
CA GLN A 45 4.63 4.79 -8.56
C GLN A 45 3.11 4.73 -8.39
N ASP A 46 2.64 3.75 -7.63
CA ASP A 46 1.21 3.59 -7.39
C ASP A 46 0.79 4.32 -6.12
N VAL A 47 1.77 4.67 -5.29
CA VAL A 47 1.48 5.38 -4.05
C VAL A 47 2.14 6.76 -4.03
N THR A 48 2.21 7.38 -5.21
CA THR A 48 2.81 8.70 -5.33
C THR A 48 1.76 9.80 -5.20
N ASP A 49 0.55 9.51 -5.66
CA ASP A 49 -0.55 10.48 -5.59
C ASP A 49 -1.43 10.20 -4.39
N GLY A 50 -1.22 9.05 -3.75
CA GLY A 50 -2.00 8.70 -2.58
C GLY A 50 -3.45 8.37 -2.93
N VAL A 51 -3.78 8.48 -4.22
CA VAL A 51 -5.13 8.20 -4.69
C VAL A 51 -5.40 6.70 -4.71
N LEU A 52 -4.74 6.00 -5.62
CA LEU A 52 -4.90 4.56 -5.76
C LEU A 52 -4.59 3.86 -4.44
N LEU A 53 -3.61 4.38 -3.71
CA LEU A 53 -3.22 3.81 -2.43
C LEU A 53 -4.43 3.63 -1.52
N ALA A 54 -5.11 4.74 -1.23
CA ALA A 54 -6.28 4.72 -0.37
C ALA A 54 -7.31 3.71 -0.87
N GLN A 55 -7.57 3.75 -2.17
CA GLN A 55 -8.54 2.82 -2.77
C GLN A 55 -8.38 1.42 -2.21
N ILE A 56 -7.17 1.09 -1.78
CA ILE A 56 -6.89 -0.22 -1.22
C ILE A 56 -7.07 -0.23 0.29
N ILE A 57 -6.49 0.77 0.96
CA ILE A 57 -6.60 0.87 2.41
C ILE A 57 -8.05 0.87 2.85
N GLN A 58 -8.84 1.80 2.32
CA GLN A 58 -10.25 1.90 2.66
C GLN A 58 -10.94 0.54 2.57
N VAL A 59 -10.44 -0.31 1.68
CA VAL A 59 -11.00 -1.64 1.49
C VAL A 59 -10.56 -2.58 2.61
N VAL A 60 -9.26 -2.87 2.66
CA VAL A 60 -8.71 -3.76 3.67
C VAL A 60 -9.09 -3.28 5.07
N ALA A 61 -9.33 -1.98 5.21
CA ALA A 61 -9.70 -1.40 6.50
C ALA A 61 -11.21 -1.23 6.60
N ASN A 62 -11.89 -1.30 5.46
CA ASN A 62 -13.35 -1.16 5.42
C ASN A 62 -13.77 0.22 5.95
N GLU A 63 -12.92 1.21 5.74
CA GLU A 63 -13.20 2.56 6.19
C GLU A 63 -13.00 3.57 5.06
N LYS A 64 -13.54 4.77 5.23
CA LYS A 64 -13.43 5.82 4.23
C LYS A 64 -12.58 6.97 4.75
N ILE A 65 -11.69 7.48 3.91
CA ILE A 65 -10.82 8.59 4.28
C ILE A 65 -11.31 9.90 3.66
N GLU A 66 -11.93 10.73 4.49
CA GLU A 66 -12.45 12.01 4.02
C GLU A 66 -11.31 13.02 3.85
N ASP A 67 -10.14 12.68 4.37
CA ASP A 67 -8.97 13.55 4.28
C ASP A 67 -8.15 13.22 3.03
N ILE A 68 -8.84 12.84 1.96
CA ILE A 68 -8.17 12.51 0.70
C ILE A 68 -8.53 13.50 -0.39
N ASN A 69 -7.51 14.08 -1.02
CA ASN A 69 -7.71 15.04 -2.09
C ASN A 69 -8.53 14.43 -3.22
N GLY A 70 -7.92 13.51 -3.96
CA GLY A 70 -8.60 12.87 -5.07
C GLY A 70 -8.03 13.24 -6.41
N CYS A 71 -7.80 14.54 -6.61
CA CYS A 71 -7.24 15.03 -7.87
C CYS A 71 -6.11 16.02 -7.61
N PRO A 72 -4.91 15.50 -7.34
CA PRO A 72 -3.73 16.33 -7.07
C PRO A 72 -3.23 17.06 -8.31
N LYS A 73 -2.81 18.30 -8.12
CA LYS A 73 -2.31 19.11 -9.23
C LYS A 73 -0.96 19.73 -8.89
N ASN A 74 -0.77 20.05 -7.61
CA ASN A 74 0.47 20.65 -7.15
C ASN A 74 1.45 19.59 -6.66
N ARG A 75 2.69 19.99 -6.42
CA ARG A 75 3.71 19.06 -5.95
C ARG A 75 3.46 18.67 -4.49
N SER A 76 2.84 19.57 -3.75
CA SER A 76 2.54 19.33 -2.34
C SER A 76 1.17 18.67 -2.18
N GLN A 77 0.20 19.13 -2.97
CA GLN A 77 -1.15 18.58 -2.91
C GLN A 77 -1.12 17.09 -2.65
N MET A 78 -0.19 16.40 -3.30
CA MET A 78 -0.07 14.95 -3.15
C MET A 78 0.29 14.60 -1.72
N ILE A 79 1.32 15.25 -1.17
CA ILE A 79 1.75 15.01 0.19
C ILE A 79 0.56 14.73 1.11
N GLU A 80 -0.39 15.67 1.13
CA GLU A 80 -1.57 15.53 1.96
C GLU A 80 -2.26 14.18 1.72
N ASN A 81 -2.39 13.81 0.45
CA ASN A 81 -3.02 12.55 0.10
C ASN A 81 -2.40 11.38 0.87
N ILE A 82 -1.11 11.15 0.62
CA ILE A 82 -0.39 10.07 1.30
C ILE A 82 -0.41 10.26 2.81
N ASP A 83 -0.28 11.51 3.25
CA ASP A 83 -0.28 11.83 4.67
C ASP A 83 -1.56 11.35 5.33
N ALA A 84 -2.70 11.66 4.73
CA ALA A 84 -3.99 11.25 5.25
C ALA A 84 -4.02 9.74 5.52
N CYS A 85 -3.47 8.97 4.60
CA CYS A 85 -3.43 7.52 4.75
C CYS A 85 -2.57 7.11 5.93
N LEU A 86 -1.45 7.79 6.10
CA LEU A 86 -0.53 7.49 7.21
C LEU A 86 -1.17 7.83 8.54
N ASN A 87 -1.79 9.01 8.62
CA ASN A 87 -2.44 9.45 9.85
C ASN A 87 -3.65 8.59 10.16
N PHE A 88 -4.34 8.15 9.12
CA PHE A 88 -5.53 7.32 9.28
C PHE A 88 -5.16 5.94 9.84
N LEU A 89 -4.08 5.38 9.31
CA LEU A 89 -3.62 4.06 9.74
C LEU A 89 -3.12 4.11 11.18
N ALA A 90 -2.41 5.18 11.52
CA ALA A 90 -1.89 5.36 12.88
C ALA A 90 -2.99 5.21 13.92
N ALA A 91 -4.17 5.77 13.63
CA ALA A 91 -5.30 5.70 14.54
C ALA A 91 -5.74 4.26 14.75
N LYS A 92 -5.20 3.36 13.94
CA LYS A 92 -5.54 1.94 14.03
C LYS A 92 -4.51 1.18 14.85
N GLY A 93 -3.38 1.83 15.11
CA GLY A 93 -2.32 1.20 15.89
C GLY A 93 -1.10 0.86 15.05
N ILE A 94 -0.96 1.54 13.92
CA ILE A 94 0.17 1.31 13.02
C ILE A 94 1.19 2.43 13.12
N ASN A 95 2.47 2.08 13.11
CA ASN A 95 3.54 3.07 13.19
C ASN A 95 3.77 3.73 11.84
N ILE A 96 3.63 5.05 11.81
CA ILE A 96 3.82 5.81 10.58
C ILE A 96 4.98 6.80 10.72
N GLN A 97 5.27 7.19 11.95
CA GLN A 97 6.36 8.13 12.23
C GLN A 97 7.57 7.83 11.36
N GLY A 98 7.99 6.57 11.35
CA GLY A 98 9.13 6.16 10.56
C GLY A 98 8.97 6.49 9.09
N LEU A 99 7.77 6.28 8.57
CA LEU A 99 7.48 6.56 7.17
C LEU A 99 7.56 8.05 6.88
N SER A 100 7.63 8.41 5.61
CA SER A 100 7.72 9.80 5.19
C SER A 100 6.88 10.05 3.94
N ALA A 101 5.75 10.72 4.12
CA ALA A 101 4.86 11.03 2.99
C ALA A 101 5.65 11.54 1.80
N GLU A 102 6.60 12.44 2.06
CA GLU A 102 7.43 13.02 1.01
C GLU A 102 8.18 11.93 0.25
N GLU A 103 8.91 11.10 1.00
CA GLU A 103 9.68 10.02 0.40
C GLU A 103 8.81 9.15 -0.49
N ILE A 104 7.67 8.71 0.06
CA ILE A 104 6.74 7.87 -0.68
C ILE A 104 6.38 8.49 -2.03
N ARG A 105 6.11 9.79 -2.02
CA ARG A 105 5.77 10.50 -3.23
C ARG A 105 6.86 10.36 -4.29
N ASN A 106 8.11 10.34 -3.84
CA ASN A 106 9.25 10.21 -4.74
C ASN A 106 9.35 8.77 -5.28
N GLY A 107 8.72 7.84 -4.58
CA GLY A 107 8.75 6.45 -4.99
C GLY A 107 9.85 5.66 -4.30
N ASN A 108 10.46 6.27 -3.29
CA ASN A 108 11.53 5.62 -2.55
C ASN A 108 11.09 4.25 -2.04
N LEU A 109 11.61 3.20 -2.65
CA LEU A 109 11.27 1.83 -2.27
C LEU A 109 11.30 1.67 -0.76
N LYS A 110 12.46 1.94 -0.16
CA LYS A 110 12.63 1.82 1.28
C LYS A 110 11.43 2.41 2.01
N ALA A 111 10.72 3.32 1.35
CA ALA A 111 9.54 3.96 1.93
C ALA A 111 8.28 3.13 1.67
N ILE A 112 7.95 2.96 0.39
CA ILE A 112 6.77 2.19 0.01
C ILE A 112 6.73 0.85 0.74
N LEU A 113 7.83 0.11 0.68
CA LEU A 113 7.91 -1.19 1.35
C LEU A 113 7.52 -1.08 2.81
N GLY A 114 8.12 -0.12 3.52
CA GLY A 114 7.80 0.08 4.92
C GLY A 114 6.32 0.27 5.16
N LEU A 115 5.63 0.87 4.20
CA LEU A 115 4.20 1.12 4.32
C LEU A 115 3.41 -0.18 4.19
N PHE A 116 3.56 -0.84 3.05
CA PHE A 116 2.86 -2.09 2.80
C PHE A 116 3.34 -3.19 3.76
N PHE A 117 4.52 -2.98 4.33
CA PHE A 117 5.09 -3.94 5.27
C PHE A 117 4.34 -3.92 6.59
N SER A 118 3.87 -2.75 6.99
CA SER A 118 3.14 -2.59 8.24
C SER A 118 1.64 -2.71 8.01
N LEU A 119 1.15 -2.01 6.99
CA LEU A 119 -0.27 -2.05 6.66
C LEU A 119 -0.80 -3.48 6.66
N SER A 120 -0.21 -4.33 5.84
CA SER A 120 -0.62 -5.72 5.74
C SER A 120 -0.82 -6.33 7.13
N ARG A 121 0.12 -6.04 8.03
CA ARG A 121 0.05 -6.56 9.39
C ARG A 121 -1.28 -6.19 10.04
N TYR A 122 -1.63 -4.92 9.97
CA TYR A 122 -2.88 -4.44 10.56
C TYR A 122 -4.05 -5.36 10.19
N LYS A 123 -3.91 -6.05 9.08
CA LYS A 123 -4.94 -6.97 8.61
C LYS A 123 -4.61 -8.40 9.01
N GLN A 124 -3.33 -8.77 8.93
CA GLN A 124 -2.89 -10.11 9.28
C GLN A 124 -3.30 -10.45 10.70
N GLN A 125 -3.67 -9.43 11.48
CA GLN A 125 -4.07 -9.63 12.87
C GLN A 125 -5.57 -9.41 13.03
N GLN A 126 -6.11 -8.44 12.30
CA GLN A 126 -7.53 -8.12 12.36
C GLN A 126 -8.37 -9.40 12.25
N GLN A 127 -8.09 -10.20 11.23
CA GLN A 127 -8.82 -11.45 11.00
C GLN A 127 -8.98 -12.22 12.31
N GLN A 128 -10.11 -12.91 12.44
CA GLN A 128 -10.38 -13.69 13.64
C GLN A 128 -10.49 -15.18 13.32
N PRO A 129 -9.80 -16.01 14.11
CA PRO A 129 -9.79 -17.46 13.92
C PRO A 129 -11.14 -18.09 14.26
N GLY A 1 -12.21 -22.56 -16.64
CA GLY A 1 -12.38 -22.53 -15.21
C GLY A 1 -11.32 -23.33 -14.47
N SER A 2 -11.13 -24.57 -14.90
CA SER A 2 -10.14 -25.44 -14.27
C SER A 2 -8.80 -24.74 -14.15
N SER A 3 -8.26 -24.30 -15.28
CA SER A 3 -6.97 -23.61 -15.30
C SER A 3 -6.95 -22.46 -14.30
N GLY A 4 -5.77 -21.91 -14.04
CA GLY A 4 -5.63 -20.82 -13.11
C GLY A 4 -4.19 -20.47 -12.83
N SER A 5 -3.96 -19.69 -11.77
CA SER A 5 -2.61 -19.28 -11.39
C SER A 5 -2.17 -19.99 -10.12
N SER A 6 -2.41 -21.30 -10.07
CA SER A 6 -2.04 -22.09 -8.90
C SER A 6 -0.59 -22.56 -8.99
N GLY A 7 0.05 -22.69 -7.83
CA GLY A 7 1.44 -23.12 -7.81
C GLY A 7 1.80 -23.81 -6.50
N LYS A 8 2.88 -23.35 -5.87
CA LYS A 8 3.34 -23.93 -4.62
C LYS A 8 4.27 -22.98 -3.89
N ARG A 9 4.64 -23.34 -2.67
CA ARG A 9 5.54 -22.51 -1.86
C ARG A 9 6.92 -23.15 -1.75
N LYS A 10 7.94 -22.44 -2.23
CA LYS A 10 9.30 -22.93 -2.18
C LYS A 10 10.21 -21.97 -1.43
N PRO A 11 11.32 -22.49 -0.90
CA PRO A 11 12.29 -21.69 -0.16
C PRO A 11 13.05 -20.71 -1.04
N VAL A 12 12.83 -19.42 -0.82
CA VAL A 12 13.49 -18.39 -1.61
C VAL A 12 13.40 -17.03 -0.91
N ILE A 13 14.36 -16.16 -1.20
CA ILE A 13 14.39 -14.83 -0.60
C ILE A 13 13.90 -13.79 -1.59
N HIS A 14 13.10 -12.83 -1.10
CA HIS A 14 12.58 -11.77 -1.95
C HIS A 14 13.11 -10.41 -1.51
N GLY A 15 14.34 -10.10 -1.92
CA GLY A 15 14.95 -8.84 -1.56
C GLY A 15 13.99 -7.67 -1.71
N LEU A 16 14.38 -6.52 -1.17
CA LEU A 16 13.55 -5.33 -1.24
C LEU A 16 12.86 -5.23 -2.60
N GLU A 17 13.65 -5.14 -3.67
CA GLU A 17 13.12 -5.04 -5.02
C GLU A 17 12.10 -6.15 -5.28
N ASP A 18 12.37 -7.34 -4.75
CA ASP A 18 11.48 -8.47 -4.92
C ASP A 18 10.19 -8.29 -4.13
N GLN A 19 10.31 -7.65 -2.96
CA GLN A 19 9.15 -7.42 -2.11
C GLN A 19 8.12 -6.54 -2.82
N LYS A 20 8.61 -5.50 -3.49
CA LYS A 20 7.72 -4.59 -4.22
C LYS A 20 6.68 -5.35 -5.01
N ARG A 21 6.98 -6.61 -5.32
CA ARG A 21 6.06 -7.45 -6.08
C ARG A 21 5.07 -8.15 -5.15
N ILE A 22 5.57 -8.70 -4.06
CA ILE A 22 4.72 -9.38 -3.09
C ILE A 22 3.61 -8.47 -2.58
N TYR A 23 3.98 -7.25 -2.22
CA TYR A 23 3.02 -6.28 -1.72
C TYR A 23 2.01 -5.89 -2.80
N THR A 24 2.47 -5.91 -4.06
CA THR A 24 1.62 -5.56 -5.18
C THR A 24 0.45 -6.54 -5.31
N ASP A 25 0.76 -7.83 -5.24
CA ASP A 25 -0.26 -8.86 -5.36
C ASP A 25 -1.23 -8.80 -4.18
N TRP A 26 -0.71 -8.47 -3.01
CA TRP A 26 -1.52 -8.38 -1.79
C TRP A 26 -2.66 -7.38 -1.99
N ALA A 27 -2.30 -6.13 -2.29
CA ALA A 27 -3.30 -5.09 -2.51
C ALA A 27 -4.22 -5.43 -3.68
N ASN A 28 -3.60 -5.83 -4.80
CA ASN A 28 -4.36 -6.19 -5.99
C ASN A 28 -5.65 -6.92 -5.62
N HIS A 29 -5.58 -7.74 -4.57
CA HIS A 29 -6.74 -8.50 -4.12
C HIS A 29 -7.86 -7.57 -3.67
N TYR A 30 -7.55 -6.71 -2.71
CA TYR A 30 -8.53 -5.76 -2.18
C TYR A 30 -9.15 -4.93 -3.30
N LEU A 31 -8.34 -4.66 -4.33
CA LEU A 31 -8.82 -3.88 -5.48
C LEU A 31 -9.79 -4.69 -6.33
N ALA A 32 -9.36 -5.87 -6.74
CA ALA A 32 -10.20 -6.74 -7.56
C ALA A 32 -11.52 -7.05 -6.86
N LYS A 33 -11.42 -7.57 -5.63
CA LYS A 33 -12.61 -7.90 -4.85
C LYS A 33 -13.59 -6.73 -4.81
N SER A 34 -13.04 -5.51 -4.77
CA SER A 34 -13.86 -4.31 -4.71
C SER A 34 -14.48 -4.02 -6.07
N GLY A 35 -13.87 -4.56 -7.13
CA GLY A 35 -14.37 -4.34 -8.47
C GLY A 35 -13.37 -3.63 -9.36
N HIS A 36 -12.53 -2.79 -8.76
CA HIS A 36 -11.52 -2.05 -9.50
C HIS A 36 -10.98 -2.89 -10.65
N LYS A 37 -10.97 -2.30 -11.85
CA LYS A 37 -10.48 -2.98 -13.03
C LYS A 37 -8.97 -2.81 -13.18
N ARG A 38 -8.46 -1.69 -12.67
CA ARG A 38 -7.04 -1.39 -12.75
C ARG A 38 -6.28 -2.03 -11.58
N LEU A 39 -4.99 -2.27 -11.78
CA LEU A 39 -4.16 -2.88 -10.74
C LEU A 39 -2.94 -2.02 -10.45
N ILE A 40 -2.06 -2.51 -9.59
CA ILE A 40 -0.85 -1.80 -9.23
C ILE A 40 0.34 -2.28 -10.05
N ARG A 41 0.86 -1.40 -10.91
CA ARG A 41 2.00 -1.75 -11.76
C ARG A 41 3.31 -1.43 -11.05
N ASP A 42 3.51 -0.16 -10.71
CA ASP A 42 4.72 0.27 -10.04
C ASP A 42 4.41 0.77 -8.63
N LEU A 43 4.65 -0.09 -7.64
CA LEU A 43 4.39 0.25 -6.24
C LEU A 43 5.02 1.60 -5.90
N GLN A 44 6.21 1.86 -6.44
CA GLN A 44 6.91 3.11 -6.18
C GLN A 44 6.26 4.27 -6.92
N GLN A 45 5.51 3.94 -7.97
CA GLN A 45 4.82 4.96 -8.76
C GLN A 45 3.32 4.82 -8.63
N ASP A 46 2.88 3.98 -7.70
CA ASP A 46 1.45 3.76 -7.47
C ASP A 46 0.98 4.51 -6.23
N VAL A 47 1.87 4.61 -5.24
CA VAL A 47 1.54 5.30 -3.99
C VAL A 47 2.14 6.71 -3.97
N THR A 48 2.30 7.29 -5.16
CA THR A 48 2.86 8.63 -5.27
C THR A 48 1.78 9.70 -5.14
N ASP A 49 0.59 9.39 -5.67
CA ASP A 49 -0.52 10.33 -5.61
C ASP A 49 -1.36 10.11 -4.35
N GLY A 50 -1.18 8.94 -3.74
CA GLY A 50 -1.93 8.63 -2.53
C GLY A 50 -3.35 8.20 -2.81
N VAL A 51 -3.80 8.44 -4.04
CA VAL A 51 -5.15 8.07 -4.43
C VAL A 51 -5.31 6.55 -4.50
N LEU A 52 -4.68 5.94 -5.49
CA LEU A 52 -4.75 4.49 -5.66
C LEU A 52 -4.41 3.77 -4.36
N LEU A 53 -3.56 4.38 -3.55
CA LEU A 53 -3.16 3.80 -2.28
C LEU A 53 -4.37 3.62 -1.35
N ALA A 54 -5.15 4.69 -1.20
CA ALA A 54 -6.34 4.64 -0.35
C ALA A 54 -7.34 3.63 -0.87
N GLN A 55 -7.60 3.66 -2.18
CA GLN A 55 -8.54 2.73 -2.79
C GLN A 55 -8.44 1.35 -2.16
N ILE A 56 -7.24 0.99 -1.71
CA ILE A 56 -7.02 -0.30 -1.09
C ILE A 56 -7.27 -0.24 0.42
N ILE A 57 -6.57 0.66 1.09
CA ILE A 57 -6.72 0.83 2.53
C ILE A 57 -8.19 0.78 2.93
N GLN A 58 -8.96 1.76 2.46
CA GLN A 58 -10.38 1.83 2.77
C GLN A 58 -11.01 0.45 2.77
N VAL A 59 -10.64 -0.37 1.79
CA VAL A 59 -11.16 -1.72 1.68
C VAL A 59 -10.64 -2.61 2.81
N VAL A 60 -9.34 -2.88 2.78
CA VAL A 60 -8.71 -3.71 3.79
C VAL A 60 -9.10 -3.25 5.19
N ALA A 61 -9.49 -2.00 5.31
CA ALA A 61 -9.88 -1.43 6.60
C ALA A 61 -11.40 -1.35 6.71
N ASN A 62 -12.09 -1.34 5.58
CA ASN A 62 -13.55 -1.27 5.56
C ASN A 62 -14.02 0.10 6.04
N GLU A 63 -13.32 1.15 5.62
CA GLU A 63 -13.69 2.50 6.01
C GLU A 63 -13.29 3.50 4.93
N LYS A 64 -13.90 4.67 4.96
CA LYS A 64 -13.61 5.72 3.98
C LYS A 64 -12.84 6.87 4.62
N ILE A 65 -11.84 7.38 3.91
CA ILE A 65 -11.04 8.49 4.41
C ILE A 65 -11.57 9.83 3.92
N GLU A 66 -12.05 10.64 4.86
CA GLU A 66 -12.59 11.96 4.52
C GLU A 66 -11.47 13.00 4.41
N ASP A 67 -10.24 12.56 4.63
CA ASP A 67 -9.08 13.45 4.55
C ASP A 67 -8.26 13.16 3.31
N ILE A 68 -8.94 12.86 2.20
CA ILE A 68 -8.27 12.56 0.95
C ILE A 68 -8.57 13.63 -0.11
N ASN A 69 -7.53 14.25 -0.64
CA ASN A 69 -7.70 15.29 -1.65
C ASN A 69 -8.52 14.77 -2.83
N GLY A 70 -8.04 13.72 -3.46
CA GLY A 70 -8.75 13.14 -4.60
C GLY A 70 -8.11 13.51 -5.92
N CYS A 71 -7.93 14.80 -6.16
CA CYS A 71 -7.32 15.26 -7.40
C CYS A 71 -6.10 16.13 -7.12
N PRO A 72 -4.98 15.49 -6.77
CA PRO A 72 -3.73 16.19 -6.46
C PRO A 72 -3.10 16.82 -7.70
N LYS A 73 -3.32 18.12 -7.88
CA LYS A 73 -2.77 18.84 -9.02
C LYS A 73 -1.41 19.45 -8.68
N ASN A 74 -1.36 20.19 -7.57
CA ASN A 74 -0.12 20.82 -7.14
C ASN A 74 0.93 19.77 -6.79
N ARG A 75 2.17 20.22 -6.62
CA ARG A 75 3.27 19.32 -6.28
C ARG A 75 3.19 18.89 -4.82
N SER A 76 2.76 19.80 -3.96
CA SER A 76 2.65 19.53 -2.54
C SER A 76 1.31 18.85 -2.22
N GLN A 77 0.28 19.20 -2.99
CA GLN A 77 -1.04 18.63 -2.80
C GLN A 77 -0.97 17.10 -2.66
N MET A 78 -0.12 16.49 -3.47
CA MET A 78 0.06 15.03 -3.44
C MET A 78 0.50 14.57 -2.05
N ILE A 79 1.44 15.30 -1.46
CA ILE A 79 1.94 14.97 -0.14
C ILE A 79 0.80 14.69 0.84
N GLU A 80 -0.12 15.64 0.94
CA GLU A 80 -1.27 15.50 1.83
C GLU A 80 -1.92 14.13 1.67
N ASN A 81 -2.24 13.77 0.43
CA ASN A 81 -2.87 12.49 0.15
C ASN A 81 -2.22 11.37 0.97
N ILE A 82 -1.01 11.00 0.60
CA ILE A 82 -0.28 9.94 1.31
C ILE A 82 -0.30 10.19 2.82
N ASP A 83 -0.13 11.44 3.22
CA ASP A 83 -0.14 11.81 4.62
C ASP A 83 -1.43 11.36 5.30
N ALA A 84 -2.56 11.62 4.65
CA ALA A 84 -3.86 11.24 5.18
C ALA A 84 -3.88 9.77 5.58
N CYS A 85 -3.46 8.90 4.67
CA CYS A 85 -3.44 7.46 4.93
C CYS A 85 -2.60 7.15 6.15
N LEU A 86 -1.45 7.80 6.26
CA LEU A 86 -0.54 7.60 7.39
C LEU A 86 -1.23 7.93 8.71
N ASN A 87 -1.96 9.04 8.72
CA ASN A 87 -2.66 9.48 9.93
C ASN A 87 -3.85 8.56 10.21
N PHE A 88 -4.55 8.16 9.15
CA PHE A 88 -5.71 7.29 9.29
C PHE A 88 -5.29 5.91 9.79
N LEU A 89 -4.20 5.39 9.26
CA LEU A 89 -3.70 4.08 9.66
C LEU A 89 -3.17 4.11 11.08
N ALA A 90 -2.48 5.19 11.43
CA ALA A 90 -1.93 5.35 12.78
C ALA A 90 -3.02 5.19 13.83
N ALA A 91 -4.18 5.76 13.57
CA ALA A 91 -5.30 5.69 14.51
C ALA A 91 -5.73 4.24 14.72
N LYS A 92 -5.39 3.37 13.78
CA LYS A 92 -5.74 1.96 13.87
C LYS A 92 -4.66 1.19 14.63
N GLY A 93 -3.51 1.82 14.83
CA GLY A 93 -2.43 1.17 15.55
C GLY A 93 -1.28 0.79 14.64
N ILE A 94 -1.09 1.55 13.56
CA ILE A 94 -0.03 1.28 12.61
C ILE A 94 1.04 2.38 12.67
N ASN A 95 2.27 1.99 12.93
CA ASN A 95 3.38 2.93 13.00
C ASN A 95 3.56 3.66 11.66
N ILE A 96 3.70 4.97 11.72
CA ILE A 96 3.88 5.78 10.52
C ILE A 96 5.09 6.70 10.66
N GLN A 97 5.39 7.10 11.90
CA GLN A 97 6.52 7.98 12.17
C GLN A 97 7.67 7.70 11.20
N GLY A 98 8.06 6.43 11.12
CA GLY A 98 9.15 6.04 10.25
C GLY A 98 8.89 6.43 8.80
N LEU A 99 7.67 6.15 8.33
CA LEU A 99 7.30 6.47 6.96
C LEU A 99 7.31 7.98 6.72
N SER A 100 7.67 8.37 5.49
CA SER A 100 7.73 9.78 5.13
C SER A 100 6.96 10.05 3.85
N ALA A 101 5.83 10.76 3.98
CA ALA A 101 5.00 11.08 2.83
C ALA A 101 5.85 11.55 1.66
N GLU A 102 6.73 12.50 1.91
CA GLU A 102 7.60 13.04 0.87
C GLU A 102 8.35 11.91 0.15
N GLU A 103 9.10 11.13 0.91
CA GLU A 103 9.87 10.02 0.35
C GLU A 103 8.96 9.10 -0.47
N ILE A 104 7.81 8.75 0.10
CA ILE A 104 6.86 7.88 -0.59
C ILE A 104 6.42 8.49 -1.92
N ARG A 105 6.17 9.79 -1.92
CA ARG A 105 5.74 10.49 -3.12
C ARG A 105 6.85 10.52 -4.17
N ASN A 106 8.09 10.40 -3.70
CA ASN A 106 9.25 10.40 -4.60
C ASN A 106 9.48 9.01 -5.18
N GLY A 107 8.98 7.99 -4.49
CA GLY A 107 9.15 6.63 -4.95
C GLY A 107 10.18 5.87 -4.15
N ASN A 108 10.64 6.48 -3.06
CA ASN A 108 11.64 5.84 -2.20
C ASN A 108 11.18 4.46 -1.75
N LEU A 109 11.69 3.43 -2.42
CA LEU A 109 11.33 2.06 -2.10
C LEU A 109 11.21 1.87 -0.58
N LYS A 110 12.30 2.15 0.12
CA LYS A 110 12.32 2.02 1.58
C LYS A 110 11.00 2.49 2.18
N ALA A 111 10.51 3.63 1.70
CA ALA A 111 9.25 4.19 2.20
C ALA A 111 8.07 3.29 1.83
N ILE A 112 7.89 3.07 0.54
CA ILE A 112 6.80 2.23 0.05
C ILE A 112 6.80 0.88 0.75
N LEU A 113 7.86 0.10 0.55
CA LEU A 113 7.98 -1.21 1.16
C LEU A 113 7.62 -1.15 2.65
N GLY A 114 8.20 -0.18 3.34
CA GLY A 114 7.93 -0.04 4.77
C GLY A 114 6.46 0.14 5.07
N LEU A 115 5.75 0.82 4.17
CA LEU A 115 4.32 1.05 4.34
C LEU A 115 3.54 -0.25 4.19
N PHE A 116 3.61 -0.84 3.01
CA PHE A 116 2.89 -2.09 2.74
C PHE A 116 3.35 -3.19 3.70
N PHE A 117 4.43 -2.92 4.42
CA PHE A 117 4.98 -3.89 5.36
C PHE A 117 4.28 -3.78 6.72
N SER A 118 3.90 -2.57 7.08
CA SER A 118 3.22 -2.32 8.35
C SER A 118 1.71 -2.36 8.18
N LEU A 119 1.25 -2.00 6.99
CA LEU A 119 -0.18 -1.98 6.69
C LEU A 119 -0.75 -3.40 6.72
N SER A 120 -0.14 -4.30 5.95
CA SER A 120 -0.58 -5.69 5.88
C SER A 120 -0.75 -6.27 7.28
N ARG A 121 0.01 -5.74 8.22
CA ARG A 121 -0.04 -6.21 9.60
C ARG A 121 -1.41 -5.93 10.22
N TYR A 122 -1.86 -4.69 10.09
CA TYR A 122 -3.15 -4.29 10.64
C TYR A 122 -4.20 -5.39 10.42
N LYS A 123 -4.38 -5.78 9.17
CA LYS A 123 -5.34 -6.81 8.81
C LYS A 123 -4.87 -8.17 9.31
N GLN A 124 -3.66 -8.55 8.93
CA GLN A 124 -3.10 -9.84 9.34
C GLN A 124 -3.52 -10.19 10.75
N GLN A 125 -3.26 -9.29 11.69
CA GLN A 125 -3.61 -9.52 13.08
C GLN A 125 -5.06 -9.99 13.21
N GLN A 126 -5.96 -9.30 12.53
CA GLN A 126 -7.38 -9.66 12.57
C GLN A 126 -7.60 -11.06 11.98
N GLN A 127 -7.26 -12.08 12.76
CA GLN A 127 -7.42 -13.45 12.33
C GLN A 127 -8.74 -14.03 12.84
N GLN A 128 -9.62 -14.39 11.91
CA GLN A 128 -10.91 -14.96 12.26
C GLN A 128 -10.80 -16.46 12.52
N PRO A 129 -11.41 -16.92 13.62
CA PRO A 129 -11.38 -18.33 14.01
C PRO A 129 -12.23 -19.19 13.08
N GLY A 1 5.01 -9.01 -23.29
CA GLY A 1 5.67 -10.07 -22.53
C GLY A 1 4.73 -11.20 -22.18
N SER A 2 5.19 -12.11 -21.32
CA SER A 2 4.39 -13.25 -20.91
C SER A 2 4.52 -13.49 -19.41
N SER A 3 3.38 -13.51 -18.72
CA SER A 3 3.37 -13.73 -17.28
C SER A 3 2.94 -15.15 -16.95
N GLY A 4 3.66 -15.79 -16.03
CA GLY A 4 3.35 -17.15 -15.64
C GLY A 4 4.25 -17.67 -14.54
N SER A 5 4.15 -18.96 -14.26
CA SER A 5 4.95 -19.57 -13.21
C SER A 5 5.07 -21.08 -13.43
N SER A 6 6.30 -21.56 -13.61
CA SER A 6 6.54 -22.98 -13.83
C SER A 6 6.78 -23.70 -12.52
N GLY A 7 7.70 -23.18 -11.71
CA GLY A 7 8.00 -23.78 -10.43
C GLY A 7 9.49 -24.01 -10.23
N LYS A 8 10.14 -23.08 -9.53
CA LYS A 8 11.57 -23.18 -9.27
C LYS A 8 11.84 -23.79 -7.90
N ARG A 9 12.84 -24.64 -7.82
CA ARG A 9 13.20 -25.29 -6.56
C ARG A 9 14.15 -24.41 -5.75
N LYS A 10 14.19 -23.13 -6.08
CA LYS A 10 15.06 -22.18 -5.38
C LYS A 10 14.33 -21.58 -4.18
N PRO A 11 15.11 -21.16 -3.18
CA PRO A 11 14.57 -20.57 -1.95
C PRO A 11 13.97 -19.19 -2.20
N VAL A 12 12.70 -19.02 -1.82
CA VAL A 12 12.01 -17.74 -2.00
C VAL A 12 12.71 -16.63 -1.25
N ILE A 13 13.01 -15.54 -1.96
CA ILE A 13 13.68 -14.40 -1.35
C ILE A 13 12.75 -13.20 -1.26
N HIS A 14 12.98 -12.35 -0.25
CA HIS A 14 12.16 -11.17 -0.05
C HIS A 14 13.00 -9.90 -0.13
N GLY A 15 13.74 -9.76 -1.23
CA GLY A 15 14.59 -8.59 -1.40
C GLY A 15 13.79 -7.33 -1.62
N LEU A 16 14.35 -6.19 -1.21
CA LEU A 16 13.68 -4.91 -1.36
C LEU A 16 12.94 -4.83 -2.70
N GLU A 17 13.50 -5.47 -3.71
CA GLU A 17 12.90 -5.47 -5.04
C GLU A 17 11.79 -6.52 -5.13
N ASP A 18 12.01 -7.67 -4.48
CA ASP A 18 11.03 -8.74 -4.49
C ASP A 18 9.78 -8.34 -3.71
N GLN A 19 9.97 -7.75 -2.55
CA GLN A 19 8.86 -7.32 -1.71
C GLN A 19 7.94 -6.36 -2.48
N LYS A 20 8.54 -5.49 -3.28
CA LYS A 20 7.78 -4.53 -4.07
C LYS A 20 6.68 -5.23 -4.87
N ARG A 21 6.91 -6.50 -5.20
CA ARG A 21 5.94 -7.27 -5.96
C ARG A 21 4.95 -7.97 -5.04
N ILE A 22 5.48 -8.60 -3.99
CA ILE A 22 4.63 -9.31 -3.03
C ILE A 22 3.48 -8.43 -2.56
N TYR A 23 3.80 -7.21 -2.14
CA TYR A 23 2.78 -6.27 -1.67
C TYR A 23 1.81 -5.92 -2.78
N THR A 24 2.35 -5.75 -4.00
CA THR A 24 1.52 -5.40 -5.14
C THR A 24 0.38 -6.39 -5.32
N ASP A 25 0.69 -7.68 -5.20
CA ASP A 25 -0.33 -8.72 -5.34
C ASP A 25 -1.30 -8.69 -4.18
N TRP A 26 -0.78 -8.47 -2.98
CA TRP A 26 -1.62 -8.42 -1.78
C TRP A 26 -2.76 -7.43 -1.95
N ALA A 27 -2.42 -6.21 -2.36
CA ALA A 27 -3.42 -5.17 -2.57
C ALA A 27 -4.32 -5.50 -3.75
N ASN A 28 -3.72 -6.00 -4.82
CA ASN A 28 -4.47 -6.36 -6.02
C ASN A 28 -5.73 -7.15 -5.67
N HIS A 29 -5.64 -7.93 -4.59
CA HIS A 29 -6.77 -8.72 -4.14
C HIS A 29 -7.89 -7.84 -3.58
N TYR A 30 -7.50 -6.81 -2.84
CA TYR A 30 -8.46 -5.88 -2.25
C TYR A 30 -9.06 -4.97 -3.31
N LEU A 31 -8.31 -4.75 -4.38
CA LEU A 31 -8.77 -3.90 -5.47
C LEU A 31 -9.65 -4.68 -6.45
N ALA A 32 -9.23 -5.89 -6.77
CA ALA A 32 -9.98 -6.75 -7.68
C ALA A 32 -11.28 -7.22 -7.05
N LYS A 33 -11.25 -7.45 -5.74
CA LYS A 33 -12.43 -7.92 -5.01
C LYS A 33 -13.49 -6.81 -4.95
N SER A 34 -13.04 -5.57 -4.81
CA SER A 34 -13.96 -4.43 -4.74
C SER A 34 -14.36 -3.98 -6.14
N GLY A 35 -14.22 -4.87 -7.12
CA GLY A 35 -14.57 -4.54 -8.48
C GLY A 35 -13.90 -3.27 -8.97
N HIS A 36 -12.57 -3.26 -9.00
CA HIS A 36 -11.82 -2.10 -9.44
C HIS A 36 -11.20 -2.35 -10.81
N LYS A 37 -11.49 -1.46 -11.76
CA LYS A 37 -10.96 -1.58 -13.11
C LYS A 37 -9.53 -1.03 -13.19
N ARG A 38 -8.69 -1.43 -12.24
CA ARG A 38 -7.30 -0.99 -12.20
C ARG A 38 -6.49 -1.83 -11.22
N LEU A 39 -5.20 -1.99 -11.52
CA LEU A 39 -4.31 -2.78 -10.67
C LEU A 39 -3.06 -1.98 -10.31
N ILE A 40 -2.15 -2.61 -9.58
CA ILE A 40 -0.91 -1.96 -9.17
C ILE A 40 0.27 -2.49 -9.98
N ARG A 41 0.88 -1.62 -10.78
CA ARG A 41 2.03 -2.00 -11.59
C ARG A 41 3.33 -1.64 -10.89
N ASP A 42 3.50 -0.35 -10.58
CA ASP A 42 4.71 0.12 -9.91
C ASP A 42 4.39 0.62 -8.50
N LEU A 43 4.67 -0.22 -7.51
CA LEU A 43 4.42 0.14 -6.12
C LEU A 43 5.00 1.51 -5.79
N GLN A 44 6.19 1.78 -6.33
CA GLN A 44 6.85 3.06 -6.10
C GLN A 44 6.10 4.21 -6.78
N GLN A 45 5.59 3.95 -7.98
CA GLN A 45 4.85 4.96 -8.71
C GLN A 45 3.34 4.75 -8.57
N ASP A 46 2.96 3.88 -7.63
CA ASP A 46 1.56 3.61 -7.38
C ASP A 46 1.07 4.34 -6.14
N VAL A 47 1.98 4.60 -5.21
CA VAL A 47 1.64 5.31 -3.98
C VAL A 47 2.26 6.71 -3.95
N THR A 48 2.35 7.33 -5.12
CA THR A 48 2.92 8.66 -5.24
C THR A 48 1.86 9.74 -5.05
N ASP A 49 0.65 9.46 -5.53
CA ASP A 49 -0.46 10.39 -5.41
C ASP A 49 -1.31 10.08 -4.19
N GLY A 50 -1.17 8.86 -3.67
CA GLY A 50 -1.94 8.45 -2.51
C GLY A 50 -3.35 8.03 -2.87
N VAL A 51 -3.76 8.36 -4.09
CA VAL A 51 -5.11 8.01 -4.57
C VAL A 51 -5.29 6.49 -4.59
N LEU A 52 -4.62 5.83 -5.51
CA LEU A 52 -4.71 4.38 -5.63
C LEU A 52 -4.40 3.69 -4.31
N LEU A 53 -3.48 4.28 -3.56
CA LEU A 53 -3.09 3.73 -2.27
C LEU A 53 -4.28 3.63 -1.33
N ALA A 54 -5.04 4.71 -1.23
CA ALA A 54 -6.23 4.75 -0.37
C ALA A 54 -7.28 3.75 -0.85
N GLN A 55 -7.44 3.67 -2.17
CA GLN A 55 -8.42 2.76 -2.75
C GLN A 55 -8.34 1.38 -2.11
N ILE A 56 -7.17 1.06 -1.55
CA ILE A 56 -6.96 -0.23 -0.90
C ILE A 56 -7.21 -0.14 0.59
N ILE A 57 -6.53 0.81 1.24
CA ILE A 57 -6.68 1.00 2.68
C ILE A 57 -8.15 1.06 3.08
N GLN A 58 -8.91 1.92 2.40
CA GLN A 58 -10.33 2.07 2.69
C GLN A 58 -11.05 0.72 2.57
N VAL A 59 -10.46 -0.20 1.82
CA VAL A 59 -11.04 -1.52 1.62
C VAL A 59 -10.60 -2.48 2.71
N VAL A 60 -9.29 -2.70 2.81
CA VAL A 60 -8.73 -3.59 3.82
C VAL A 60 -9.11 -3.14 5.22
N ALA A 61 -9.33 -1.84 5.39
CA ALA A 61 -9.70 -1.29 6.68
C ALA A 61 -11.21 -1.06 6.78
N ASN A 62 -11.88 -1.13 5.64
CA ASN A 62 -13.33 -0.93 5.59
C ASN A 62 -13.72 0.43 6.15
N GLU A 63 -13.02 1.48 5.69
CA GLU A 63 -13.30 2.83 6.15
C GLU A 63 -13.04 3.84 5.03
N LYS A 64 -13.62 5.03 5.19
CA LYS A 64 -13.46 6.09 4.19
C LYS A 64 -12.60 7.23 4.73
N ILE A 65 -11.60 7.63 3.96
CA ILE A 65 -10.71 8.71 4.37
C ILE A 65 -11.18 10.04 3.80
N GLU A 66 -11.79 10.86 4.64
CA GLU A 66 -12.28 12.16 4.22
C GLU A 66 -11.12 13.14 4.01
N ASP A 67 -9.94 12.76 4.50
CA ASP A 67 -8.76 13.60 4.36
C ASP A 67 -7.98 13.25 3.10
N ILE A 68 -8.71 12.91 2.04
CA ILE A 68 -8.09 12.55 0.77
C ILE A 68 -8.42 13.58 -0.31
N ASN A 69 -7.40 14.01 -1.04
CA ASN A 69 -7.58 14.99 -2.11
C ASN A 69 -8.45 14.43 -3.22
N GLY A 70 -8.08 13.25 -3.72
CA GLY A 70 -8.83 12.62 -4.79
C GLY A 70 -8.30 12.96 -6.17
N CYS A 71 -8.08 14.24 -6.41
CA CYS A 71 -7.56 14.69 -7.70
C CYS A 71 -6.43 15.71 -7.50
N PRO A 72 -5.21 15.20 -7.28
CA PRO A 72 -4.03 16.05 -7.07
C PRO A 72 -3.60 16.76 -8.34
N LYS A 73 -3.22 18.03 -8.20
CA LYS A 73 -2.79 18.82 -9.35
C LYS A 73 -1.33 19.22 -9.21
N ASN A 74 -0.96 19.71 -8.02
CA ASN A 74 0.41 20.13 -7.76
C ASN A 74 1.16 19.06 -6.96
N ARG A 75 2.43 18.84 -7.32
CA ARG A 75 3.25 17.85 -6.64
C ARG A 75 2.92 17.79 -5.15
N SER A 76 2.83 18.96 -4.53
CA SER A 76 2.52 19.04 -3.10
C SER A 76 1.16 18.43 -2.80
N GLN A 77 0.16 18.82 -3.59
CA GLN A 77 -1.19 18.30 -3.40
C GLN A 77 -1.18 16.79 -3.16
N MET A 78 -0.10 16.14 -3.59
CA MET A 78 0.04 14.70 -3.42
C MET A 78 0.50 14.36 -2.01
N ILE A 79 1.40 15.19 -1.47
CA ILE A 79 1.92 14.99 -0.13
C ILE A 79 0.79 14.76 0.87
N GLU A 80 -0.20 15.65 0.85
CA GLU A 80 -1.34 15.54 1.75
C GLU A 80 -2.00 14.17 1.64
N ASN A 81 -2.35 13.79 0.42
CA ASN A 81 -2.99 12.50 0.18
C ASN A 81 -2.35 11.40 1.02
N ILE A 82 -1.11 11.07 0.70
CA ILE A 82 -0.38 10.04 1.44
C ILE A 82 -0.38 10.32 2.94
N ASP A 83 -0.21 11.60 3.28
CA ASP A 83 -0.19 12.01 4.68
C ASP A 83 -1.46 11.53 5.41
N ALA A 84 -2.61 11.85 4.83
CA ALA A 84 -3.89 11.45 5.41
C ALA A 84 -3.93 9.95 5.67
N CYS A 85 -3.49 9.18 4.69
CA CYS A 85 -3.48 7.72 4.81
C CYS A 85 -2.64 7.28 6.00
N LEU A 86 -1.51 7.95 6.22
CA LEU A 86 -0.62 7.63 7.33
C LEU A 86 -1.31 7.88 8.66
N ASN A 87 -1.79 9.11 8.86
CA ASN A 87 -2.46 9.47 10.10
C ASN A 87 -3.69 8.60 10.33
N PHE A 88 -4.31 8.17 9.24
CA PHE A 88 -5.50 7.32 9.32
C PHE A 88 -5.14 5.92 9.78
N LEU A 89 -4.03 5.40 9.27
CA LEU A 89 -3.57 4.07 9.63
C LEU A 89 -3.11 4.03 11.08
N ALA A 90 -2.42 5.08 11.52
CA ALA A 90 -1.94 5.16 12.88
C ALA A 90 -3.07 4.96 13.88
N ALA A 91 -4.23 5.50 13.57
CA ALA A 91 -5.40 5.39 14.43
C ALA A 91 -5.86 3.93 14.55
N LYS A 92 -5.44 3.11 13.59
CA LYS A 92 -5.81 1.70 13.59
C LYS A 92 -4.78 0.87 14.34
N GLY A 93 -3.59 1.45 14.54
CA GLY A 93 -2.54 0.74 15.25
C GLY A 93 -1.38 0.39 14.35
N ILE A 94 -1.05 1.27 13.42
CA ILE A 94 0.04 1.05 12.49
C ILE A 94 1.11 2.13 12.62
N ASN A 95 2.38 1.71 12.64
CA ASN A 95 3.48 2.65 12.76
C ASN A 95 3.67 3.43 11.48
N ILE A 96 3.75 4.75 11.60
CA ILE A 96 3.93 5.63 10.45
C ILE A 96 5.10 6.58 10.66
N GLN A 97 5.37 6.92 11.92
CA GLN A 97 6.46 7.82 12.25
C GLN A 97 7.64 7.63 11.29
N GLY A 98 8.06 6.38 11.13
CA GLY A 98 9.18 6.09 10.25
C GLY A 98 8.89 6.47 8.81
N LEU A 99 7.68 6.17 8.35
CA LEU A 99 7.28 6.47 6.98
C LEU A 99 7.15 7.98 6.78
N SER A 100 7.64 8.46 5.64
CA SER A 100 7.58 9.88 5.33
C SER A 100 6.83 10.12 4.02
N ALA A 101 5.78 10.93 4.09
CA ALA A 101 4.98 11.25 2.92
C ALA A 101 5.85 11.73 1.76
N GLU A 102 6.77 12.64 2.07
CA GLU A 102 7.66 13.18 1.06
C GLU A 102 8.46 12.07 0.38
N GLU A 103 8.92 11.11 1.16
CA GLU A 103 9.70 9.99 0.63
C GLU A 103 8.80 9.05 -0.16
N ILE A 104 7.62 8.76 0.39
CA ILE A 104 6.67 7.87 -0.27
C ILE A 104 6.19 8.45 -1.60
N ARG A 105 6.00 9.77 -1.62
CA ARG A 105 5.55 10.45 -2.83
C ARG A 105 6.63 10.40 -3.92
N ASN A 106 7.88 10.53 -3.50
CA ASN A 106 9.00 10.51 -4.44
C ASN A 106 9.15 9.13 -5.07
N GLY A 107 8.72 8.10 -4.36
CA GLY A 107 8.80 6.74 -4.86
C GLY A 107 9.99 5.99 -4.30
N ASN A 108 10.39 6.34 -3.08
CA ASN A 108 11.52 5.69 -2.42
C ASN A 108 11.15 4.28 -1.95
N LEU A 109 11.59 3.28 -2.70
CA LEU A 109 11.31 1.89 -2.36
C LEU A 109 11.31 1.69 -0.85
N LYS A 110 12.38 2.12 -0.21
CA LYS A 110 12.51 1.99 1.24
C LYS A 110 11.27 2.54 1.95
N ALA A 111 10.79 3.68 1.47
CA ALA A 111 9.62 4.32 2.04
C ALA A 111 8.36 3.50 1.77
N ILE A 112 8.10 3.23 0.51
CA ILE A 112 6.92 2.46 0.11
C ILE A 112 6.88 1.13 0.85
N LEU A 113 7.85 0.26 0.56
CA LEU A 113 7.92 -1.05 1.19
C LEU A 113 7.54 -0.96 2.66
N GLY A 114 8.01 0.08 3.33
CA GLY A 114 7.71 0.26 4.75
C GLY A 114 6.22 0.38 5.01
N LEU A 115 5.52 1.09 4.13
CA LEU A 115 4.09 1.27 4.27
C LEU A 115 3.34 -0.05 4.13
N PHE A 116 3.48 -0.68 2.98
CA PHE A 116 2.83 -1.97 2.73
C PHE A 116 3.35 -3.04 3.67
N PHE A 117 4.45 -2.74 4.35
CA PHE A 117 5.06 -3.68 5.29
C PHE A 117 4.30 -3.67 6.62
N SER A 118 3.84 -2.50 7.04
CA SER A 118 3.11 -2.35 8.29
C SER A 118 1.61 -2.46 8.06
N LEU A 119 1.15 -1.91 6.94
CA LEU A 119 -0.27 -1.95 6.60
C LEU A 119 -0.79 -3.38 6.60
N SER A 120 -0.06 -4.27 5.94
CA SER A 120 -0.45 -5.68 5.85
C SER A 120 -0.61 -6.27 7.25
N ARG A 121 0.25 -5.87 8.17
CA ARG A 121 0.20 -6.37 9.53
C ARG A 121 -1.14 -6.06 10.18
N TYR A 122 -1.60 -4.83 10.02
CA TYR A 122 -2.88 -4.40 10.59
C TYR A 122 -3.95 -5.47 10.39
N LYS A 123 -4.16 -5.85 9.13
CA LYS A 123 -5.15 -6.87 8.80
C LYS A 123 -4.65 -8.26 9.18
N GLN A 124 -3.47 -8.61 8.71
CA GLN A 124 -2.89 -9.92 9.02
C GLN A 124 -3.25 -10.37 10.43
N GLN A 125 -3.21 -9.43 11.37
CA GLN A 125 -3.55 -9.74 12.76
C GLN A 125 -5.05 -9.88 12.94
N GLN A 126 -5.80 -8.88 12.51
CA GLN A 126 -7.25 -8.89 12.63
C GLN A 126 -7.87 -9.77 11.55
N GLN A 127 -7.96 -11.07 11.82
CA GLN A 127 -8.52 -12.02 10.87
C GLN A 127 -9.04 -13.26 11.59
N GLN A 128 -10.07 -13.87 11.02
CA GLN A 128 -10.66 -15.08 11.60
C GLN A 128 -9.66 -16.23 11.60
N PRO A 129 -9.71 -17.06 12.65
CA PRO A 129 -8.82 -18.22 12.80
C PRO A 129 -9.12 -19.31 11.78
N GLY A 1 -8.26 -24.16 -9.39
CA GLY A 1 -7.05 -24.97 -9.33
C GLY A 1 -6.33 -25.04 -10.65
N SER A 2 -6.03 -23.87 -11.22
CA SER A 2 -5.34 -23.81 -12.50
C SER A 2 -4.12 -22.89 -12.42
N SER A 3 -4.32 -21.73 -11.80
CA SER A 3 -3.24 -20.75 -11.65
C SER A 3 -3.56 -19.76 -10.53
N GLY A 4 -2.52 -19.05 -10.07
CA GLY A 4 -2.72 -18.08 -9.01
C GLY A 4 -2.03 -18.50 -7.72
N SER A 5 -2.80 -18.63 -6.65
CA SER A 5 -2.27 -19.03 -5.35
C SER A 5 -2.32 -20.54 -5.18
N SER A 6 -1.15 -21.17 -5.13
CA SER A 6 -1.06 -22.61 -4.96
C SER A 6 -0.60 -22.97 -3.56
N GLY A 7 0.45 -22.30 -3.10
CA GLY A 7 0.99 -22.56 -1.76
C GLY A 7 2.13 -23.56 -1.78
N LYS A 8 3.27 -23.14 -2.32
CA LYS A 8 4.44 -24.00 -2.40
C LYS A 8 5.52 -23.55 -1.41
N ARG A 9 6.11 -24.50 -0.71
CA ARG A 9 7.15 -24.20 0.26
C ARG A 9 8.51 -24.09 -0.41
N LYS A 10 8.99 -22.86 -0.57
CA LYS A 10 10.29 -22.61 -1.20
C LYS A 10 11.02 -21.47 -0.50
N PRO A 11 12.35 -21.65 -0.35
CA PRO A 11 13.19 -20.63 0.30
C PRO A 11 13.35 -19.38 -0.54
N VAL A 12 12.73 -18.28 -0.09
CA VAL A 12 12.80 -17.01 -0.80
C VAL A 12 13.23 -15.89 0.12
N ILE A 13 14.13 -15.03 -0.36
CA ILE A 13 14.62 -13.91 0.42
C ILE A 13 13.74 -12.69 0.24
N HIS A 14 13.12 -12.57 -0.93
CA HIS A 14 12.24 -11.44 -1.22
C HIS A 14 13.01 -10.12 -1.13
N GLY A 15 14.16 -10.06 -1.79
CA GLY A 15 14.96 -8.85 -1.75
C GLY A 15 14.12 -7.60 -1.80
N LEU A 16 14.69 -6.49 -1.34
CA LEU A 16 13.99 -5.20 -1.33
C LEU A 16 13.08 -5.07 -2.55
N GLU A 17 13.66 -5.20 -3.73
CA GLU A 17 12.90 -5.10 -4.98
C GLU A 17 11.85 -6.20 -5.07
N ASP A 18 12.23 -7.40 -4.65
CA ASP A 18 11.32 -8.54 -4.69
C ASP A 18 10.11 -8.30 -3.78
N GLN A 19 10.33 -7.55 -2.72
CA GLN A 19 9.25 -7.25 -1.77
C GLN A 19 8.16 -6.42 -2.44
N LYS A 20 8.58 -5.44 -3.23
CA LYS A 20 7.64 -4.57 -3.93
C LYS A 20 6.53 -5.38 -4.59
N ARG A 21 6.91 -6.50 -5.20
CA ARG A 21 5.95 -7.37 -5.87
C ARG A 21 4.97 -7.97 -4.86
N ILE A 22 5.51 -8.62 -3.84
CA ILE A 22 4.68 -9.24 -2.81
C ILE A 22 3.51 -8.35 -2.43
N TYR A 23 3.80 -7.09 -2.11
CA TYR A 23 2.76 -6.14 -1.72
C TYR A 23 1.89 -5.79 -2.92
N THR A 24 2.53 -5.45 -4.04
CA THR A 24 1.81 -5.09 -5.25
C THR A 24 0.61 -6.00 -5.48
N ASP A 25 0.86 -7.32 -5.39
CA ASP A 25 -0.20 -8.30 -5.58
C ASP A 25 -1.15 -8.33 -4.38
N TRP A 26 -0.58 -8.16 -3.19
CA TRP A 26 -1.37 -8.17 -1.96
C TRP A 26 -2.46 -7.11 -2.01
N ALA A 27 -2.12 -5.93 -2.51
CA ALA A 27 -3.06 -4.82 -2.61
C ALA A 27 -4.09 -5.09 -3.70
N ASN A 28 -3.64 -5.65 -4.82
CA ASN A 28 -4.53 -5.95 -5.94
C ASN A 28 -5.76 -6.73 -5.46
N HIS A 29 -5.52 -7.76 -4.65
CA HIS A 29 -6.61 -8.58 -4.12
C HIS A 29 -7.75 -7.71 -3.60
N TYR A 30 -7.39 -6.58 -2.98
CA TYR A 30 -8.39 -5.66 -2.44
C TYR A 30 -8.98 -4.79 -3.53
N LEU A 31 -8.23 -4.64 -4.63
CA LEU A 31 -8.68 -3.82 -5.76
C LEU A 31 -9.68 -4.60 -6.62
N ALA A 32 -9.26 -5.75 -7.11
CA ALA A 32 -10.12 -6.58 -7.94
C ALA A 32 -11.41 -6.96 -7.20
N LYS A 33 -11.27 -7.43 -5.97
CA LYS A 33 -12.42 -7.81 -5.16
C LYS A 33 -13.47 -6.70 -5.14
N SER A 34 -13.01 -5.46 -5.12
CA SER A 34 -13.91 -4.32 -5.10
C SER A 34 -14.21 -3.83 -6.52
N GLY A 35 -14.25 -4.77 -7.45
CA GLY A 35 -14.52 -4.43 -8.83
C GLY A 35 -13.71 -3.24 -9.31
N HIS A 36 -12.39 -3.36 -9.26
CA HIS A 36 -11.50 -2.28 -9.69
C HIS A 36 -10.59 -2.74 -10.82
N LYS A 37 -11.08 -2.62 -12.05
CA LYS A 37 -10.30 -3.03 -13.22
C LYS A 37 -8.82 -2.68 -13.04
N ARG A 38 -8.51 -1.40 -13.17
CA ARG A 38 -7.14 -0.93 -13.03
C ARG A 38 -6.42 -1.69 -11.91
N LEU A 39 -5.11 -1.84 -12.05
CA LEU A 39 -4.31 -2.54 -11.06
C LEU A 39 -3.06 -1.74 -10.68
N ILE A 40 -2.25 -2.30 -9.79
CA ILE A 40 -1.04 -1.63 -9.35
C ILE A 40 0.19 -2.16 -10.09
N ARG A 41 0.84 -1.29 -10.85
CA ARG A 41 2.03 -1.68 -11.61
C ARG A 41 3.29 -1.52 -10.77
N ASP A 42 3.58 -0.28 -10.38
CA ASP A 42 4.76 0.02 -9.57
C ASP A 42 4.35 0.53 -8.19
N LEU A 43 4.36 -0.37 -7.21
CA LEU A 43 4.00 0.00 -5.84
C LEU A 43 4.58 1.35 -5.46
N GLN A 44 5.68 1.73 -6.13
CA GLN A 44 6.33 3.00 -5.86
C GLN A 44 5.56 4.15 -6.50
N GLN A 45 5.08 3.93 -7.72
CA GLN A 45 4.33 4.95 -8.43
C GLN A 45 2.86 4.96 -8.01
N ASP A 46 2.27 3.77 -7.98
CA ASP A 46 0.87 3.63 -7.59
C ASP A 46 0.58 4.39 -6.30
N VAL A 47 1.63 4.70 -5.55
CA VAL A 47 1.50 5.42 -4.30
C VAL A 47 2.17 6.79 -4.38
N THR A 48 2.03 7.44 -5.53
CA THR A 48 2.63 8.76 -5.73
C THR A 48 1.61 9.87 -5.49
N ASP A 49 0.35 9.57 -5.75
CA ASP A 49 -0.72 10.54 -5.55
C ASP A 49 -1.52 10.23 -4.29
N GLY A 50 -1.36 9.01 -3.79
CA GLY A 50 -2.07 8.61 -2.58
C GLY A 50 -3.49 8.14 -2.88
N VAL A 51 -3.99 8.49 -4.06
CA VAL A 51 -5.33 8.11 -4.46
C VAL A 51 -5.46 6.59 -4.60
N LEU A 52 -4.65 6.01 -5.48
CA LEU A 52 -4.66 4.57 -5.69
C LEU A 52 -4.27 3.82 -4.43
N LEU A 53 -3.37 4.41 -3.65
CA LEU A 53 -2.92 3.79 -2.41
C LEU A 53 -4.09 3.55 -1.46
N ALA A 54 -4.93 4.57 -1.29
CA ALA A 54 -6.09 4.47 -0.42
C ALA A 54 -7.08 3.43 -0.94
N GLN A 55 -7.31 3.45 -2.25
CA GLN A 55 -8.24 2.51 -2.87
C GLN A 55 -8.16 1.14 -2.21
N ILE A 56 -6.98 0.82 -1.68
CA ILE A 56 -6.78 -0.47 -1.02
C ILE A 56 -7.03 -0.35 0.48
N ILE A 57 -6.40 0.63 1.11
CA ILE A 57 -6.56 0.85 2.54
C ILE A 57 -8.03 0.89 2.93
N GLN A 58 -8.78 1.78 2.29
CA GLN A 58 -10.21 1.91 2.56
C GLN A 58 -10.92 0.57 2.47
N VAL A 59 -10.41 -0.30 1.60
CA VAL A 59 -11.00 -1.63 1.42
C VAL A 59 -10.62 -2.56 2.56
N VAL A 60 -9.33 -2.92 2.62
CA VAL A 60 -8.84 -3.80 3.67
C VAL A 60 -9.24 -3.30 5.04
N ALA A 61 -9.35 -1.99 5.19
CA ALA A 61 -9.73 -1.39 6.45
C ALA A 61 -11.25 -1.24 6.55
N ASN A 62 -11.93 -1.36 5.42
CA ASN A 62 -13.38 -1.24 5.38
C ASN A 62 -13.83 0.13 5.89
N GLU A 63 -13.01 1.14 5.62
CA GLU A 63 -13.32 2.51 6.05
C GLU A 63 -13.01 3.50 4.94
N LYS A 64 -13.57 4.70 5.06
CA LYS A 64 -13.35 5.76 4.07
C LYS A 64 -12.51 6.89 4.66
N ILE A 65 -11.55 7.38 3.87
CA ILE A 65 -10.69 8.46 4.32
C ILE A 65 -11.19 9.81 3.80
N GLU A 66 -11.55 10.70 4.72
CA GLU A 66 -12.04 12.02 4.35
C GLU A 66 -10.88 12.97 4.07
N ASP A 67 -9.69 12.61 4.53
CA ASP A 67 -8.51 13.42 4.32
C ASP A 67 -7.84 13.08 2.98
N ILE A 68 -8.66 12.80 1.98
CA ILE A 68 -8.16 12.46 0.66
C ILE A 68 -8.53 13.52 -0.37
N ASN A 69 -7.55 14.35 -0.72
CA ASN A 69 -7.78 15.42 -1.69
C ASN A 69 -8.65 14.93 -2.84
N GLY A 70 -8.32 13.76 -3.38
CA GLY A 70 -9.09 13.21 -4.48
C GLY A 70 -8.44 13.45 -5.83
N CYS A 71 -8.21 14.72 -6.15
CA CYS A 71 -7.59 15.09 -7.42
C CYS A 71 -6.44 16.06 -7.20
N PRO A 72 -5.26 15.52 -6.86
CA PRO A 72 -4.05 16.32 -6.60
C PRO A 72 -3.50 16.95 -7.88
N LYS A 73 -3.46 18.27 -7.92
CA LYS A 73 -2.95 19.00 -9.08
C LYS A 73 -1.55 19.56 -8.80
N ASN A 74 -1.42 20.26 -7.69
CA ASN A 74 -0.14 20.86 -7.30
C ASN A 74 0.84 19.78 -6.85
N ARG A 75 2.12 20.16 -6.77
CA ARG A 75 3.16 19.22 -6.36
C ARG A 75 2.96 18.80 -4.91
N SER A 76 2.74 19.78 -4.03
CA SER A 76 2.54 19.50 -2.61
C SER A 76 1.19 18.84 -2.37
N GLN A 77 0.20 19.23 -3.17
CA GLN A 77 -1.15 18.69 -3.05
C GLN A 77 -1.11 17.17 -2.83
N MET A 78 -0.35 16.48 -3.68
CA MET A 78 -0.21 15.04 -3.59
C MET A 78 0.20 14.62 -2.18
N ILE A 79 1.22 15.28 -1.65
CA ILE A 79 1.70 14.99 -0.31
C ILE A 79 0.55 14.66 0.64
N GLU A 80 -0.33 15.62 0.84
CA GLU A 80 -1.48 15.43 1.72
C GLU A 80 -2.05 14.02 1.58
N ASN A 81 -2.45 13.68 0.35
CA ASN A 81 -3.01 12.37 0.08
C ASN A 81 -2.32 11.29 0.92
N ILE A 82 -1.07 11.01 0.59
CA ILE A 82 -0.30 10.00 1.31
C ILE A 82 -0.33 10.26 2.81
N ASP A 83 -0.21 11.53 3.18
CA ASP A 83 -0.22 11.92 4.59
C ASP A 83 -1.46 11.36 5.30
N ALA A 84 -2.62 11.54 4.68
CA ALA A 84 -3.87 11.06 5.25
C ALA A 84 -3.78 9.58 5.60
N CYS A 85 -3.33 8.77 4.64
CA CYS A 85 -3.19 7.34 4.85
C CYS A 85 -2.34 7.04 6.07
N LEU A 86 -1.21 7.74 6.18
CA LEU A 86 -0.30 7.55 7.30
C LEU A 86 -1.01 7.80 8.63
N ASN A 87 -1.64 8.96 8.75
CA ASN A 87 -2.36 9.32 9.97
C ASN A 87 -3.52 8.37 10.21
N PHE A 88 -4.16 7.94 9.13
CA PHE A 88 -5.30 7.03 9.22
C PHE A 88 -4.87 5.69 9.84
N LEU A 89 -3.75 5.17 9.36
CA LEU A 89 -3.23 3.90 9.87
C LEU A 89 -2.91 3.99 11.35
N ALA A 90 -2.13 5.00 11.72
CA ALA A 90 -1.75 5.21 13.11
C ALA A 90 -2.96 5.09 14.03
N ALA A 91 -4.01 5.82 13.72
CA ALA A 91 -5.23 5.79 14.52
C ALA A 91 -5.76 4.37 14.67
N LYS A 92 -5.53 3.54 13.65
CA LYS A 92 -5.98 2.16 13.67
C LYS A 92 -5.08 1.31 14.57
N GLY A 93 -3.89 1.83 14.87
CA GLY A 93 -2.96 1.10 15.70
C GLY A 93 -1.76 0.59 14.94
N ILE A 94 -1.28 1.40 14.00
CA ILE A 94 -0.12 1.03 13.20
C ILE A 94 1.00 2.04 13.33
N ASN A 95 2.18 1.58 13.75
CA ASN A 95 3.33 2.45 13.92
C ASN A 95 3.80 3.00 12.57
N ILE A 96 3.69 4.32 12.40
CA ILE A 96 4.10 4.97 11.17
C ILE A 96 5.38 5.79 11.37
N GLN A 97 5.60 6.22 12.61
CA GLN A 97 6.78 7.01 12.94
C GLN A 97 8.00 6.50 12.18
N GLY A 98 8.54 7.36 11.31
CA GLY A 98 9.71 6.99 10.53
C GLY A 98 9.49 7.18 9.04
N LEU A 99 8.28 6.93 8.58
CA LEU A 99 7.96 7.08 7.17
C LEU A 99 8.04 8.55 6.74
N SER A 100 7.84 8.79 5.45
CA SER A 100 7.89 10.15 4.92
C SER A 100 7.01 10.29 3.69
N ALA A 101 5.89 10.99 3.84
CA ALA A 101 4.96 11.19 2.74
C ALA A 101 5.68 11.64 1.47
N GLU A 102 6.62 12.57 1.64
CA GLU A 102 7.39 13.09 0.51
C GLU A 102 8.13 11.95 -0.20
N GLU A 103 8.91 11.19 0.55
CA GLU A 103 9.66 10.07 -0.01
C GLU A 103 8.76 9.15 -0.82
N ILE A 104 7.61 8.81 -0.24
CA ILE A 104 6.64 7.94 -0.91
C ILE A 104 6.22 8.52 -2.26
N ARG A 105 5.95 9.82 -2.28
CA ARG A 105 5.53 10.49 -3.50
C ARG A 105 6.63 10.45 -4.55
N ASN A 106 7.87 10.28 -4.09
CA ASN A 106 9.02 10.22 -5.00
C ASN A 106 9.22 8.80 -5.52
N GLY A 107 8.64 7.83 -4.83
CA GLY A 107 8.76 6.45 -5.25
C GLY A 107 9.94 5.75 -4.59
N ASN A 108 10.23 6.14 -3.35
CA ASN A 108 11.35 5.54 -2.62
C ASN A 108 10.96 4.17 -2.07
N LEU A 109 11.35 3.12 -2.79
CA LEU A 109 11.06 1.76 -2.38
C LEU A 109 11.14 1.61 -0.86
N LYS A 110 12.33 1.82 -0.31
CA LYS A 110 12.54 1.73 1.13
C LYS A 110 11.36 2.32 1.89
N ALA A 111 10.83 3.43 1.38
CA ALA A 111 9.71 4.10 2.02
C ALA A 111 8.43 3.29 1.85
N ILE A 112 7.99 3.12 0.61
CA ILE A 112 6.77 2.36 0.31
C ILE A 112 6.77 1.03 1.06
N LEU A 113 7.73 0.17 0.74
CA LEU A 113 7.84 -1.13 1.37
C LEU A 113 7.42 -1.05 2.84
N GLY A 114 7.98 -0.09 3.55
CA GLY A 114 7.66 0.07 4.96
C GLY A 114 6.17 0.19 5.21
N LEU A 115 5.53 1.12 4.49
CA LEU A 115 4.09 1.34 4.63
C LEU A 115 3.33 0.03 4.47
N PHE A 116 3.55 -0.65 3.35
CA PHE A 116 2.87 -1.91 3.08
C PHE A 116 3.33 -3.00 4.06
N PHE A 117 4.49 -2.77 4.67
CA PHE A 117 5.04 -3.72 5.62
C PHE A 117 4.26 -3.70 6.94
N SER A 118 3.79 -2.51 7.31
CA SER A 118 3.04 -2.34 8.55
C SER A 118 1.54 -2.48 8.30
N LEU A 119 1.08 -1.92 7.19
CA LEU A 119 -0.34 -1.97 6.83
C LEU A 119 -0.80 -3.42 6.72
N SER A 120 -0.04 -4.25 6.01
CA SER A 120 -0.38 -5.65 5.83
C SER A 120 -0.63 -6.32 7.18
N ARG A 121 0.15 -5.93 8.18
CA ARG A 121 0.02 -6.50 9.53
C ARG A 121 -1.36 -6.20 10.10
N TYR A 122 -1.77 -4.94 10.05
CA TYR A 122 -3.06 -4.53 10.57
C TYR A 122 -4.15 -5.50 10.16
N LYS A 123 -4.00 -6.07 8.96
CA LYS A 123 -4.98 -7.02 8.44
C LYS A 123 -4.85 -8.37 9.15
N GLN A 124 -3.62 -8.86 9.26
CA GLN A 124 -3.37 -10.14 9.91
C GLN A 124 -3.43 -9.99 11.44
N GLN A 125 -3.85 -8.82 11.89
CA GLN A 125 -3.95 -8.55 13.32
C GLN A 125 -5.41 -8.57 13.77
N GLN A 126 -6.26 -7.85 13.05
CA GLN A 126 -7.68 -7.79 13.37
C GLN A 126 -8.32 -9.18 13.30
N GLN A 127 -7.58 -10.13 12.72
CA GLN A 127 -8.08 -11.50 12.58
C GLN A 127 -8.41 -12.09 13.95
N GLN A 128 -9.32 -13.06 13.96
CA GLN A 128 -9.72 -13.71 15.20
C GLN A 128 -8.81 -14.89 15.51
N PRO A 129 -8.53 -15.10 16.81
CA PRO A 129 -7.67 -16.19 17.27
C PRO A 129 -8.32 -17.55 17.08
N GLY A 1 -6.66 -15.67 -5.36
CA GLY A 1 -7.35 -16.34 -6.43
C GLY A 1 -7.92 -17.68 -6.00
N SER A 2 -7.90 -18.66 -6.90
CA SER A 2 -8.41 -19.99 -6.60
C SER A 2 -7.27 -21.01 -6.52
N SER A 3 -6.66 -21.10 -5.35
CA SER A 3 -5.55 -22.03 -5.14
C SER A 3 -5.93 -23.09 -4.12
N GLY A 4 -5.20 -24.21 -4.13
CA GLY A 4 -5.48 -25.29 -3.20
C GLY A 4 -4.36 -26.31 -3.14
N SER A 5 -3.13 -25.82 -3.02
CA SER A 5 -1.97 -26.70 -2.97
C SER A 5 -1.13 -26.41 -1.72
N SER A 6 -0.63 -27.47 -1.09
CA SER A 6 0.18 -27.34 0.11
C SER A 6 1.10 -28.54 0.28
N GLY A 7 1.95 -28.49 1.32
CA GLY A 7 2.87 -29.58 1.57
C GLY A 7 4.25 -29.08 1.96
N LYS A 8 5.18 -29.13 1.01
CA LYS A 8 6.54 -28.68 1.25
C LYS A 8 6.84 -27.38 0.51
N ARG A 9 7.49 -26.45 1.18
CA ARG A 9 7.83 -25.16 0.59
C ARG A 9 9.27 -24.78 0.91
N LYS A 10 10.14 -24.86 -0.09
CA LYS A 10 11.54 -24.52 0.08
C LYS A 10 11.71 -23.05 0.49
N PRO A 11 12.74 -22.77 1.29
CA PRO A 11 13.02 -21.42 1.77
C PRO A 11 13.52 -20.51 0.66
N VAL A 12 12.89 -19.34 0.53
CA VAL A 12 13.27 -18.38 -0.50
C VAL A 12 13.29 -16.96 0.06
N ILE A 13 14.18 -16.14 -0.47
CA ILE A 13 14.30 -14.75 -0.03
C ILE A 13 13.70 -13.79 -1.05
N HIS A 14 13.07 -12.73 -0.57
CA HIS A 14 12.45 -11.74 -1.44
C HIS A 14 13.16 -10.39 -1.31
N GLY A 15 14.24 -10.23 -2.07
CA GLY A 15 14.99 -8.98 -2.03
C GLY A 15 14.11 -7.76 -2.13
N LEU A 16 14.63 -6.61 -1.70
CA LEU A 16 13.88 -5.37 -1.75
C LEU A 16 12.98 -5.32 -2.98
N GLU A 17 13.56 -5.58 -4.14
CA GLU A 17 12.81 -5.56 -5.40
C GLU A 17 11.73 -6.63 -5.40
N ASP A 18 12.07 -7.82 -4.91
CA ASP A 18 11.12 -8.93 -4.85
C ASP A 18 9.93 -8.58 -3.98
N GLN A 19 10.19 -7.87 -2.88
CA GLN A 19 9.14 -7.47 -1.95
C GLN A 19 8.07 -6.64 -2.67
N LYS A 20 8.51 -5.69 -3.48
CA LYS A 20 7.60 -4.84 -4.23
C LYS A 20 6.45 -5.65 -4.82
N ARG A 21 6.78 -6.75 -5.46
CA ARG A 21 5.78 -7.62 -6.07
C ARG A 21 4.84 -8.19 -5.01
N ILE A 22 5.42 -8.82 -4.00
CA ILE A 22 4.63 -9.41 -2.92
C ILE A 22 3.49 -8.48 -2.51
N TYR A 23 3.83 -7.24 -2.20
CA TYR A 23 2.83 -6.25 -1.80
C TYR A 23 1.91 -5.89 -2.95
N THR A 24 2.50 -5.57 -4.10
CA THR A 24 1.75 -5.21 -5.28
C THR A 24 0.54 -6.13 -5.47
N ASP A 25 0.78 -7.43 -5.33
CA ASP A 25 -0.28 -8.42 -5.48
C ASP A 25 -1.22 -8.40 -4.27
N TRP A 26 -0.66 -8.20 -3.09
CA TRP A 26 -1.45 -8.16 -1.87
C TRP A 26 -2.52 -7.08 -1.95
N ALA A 27 -2.15 -5.90 -2.44
CA ALA A 27 -3.09 -4.80 -2.58
C ALA A 27 -4.04 -5.02 -3.74
N ASN A 28 -3.48 -5.43 -4.89
CA ASN A 28 -4.27 -5.69 -6.08
C ASN A 28 -5.52 -6.50 -5.74
N HIS A 29 -5.36 -7.48 -4.87
CA HIS A 29 -6.48 -8.34 -4.47
C HIS A 29 -7.65 -7.50 -3.97
N TYR A 30 -7.34 -6.46 -3.20
CA TYR A 30 -8.37 -5.58 -2.67
C TYR A 30 -8.94 -4.67 -3.76
N LEU A 31 -8.17 -4.48 -4.82
CA LEU A 31 -8.58 -3.64 -5.93
C LEU A 31 -9.47 -4.41 -6.91
N ALA A 32 -9.15 -5.68 -7.10
CA ALA A 32 -9.92 -6.54 -7.99
C ALA A 32 -11.21 -7.01 -7.34
N LYS A 33 -11.22 -7.04 -6.01
CA LYS A 33 -12.39 -7.47 -5.26
C LYS A 33 -13.46 -6.37 -5.25
N SER A 34 -13.01 -5.13 -5.23
CA SER A 34 -13.93 -3.99 -5.22
C SER A 34 -14.22 -3.52 -6.64
N GLY A 35 -14.12 -4.43 -7.60
CA GLY A 35 -14.37 -4.08 -8.99
C GLY A 35 -13.57 -2.88 -9.44
N HIS A 36 -12.25 -3.02 -9.49
CA HIS A 36 -11.38 -1.93 -9.90
C HIS A 36 -10.56 -2.32 -11.12
N LYS A 37 -11.06 -1.96 -12.31
CA LYS A 37 -10.37 -2.28 -13.55
C LYS A 37 -8.87 -2.02 -13.43
N ARG A 38 -8.50 -0.78 -13.17
CA ARG A 38 -7.11 -0.41 -13.03
C ARG A 38 -6.44 -1.21 -11.91
N LEU A 39 -5.17 -1.56 -12.12
CA LEU A 39 -4.42 -2.32 -11.13
C LEU A 39 -3.15 -1.59 -10.72
N ILE A 40 -2.34 -2.25 -9.89
CA ILE A 40 -1.09 -1.65 -9.42
C ILE A 40 0.11 -2.20 -10.19
N ARG A 41 0.83 -1.31 -10.85
CA ARG A 41 2.00 -1.71 -11.63
C ARG A 41 3.28 -1.57 -10.79
N ASP A 42 3.61 -0.35 -10.41
CA ASP A 42 4.81 -0.09 -9.62
C ASP A 42 4.43 0.40 -8.23
N LEU A 43 4.44 -0.51 -7.26
CA LEU A 43 4.09 -0.18 -5.89
C LEU A 43 4.73 1.15 -5.48
N GLN A 44 5.80 1.52 -6.16
CA GLN A 44 6.50 2.77 -5.86
C GLN A 44 5.74 3.96 -6.45
N GLN A 45 5.21 3.79 -7.65
CA GLN A 45 4.47 4.85 -8.31
C GLN A 45 3.00 4.84 -7.89
N ASP A 46 2.39 3.66 -7.92
CA ASP A 46 0.99 3.51 -7.54
C ASP A 46 0.69 4.32 -6.29
N VAL A 47 1.72 4.60 -5.50
CA VAL A 47 1.56 5.36 -4.27
C VAL A 47 2.29 6.70 -4.36
N THR A 48 2.16 7.36 -5.50
CA THR A 48 2.82 8.65 -5.71
C THR A 48 1.89 9.80 -5.33
N ASP A 49 0.60 9.63 -5.58
CA ASP A 49 -0.38 10.65 -5.26
C ASP A 49 -1.21 10.24 -4.04
N GLY A 50 -1.09 8.98 -3.64
CA GLY A 50 -1.83 8.48 -2.50
C GLY A 50 -3.22 7.99 -2.88
N VAL A 51 -3.76 8.53 -3.97
CA VAL A 51 -5.08 8.15 -4.43
C VAL A 51 -5.21 6.62 -4.52
N LEU A 52 -4.53 6.03 -5.49
CA LEU A 52 -4.57 4.58 -5.68
C LEU A 52 -4.23 3.86 -4.38
N LEU A 53 -3.31 4.43 -3.61
CA LEU A 53 -2.91 3.83 -2.35
C LEU A 53 -4.09 3.70 -1.40
N ALA A 54 -4.87 4.77 -1.27
CA ALA A 54 -6.04 4.76 -0.40
C ALA A 54 -7.12 3.82 -0.93
N GLN A 55 -7.23 3.74 -2.25
CA GLN A 55 -8.21 2.87 -2.89
C GLN A 55 -8.21 1.49 -2.24
N ILE A 56 -7.07 1.09 -1.70
CA ILE A 56 -6.95 -0.21 -1.05
C ILE A 56 -7.17 -0.10 0.44
N ILE A 57 -6.37 0.71 1.10
CA ILE A 57 -6.48 0.90 2.55
C ILE A 57 -7.95 0.91 2.98
N GLN A 58 -8.75 1.73 2.31
CA GLN A 58 -10.17 1.83 2.62
C GLN A 58 -10.84 0.47 2.58
N VAL A 59 -10.51 -0.33 1.56
CA VAL A 59 -11.07 -1.66 1.40
C VAL A 59 -10.57 -2.60 2.49
N VAL A 60 -9.27 -2.85 2.50
CA VAL A 60 -8.66 -3.73 3.48
C VAL A 60 -9.02 -3.30 4.90
N ALA A 61 -9.19 -2.00 5.09
CA ALA A 61 -9.55 -1.46 6.40
C ALA A 61 -11.06 -1.39 6.57
N ASN A 62 -11.78 -1.44 5.46
CA ASN A 62 -13.24 -1.38 5.49
C ASN A 62 -13.73 -0.02 5.99
N GLU A 63 -13.01 1.04 5.60
CA GLU A 63 -13.36 2.39 6.01
C GLU A 63 -13.09 3.39 4.89
N LYS A 64 -13.62 4.60 5.04
CA LYS A 64 -13.43 5.64 4.05
C LYS A 64 -12.67 6.83 4.64
N ILE A 65 -11.65 7.29 3.92
CA ILE A 65 -10.84 8.41 4.37
C ILE A 65 -11.37 9.73 3.83
N GLU A 66 -11.80 10.61 4.73
CA GLU A 66 -12.34 11.90 4.34
C GLU A 66 -11.21 12.90 4.07
N ASP A 67 -10.01 12.56 4.53
CA ASP A 67 -8.85 13.42 4.34
C ASP A 67 -8.14 13.11 3.03
N ILE A 68 -8.93 12.77 2.01
CA ILE A 68 -8.38 12.44 0.70
C ILE A 68 -8.80 13.47 -0.35
N ASN A 69 -7.83 14.25 -0.81
CA ASN A 69 -8.11 15.28 -1.82
C ASN A 69 -8.92 14.71 -2.97
N GLY A 70 -8.39 13.66 -3.60
CA GLY A 70 -9.09 13.04 -4.72
C GLY A 70 -8.32 13.17 -6.03
N CYS A 71 -8.07 14.40 -6.44
CA CYS A 71 -7.35 14.66 -7.68
C CYS A 71 -6.28 15.74 -7.48
N PRO A 72 -5.21 15.37 -6.76
CA PRO A 72 -4.10 16.29 -6.48
C PRO A 72 -3.29 16.62 -7.72
N LYS A 73 -3.01 17.91 -7.93
CA LYS A 73 -2.24 18.35 -9.08
C LYS A 73 -1.02 19.15 -8.64
N ASN A 74 -1.16 19.89 -7.54
CA ASN A 74 -0.07 20.70 -7.02
C ASN A 74 1.03 19.82 -6.45
N ARG A 75 2.17 20.44 -6.12
CA ARG A 75 3.30 19.71 -5.57
C ARG A 75 2.93 19.04 -4.24
N SER A 76 2.36 19.83 -3.33
CA SER A 76 1.96 19.32 -2.03
C SER A 76 0.61 18.62 -2.11
N GLN A 77 -0.24 19.07 -3.02
CA GLN A 77 -1.56 18.48 -3.20
C GLN A 77 -1.49 16.96 -3.11
N MET A 78 -0.44 16.39 -3.66
CA MET A 78 -0.25 14.94 -3.63
C MET A 78 0.23 14.48 -2.27
N ILE A 79 1.05 15.29 -1.62
CA ILE A 79 1.59 14.97 -0.30
C ILE A 79 0.47 14.70 0.69
N GLU A 80 -0.44 15.65 0.81
CA GLU A 80 -1.57 15.51 1.74
C GLU A 80 -2.16 14.11 1.67
N ASN A 81 -2.57 13.72 0.47
CA ASN A 81 -3.16 12.40 0.26
C ASN A 81 -2.44 11.34 1.09
N ILE A 82 -1.21 11.02 0.68
CA ILE A 82 -0.40 10.03 1.37
C ILE A 82 -0.40 10.28 2.88
N ASP A 83 -0.37 11.55 3.26
CA ASP A 83 -0.37 11.93 4.66
C ASP A 83 -1.61 11.39 5.38
N ALA A 84 -2.77 11.63 4.78
CA ALA A 84 -4.03 11.17 5.35
C ALA A 84 -3.98 9.68 5.68
N CYS A 85 -3.46 8.89 4.74
CA CYS A 85 -3.35 7.45 4.93
C CYS A 85 -2.48 7.13 6.14
N LEU A 86 -1.37 7.84 6.28
CA LEU A 86 -0.46 7.63 7.40
C LEU A 86 -1.15 7.94 8.73
N ASN A 87 -1.86 9.06 8.76
CA ASN A 87 -2.57 9.48 9.97
C ASN A 87 -3.75 8.56 10.26
N PHE A 88 -4.40 8.10 9.20
CA PHE A 88 -5.56 7.21 9.33
C PHE A 88 -5.13 5.86 9.87
N LEU A 89 -4.00 5.36 9.40
CA LEU A 89 -3.48 4.07 9.84
C LEU A 89 -3.01 4.13 11.29
N ALA A 90 -2.32 5.21 11.63
CA ALA A 90 -1.81 5.40 12.99
C ALA A 90 -2.93 5.24 14.01
N ALA A 91 -4.07 5.88 13.75
CA ALA A 91 -5.21 5.81 14.65
C ALA A 91 -5.63 4.37 14.89
N LYS A 92 -5.20 3.47 14.01
CA LYS A 92 -5.54 2.05 14.12
C LYS A 92 -4.50 1.33 14.97
N GLY A 93 -3.34 1.95 15.16
CA GLY A 93 -2.29 1.34 15.95
C GLY A 93 -1.08 0.96 15.12
N ILE A 94 -0.85 1.69 14.04
CA ILE A 94 0.28 1.41 13.15
C ILE A 94 1.30 2.55 13.19
N ASN A 95 2.57 2.19 13.23
CA ASN A 95 3.65 3.17 13.28
C ASN A 95 3.82 3.85 11.92
N ILE A 96 3.75 5.18 11.92
CA ILE A 96 3.90 5.95 10.70
C ILE A 96 5.04 6.96 10.81
N GLN A 97 5.26 7.45 12.03
CA GLN A 97 6.31 8.42 12.27
C GLN A 97 7.53 8.15 11.38
N GLY A 98 8.00 6.91 11.40
CA GLY A 98 9.14 6.54 10.58
C GLY A 98 8.94 6.85 9.11
N LEU A 99 7.77 6.49 8.59
CA LEU A 99 7.44 6.72 7.20
C LEU A 99 7.54 8.21 6.86
N SER A 100 7.47 8.53 5.57
CA SER A 100 7.55 9.91 5.11
C SER A 100 6.74 10.11 3.84
N ALA A 101 5.65 10.87 3.95
CA ALA A 101 4.79 11.15 2.80
C ALA A 101 5.61 11.56 1.59
N GLU A 102 6.47 12.55 1.78
CA GLU A 102 7.31 13.05 0.70
C GLU A 102 8.02 11.90 -0.01
N GLU A 103 8.79 11.13 0.76
CA GLU A 103 9.53 10.00 0.20
C GLU A 103 8.61 9.11 -0.64
N ILE A 104 7.53 8.64 -0.04
CA ILE A 104 6.57 7.80 -0.74
C ILE A 104 6.20 8.37 -2.09
N ARG A 105 5.94 9.68 -2.12
CA ARG A 105 5.57 10.36 -3.35
C ARG A 105 6.67 10.23 -4.40
N ASN A 106 7.92 10.20 -3.92
CA ASN A 106 9.07 10.07 -4.83
C ASN A 106 9.21 8.64 -5.34
N GLY A 107 8.53 7.71 -4.67
CA GLY A 107 8.59 6.32 -5.08
C GLY A 107 9.76 5.58 -4.47
N ASN A 108 10.20 6.04 -3.30
CA ASN A 108 11.32 5.42 -2.61
C ASN A 108 10.92 4.06 -2.03
N LEU A 109 11.30 3.00 -2.74
CA LEU A 109 10.98 1.64 -2.29
C LEU A 109 11.07 1.53 -0.78
N LYS A 110 12.27 1.77 -0.24
CA LYS A 110 12.50 1.69 1.19
C LYS A 110 11.29 2.21 1.96
N ALA A 111 10.69 3.30 1.46
CA ALA A 111 9.53 3.89 2.10
C ALA A 111 8.29 3.04 1.88
N ILE A 112 7.83 2.98 0.63
CA ILE A 112 6.65 2.21 0.28
C ILE A 112 6.65 0.86 0.99
N LEU A 113 7.73 0.11 0.82
CA LEU A 113 7.85 -1.20 1.45
C LEU A 113 7.44 -1.14 2.92
N GLY A 114 8.00 -0.20 3.66
CA GLY A 114 7.67 -0.06 5.05
C GLY A 114 6.18 0.08 5.29
N LEU A 115 5.54 0.95 4.52
CA LEU A 115 4.11 1.19 4.64
C LEU A 115 3.33 -0.12 4.50
N PHE A 116 3.47 -0.76 3.34
CA PHE A 116 2.79 -2.02 3.07
C PHE A 116 3.25 -3.11 4.04
N PHE A 117 4.47 -2.96 4.55
CA PHE A 117 5.04 -3.92 5.48
C PHE A 117 4.34 -3.85 6.83
N SER A 118 3.85 -2.66 7.18
CA SER A 118 3.15 -2.46 8.45
C SER A 118 1.65 -2.60 8.27
N LEU A 119 1.13 -2.07 7.18
CA LEU A 119 -0.30 -2.14 6.89
C LEU A 119 -0.77 -3.59 6.81
N SER A 120 -0.05 -4.39 6.04
CA SER A 120 -0.40 -5.80 5.87
C SER A 120 -0.56 -6.48 7.22
N ARG A 121 0.18 -6.00 8.22
CA ARG A 121 0.11 -6.56 9.56
C ARG A 121 -1.20 -6.21 10.24
N TYR A 122 -1.63 -4.96 10.07
CA TYR A 122 -2.88 -4.49 10.66
C TYR A 122 -4.00 -5.48 10.42
N LYS A 123 -4.14 -5.91 9.16
CA LYS A 123 -5.19 -6.86 8.80
C LYS A 123 -4.82 -8.28 9.24
N GLN A 124 -3.69 -8.76 8.75
CA GLN A 124 -3.22 -10.10 9.10
C GLN A 124 -3.25 -10.31 10.60
N GLN A 125 -3.94 -11.36 11.04
CA GLN A 125 -4.04 -11.67 12.46
C GLN A 125 -4.93 -10.65 13.18
N GLN A 126 -5.98 -10.20 12.49
CA GLN A 126 -6.90 -9.23 13.06
C GLN A 126 -8.33 -9.78 13.09
N GLN A 127 -8.47 -11.00 13.60
CA GLN A 127 -9.78 -11.64 13.68
C GLN A 127 -10.62 -11.03 14.81
N GLN A 128 -11.53 -10.13 14.44
CA GLN A 128 -12.39 -9.47 15.40
C GLN A 128 -12.86 -10.46 16.47
N PRO A 129 -12.98 -9.97 17.72
CA PRO A 129 -13.43 -10.80 18.85
C PRO A 129 -14.90 -11.18 18.75
N GLY A 1 1.26 -21.33 -21.17
CA GLY A 1 2.33 -21.26 -22.16
C GLY A 1 3.66 -21.75 -21.61
N SER A 2 4.75 -21.15 -22.09
CA SER A 2 6.08 -21.53 -21.65
C SER A 2 6.12 -21.71 -20.13
N SER A 3 6.90 -22.68 -19.67
CA SER A 3 7.02 -22.96 -18.24
C SER A 3 7.28 -21.67 -17.47
N GLY A 4 6.97 -21.69 -16.17
CA GLY A 4 7.18 -20.52 -15.34
C GLY A 4 7.54 -20.88 -13.92
N SER A 5 6.54 -21.21 -13.12
CA SER A 5 6.77 -21.58 -11.72
C SER A 5 7.88 -22.62 -11.60
N SER A 6 8.98 -22.23 -10.97
CA SER A 6 10.12 -23.13 -10.79
C SER A 6 10.56 -23.16 -9.33
N GLY A 7 10.90 -24.36 -8.84
CA GLY A 7 11.34 -24.50 -7.47
C GLY A 7 10.65 -25.64 -6.76
N LYS A 8 11.26 -26.81 -6.80
CA LYS A 8 10.70 -28.00 -6.15
C LYS A 8 11.11 -28.07 -4.69
N ARG A 9 10.30 -27.48 -3.82
CA ARG A 9 10.58 -27.47 -2.39
C ARG A 9 11.96 -26.87 -2.11
N LYS A 10 12.26 -25.77 -2.80
CA LYS A 10 13.53 -25.09 -2.63
C LYS A 10 13.34 -23.71 -2.00
N PRO A 11 14.25 -23.32 -1.11
CA PRO A 11 14.20 -22.02 -0.43
C PRO A 11 14.49 -20.86 -1.38
N VAL A 12 13.86 -19.72 -1.12
CA VAL A 12 14.06 -18.53 -1.94
C VAL A 12 13.79 -17.26 -1.15
N ILE A 13 14.63 -16.26 -1.37
CA ILE A 13 14.48 -14.98 -0.67
C ILE A 13 13.91 -13.91 -1.59
N HIS A 14 12.99 -13.11 -1.06
CA HIS A 14 12.36 -12.04 -1.83
C HIS A 14 12.99 -10.69 -1.51
N GLY A 15 14.17 -10.45 -2.09
CA GLY A 15 14.85 -9.18 -1.85
C GLY A 15 13.94 -7.99 -1.98
N LEU A 16 14.42 -6.83 -1.55
CA LEU A 16 13.64 -5.60 -1.62
C LEU A 16 12.81 -5.56 -2.89
N GLU A 17 13.48 -5.68 -4.04
CA GLU A 17 12.81 -5.66 -5.33
C GLU A 17 11.71 -6.72 -5.39
N ASP A 18 12.03 -7.92 -4.92
CA ASP A 18 11.08 -9.03 -4.91
C ASP A 18 9.90 -8.72 -3.99
N GLN A 19 10.17 -7.94 -2.95
CA GLN A 19 9.13 -7.58 -1.99
C GLN A 19 8.08 -6.68 -2.62
N LYS A 20 8.54 -5.66 -3.34
CA LYS A 20 7.65 -4.72 -4.01
C LYS A 20 6.46 -5.45 -4.64
N ARG A 21 6.75 -6.52 -5.37
CA ARG A 21 5.72 -7.30 -6.02
C ARG A 21 4.78 -7.94 -4.99
N ILE A 22 5.35 -8.69 -4.07
CA ILE A 22 4.57 -9.36 -3.03
C ILE A 22 3.44 -8.44 -2.53
N TYR A 23 3.79 -7.21 -2.19
CA TYR A 23 2.82 -6.25 -1.70
C TYR A 23 1.88 -5.80 -2.82
N THR A 24 2.44 -5.64 -4.02
CA THR A 24 1.65 -5.22 -5.17
C THR A 24 0.45 -6.13 -5.39
N ASP A 25 0.69 -7.43 -5.39
CA ASP A 25 -0.37 -8.41 -5.59
C ASP A 25 -1.31 -8.44 -4.38
N TRP A 26 -0.74 -8.33 -3.19
CA TRP A 26 -1.52 -8.34 -1.96
C TRP A 26 -2.63 -7.30 -2.01
N ALA A 27 -2.26 -6.08 -2.40
CA ALA A 27 -3.23 -4.99 -2.49
C ALA A 27 -4.22 -5.22 -3.63
N ASN A 28 -3.70 -5.66 -4.77
CA ASN A 28 -4.53 -5.92 -5.94
C ASN A 28 -5.80 -6.68 -5.54
N HIS A 29 -5.64 -7.66 -4.65
CA HIS A 29 -6.76 -8.46 -4.19
C HIS A 29 -7.88 -7.58 -3.66
N TYR A 30 -7.52 -6.61 -2.82
CA TYR A 30 -8.50 -5.69 -2.24
C TYR A 30 -9.09 -4.78 -3.30
N LEU A 31 -8.44 -4.74 -4.47
CA LEU A 31 -8.90 -3.91 -5.58
C LEU A 31 -9.87 -4.67 -6.46
N ALA A 32 -9.43 -5.80 -6.99
CA ALA A 32 -10.26 -6.63 -7.85
C ALA A 32 -11.51 -7.09 -7.12
N LYS A 33 -11.46 -7.08 -5.80
CA LYS A 33 -12.60 -7.49 -4.98
C LYS A 33 -13.64 -6.38 -4.89
N SER A 34 -13.16 -5.15 -4.77
CA SER A 34 -14.05 -3.99 -4.67
C SER A 34 -14.53 -3.56 -6.04
N GLY A 35 -14.12 -4.30 -7.07
CA GLY A 35 -14.52 -3.96 -8.43
C GLY A 35 -13.69 -2.85 -9.02
N HIS A 36 -12.40 -3.11 -9.22
CA HIS A 36 -11.49 -2.12 -9.79
C HIS A 36 -10.92 -2.60 -11.12
N LYS A 37 -10.65 -1.66 -12.01
CA LYS A 37 -10.10 -1.98 -13.32
C LYS A 37 -8.62 -1.62 -13.40
N ARG A 38 -8.17 -0.78 -12.48
CA ARG A 38 -6.78 -0.36 -12.44
C ARG A 38 -6.01 -1.11 -11.36
N LEU A 39 -4.87 -1.69 -11.74
CA LEU A 39 -4.05 -2.45 -10.81
C LEU A 39 -2.75 -1.70 -10.50
N ILE A 40 -2.01 -2.21 -9.52
CA ILE A 40 -0.74 -1.58 -9.14
C ILE A 40 0.43 -2.18 -9.91
N ARG A 41 1.01 -1.39 -10.80
CA ARG A 41 2.14 -1.83 -11.59
C ARG A 41 3.46 -1.59 -10.87
N ASP A 42 3.71 -0.34 -10.52
CA ASP A 42 4.93 0.04 -9.82
C ASP A 42 4.61 0.55 -8.40
N LEU A 43 4.80 -0.32 -7.42
CA LEU A 43 4.54 0.03 -6.04
C LEU A 43 5.22 1.34 -5.67
N GLN A 44 6.24 1.70 -6.44
CA GLN A 44 6.99 2.93 -6.20
C GLN A 44 6.30 4.12 -6.85
N GLN A 45 5.58 3.85 -7.95
CA GLN A 45 4.89 4.90 -8.67
C GLN A 45 3.37 4.76 -8.50
N ASP A 46 2.97 3.86 -7.62
CA ASP A 46 1.55 3.63 -7.36
C ASP A 46 1.07 4.44 -6.16
N VAL A 47 1.94 4.61 -5.18
CA VAL A 47 1.61 5.36 -3.97
C VAL A 47 2.22 6.76 -4.02
N THR A 48 2.38 7.29 -5.23
CA THR A 48 2.95 8.62 -5.41
C THR A 48 1.89 9.70 -5.26
N ASP A 49 0.66 9.38 -5.66
CA ASP A 49 -0.45 10.32 -5.56
C ASP A 49 -1.27 10.06 -4.29
N GLY A 50 -1.08 8.88 -3.70
CA GLY A 50 -1.81 8.54 -2.50
C GLY A 50 -3.24 8.11 -2.79
N VAL A 51 -3.68 8.32 -4.02
CA VAL A 51 -5.04 7.96 -4.42
C VAL A 51 -5.21 6.44 -4.46
N LEU A 52 -4.58 5.80 -5.43
CA LEU A 52 -4.66 4.35 -5.58
C LEU A 52 -4.32 3.65 -4.27
N LEU A 53 -3.44 4.28 -3.49
CA LEU A 53 -3.04 3.71 -2.20
C LEU A 53 -4.23 3.60 -1.26
N ALA A 54 -4.97 4.70 -1.11
CA ALA A 54 -6.14 4.71 -0.24
C ALA A 54 -7.18 3.69 -0.69
N GLN A 55 -7.46 3.68 -1.99
CA GLN A 55 -8.44 2.76 -2.55
C GLN A 55 -8.34 1.39 -1.89
N ILE A 56 -7.12 0.95 -1.63
CA ILE A 56 -6.89 -0.34 -0.99
C ILE A 56 -7.13 -0.27 0.51
N ILE A 57 -6.51 0.71 1.16
CA ILE A 57 -6.67 0.89 2.60
C ILE A 57 -8.15 0.92 3.00
N GLN A 58 -8.92 1.77 2.34
CA GLN A 58 -10.34 1.89 2.62
C GLN A 58 -11.03 0.54 2.49
N VAL A 59 -10.37 -0.40 1.83
CA VAL A 59 -10.92 -1.74 1.63
C VAL A 59 -10.46 -2.69 2.72
N VAL A 60 -9.14 -2.85 2.83
CA VAL A 60 -8.57 -3.74 3.85
C VAL A 60 -8.96 -3.29 5.25
N ALA A 61 -9.26 -2.00 5.39
CA ALA A 61 -9.66 -1.45 6.69
C ALA A 61 -11.17 -1.30 6.78
N ASN A 62 -11.84 -1.35 5.64
CA ASN A 62 -13.29 -1.21 5.60
C ASN A 62 -13.73 0.14 6.12
N GLU A 63 -13.09 1.20 5.62
CA GLU A 63 -13.41 2.56 6.05
C GLU A 63 -13.12 3.55 4.93
N LYS A 64 -13.73 4.73 5.02
CA LYS A 64 -13.53 5.77 4.02
C LYS A 64 -12.75 6.95 4.60
N ILE A 65 -11.81 7.47 3.82
CA ILE A 65 -11.00 8.59 4.25
C ILE A 65 -11.50 9.90 3.66
N GLU A 66 -11.96 10.79 4.52
CA GLU A 66 -12.47 12.09 4.09
C GLU A 66 -11.33 13.05 3.77
N ASP A 67 -10.17 12.79 4.38
CA ASP A 67 -9.01 13.64 4.17
C ASP A 67 -8.28 13.25 2.89
N ILE A 68 -9.05 12.97 1.84
CA ILE A 68 -8.47 12.58 0.56
C ILE A 68 -8.84 13.59 -0.54
N ASN A 69 -7.85 14.34 -1.00
CA ASN A 69 -8.07 15.33 -2.04
C ASN A 69 -8.83 14.74 -3.21
N GLY A 70 -8.18 13.83 -3.94
CA GLY A 70 -8.81 13.19 -5.07
C GLY A 70 -7.92 13.19 -6.30
N CYS A 71 -7.73 14.37 -6.90
CA CYS A 71 -6.90 14.49 -8.09
C CYS A 71 -5.86 15.59 -7.90
N PRO A 72 -4.75 15.24 -7.23
CA PRO A 72 -3.66 16.18 -6.96
C PRO A 72 -2.88 16.54 -8.23
N LYS A 73 -2.48 17.80 -8.34
CA LYS A 73 -1.73 18.27 -9.50
C LYS A 73 -0.41 18.91 -9.08
N ASN A 74 -0.44 19.62 -7.96
CA ASN A 74 0.75 20.28 -7.44
C ASN A 74 1.68 19.27 -6.75
N ARG A 75 2.80 19.77 -6.23
CA ARG A 75 3.77 18.91 -5.56
C ARG A 75 3.22 18.45 -4.21
N SER A 76 2.83 19.40 -3.37
CA SER A 76 2.29 19.09 -2.05
C SER A 76 0.90 18.47 -2.16
N GLN A 77 0.14 18.92 -3.14
CA GLN A 77 -1.21 18.41 -3.36
C GLN A 77 -1.26 16.91 -3.15
N MET A 78 -0.21 16.22 -3.57
CA MET A 78 -0.13 14.77 -3.43
C MET A 78 0.28 14.38 -2.01
N ILE A 79 1.11 15.22 -1.39
CA ILE A 79 1.57 14.96 -0.04
C ILE A 79 0.41 14.69 0.90
N GLU A 80 -0.62 15.54 0.82
CA GLU A 80 -1.79 15.40 1.66
C GLU A 80 -2.34 13.97 1.60
N ASN A 81 -2.79 13.58 0.41
CA ASN A 81 -3.35 12.25 0.20
C ASN A 81 -2.61 11.22 1.05
N ILE A 82 -1.38 10.90 0.66
CA ILE A 82 -0.57 9.94 1.38
C ILE A 82 -0.56 10.23 2.88
N ASP A 83 -0.56 11.51 3.22
CA ASP A 83 -0.55 11.93 4.61
C ASP A 83 -1.79 11.43 5.33
N ALA A 84 -2.96 11.65 4.73
CA ALA A 84 -4.22 11.22 5.32
C ALA A 84 -4.18 9.73 5.64
N CYS A 85 -3.64 8.94 4.72
CA CYS A 85 -3.56 7.49 4.90
C CYS A 85 -2.70 7.15 6.12
N LEU A 86 -1.62 7.91 6.31
CA LEU A 86 -0.71 7.69 7.42
C LEU A 86 -1.41 7.99 8.75
N ASN A 87 -2.04 9.15 8.84
CA ASN A 87 -2.73 9.56 10.05
C ASN A 87 -3.93 8.67 10.31
N PHE A 88 -4.57 8.21 9.23
CA PHE A 88 -5.74 7.35 9.35
C PHE A 88 -5.34 5.95 9.85
N LEU A 89 -4.21 5.45 9.35
CA LEU A 89 -3.72 4.14 9.75
C LEU A 89 -3.18 4.16 11.17
N ALA A 90 -2.46 5.22 11.50
CA ALA A 90 -1.89 5.37 12.84
C ALA A 90 -2.97 5.20 13.91
N ALA A 91 -4.16 5.73 13.63
CA ALA A 91 -5.27 5.65 14.57
C ALA A 91 -5.72 4.21 14.75
N LYS A 92 -5.40 3.36 13.78
CA LYS A 92 -5.78 1.96 13.84
C LYS A 92 -4.74 1.15 14.60
N GLY A 93 -3.54 1.70 14.74
CA GLY A 93 -2.48 1.02 15.45
C GLY A 93 -1.31 0.66 14.55
N ILE A 94 -1.07 1.49 13.55
CA ILE A 94 0.03 1.26 12.61
C ILE A 94 1.07 2.37 12.69
N ASN A 95 2.32 1.99 12.96
CA ASN A 95 3.40 2.95 13.06
C ASN A 95 3.58 3.70 11.74
N ILE A 96 3.71 5.02 11.83
CA ILE A 96 3.89 5.85 10.65
C ILE A 96 5.10 6.77 10.80
N GLN A 97 5.41 7.13 12.04
CA GLN A 97 6.54 8.00 12.32
C GLN A 97 7.71 7.71 11.38
N GLY A 98 8.10 6.43 11.30
CA GLY A 98 9.19 6.05 10.43
C GLY A 98 8.94 6.43 8.98
N LEU A 99 7.74 6.14 8.50
CA LEU A 99 7.39 6.46 7.11
C LEU A 99 7.48 7.96 6.86
N SER A 100 7.51 8.32 5.58
CA SER A 100 7.60 9.73 5.20
C SER A 100 6.86 9.99 3.89
N ALA A 101 5.74 10.69 3.98
CA ALA A 101 4.94 11.00 2.80
C ALA A 101 5.81 11.48 1.65
N GLU A 102 6.69 12.43 1.93
CA GLU A 102 7.59 12.97 0.92
C GLU A 102 8.36 11.85 0.22
N GLU A 103 8.97 10.98 1.01
CA GLU A 103 9.75 9.87 0.45
C GLU A 103 8.86 9.00 -0.44
N ILE A 104 7.67 8.67 0.04
CA ILE A 104 6.74 7.85 -0.72
C ILE A 104 6.40 8.49 -2.06
N ARG A 105 6.18 9.80 -2.04
CA ARG A 105 5.86 10.53 -3.27
C ARG A 105 7.02 10.50 -4.25
N ASN A 106 8.24 10.43 -3.71
CA ASN A 106 9.44 10.40 -4.54
C ASN A 106 9.61 9.03 -5.19
N GLY A 107 9.07 7.99 -4.54
CA GLY A 107 9.18 6.65 -5.06
C GLY A 107 10.27 5.85 -4.36
N ASN A 108 10.69 6.31 -3.19
CA ASN A 108 11.74 5.63 -2.43
C ASN A 108 11.25 4.27 -1.94
N LEU A 109 11.71 3.21 -2.59
CA LEU A 109 11.33 1.86 -2.21
C LEU A 109 11.29 1.71 -0.69
N LYS A 110 12.41 1.99 -0.04
CA LYS A 110 12.50 1.89 1.42
C LYS A 110 11.22 2.41 2.07
N ALA A 111 10.70 3.51 1.55
CA ALA A 111 9.48 4.11 2.08
C ALA A 111 8.25 3.29 1.71
N ILE A 112 7.98 3.20 0.40
CA ILE A 112 6.84 2.45 -0.08
C ILE A 112 6.76 1.07 0.57
N LEU A 113 7.80 0.28 0.38
CA LEU A 113 7.86 -1.06 0.96
C LEU A 113 7.48 -1.03 2.43
N GLY A 114 8.05 -0.09 3.17
CA GLY A 114 7.76 0.03 4.59
C GLY A 114 6.28 0.19 4.87
N LEU A 115 5.61 0.97 4.02
CA LEU A 115 4.18 1.21 4.17
C LEU A 115 3.39 -0.09 4.09
N PHE A 116 3.51 -0.78 2.96
CA PHE A 116 2.80 -2.04 2.75
C PHE A 116 3.30 -3.10 3.73
N PHE A 117 4.47 -2.86 4.31
CA PHE A 117 5.05 -3.79 5.27
C PHE A 117 4.27 -3.78 6.59
N SER A 118 3.87 -2.58 7.01
CA SER A 118 3.12 -2.43 8.25
C SER A 118 1.62 -2.57 8.01
N LEU A 119 1.14 -1.93 6.96
CA LEU A 119 -0.28 -1.98 6.61
C LEU A 119 -0.76 -3.42 6.53
N SER A 120 0.02 -4.28 5.89
CA SER A 120 -0.33 -5.68 5.75
C SER A 120 -0.49 -6.34 7.11
N ARG A 121 0.13 -5.74 8.13
CA ARG A 121 0.06 -6.28 9.49
C ARG A 121 -1.28 -5.95 10.13
N TYR A 122 -1.72 -4.70 9.98
CA TYR A 122 -2.99 -4.27 10.55
C TYR A 122 -4.10 -5.26 10.25
N LYS A 123 -3.93 -6.00 9.16
CA LYS A 123 -4.92 -7.00 8.75
C LYS A 123 -4.55 -8.38 9.29
N GLN A 124 -3.36 -8.86 8.92
CA GLN A 124 -2.90 -10.17 9.36
C GLN A 124 -2.95 -10.28 10.88
N GLN A 125 -3.00 -9.14 11.56
CA GLN A 125 -3.06 -9.12 13.01
C GLN A 125 -4.51 -9.23 13.50
N GLN A 126 -5.43 -8.74 12.70
CA GLN A 126 -6.85 -8.79 13.04
C GLN A 126 -7.48 -10.11 12.59
N GLN A 127 -6.78 -11.20 12.84
CA GLN A 127 -7.26 -12.53 12.47
C GLN A 127 -8.73 -12.70 12.86
N GLN A 128 -9.49 -13.39 12.01
CA GLN A 128 -10.90 -13.62 12.28
C GLN A 128 -11.12 -15.01 12.87
N PRO A 129 -12.12 -15.13 13.75
CA PRO A 129 -12.46 -16.40 14.41
C PRO A 129 -13.07 -17.41 13.44
N GLY A 1 -6.40 -11.68 -18.70
CA GLY A 1 -6.04 -13.09 -18.78
C GLY A 1 -5.26 -13.56 -17.57
N SER A 2 -5.32 -14.86 -17.30
CA SER A 2 -4.61 -15.43 -16.16
C SER A 2 -3.10 -15.35 -16.36
N SER A 3 -2.63 -15.91 -17.46
CA SER A 3 -1.20 -15.91 -17.78
C SER A 3 -0.41 -16.66 -16.72
N GLY A 4 -0.94 -17.80 -16.29
CA GLY A 4 -0.28 -18.60 -15.28
C GLY A 4 -0.79 -18.31 -13.88
N SER A 5 0.10 -18.43 -12.90
CA SER A 5 -0.27 -18.19 -11.51
C SER A 5 0.98 -18.09 -10.62
N SER A 6 1.18 -16.92 -10.03
CA SER A 6 2.33 -16.69 -9.17
C SER A 6 2.05 -17.16 -7.74
N GLY A 7 2.35 -18.41 -7.46
CA GLY A 7 2.12 -18.96 -6.14
C GLY A 7 3.40 -19.45 -5.47
N LYS A 8 3.49 -19.26 -4.16
CA LYS A 8 4.66 -19.67 -3.40
C LYS A 8 4.92 -21.16 -3.58
N ARG A 9 5.87 -21.49 -4.46
CA ARG A 9 6.20 -22.89 -4.71
C ARG A 9 7.34 -23.35 -3.80
N LYS A 10 8.50 -22.74 -3.96
CA LYS A 10 9.66 -23.08 -3.14
C LYS A 10 10.08 -21.91 -2.26
N PRO A 11 10.76 -22.22 -1.15
CA PRO A 11 11.23 -21.21 -0.20
C PRO A 11 12.36 -20.34 -0.78
N VAL A 12 12.12 -19.04 -0.85
CA VAL A 12 13.12 -18.11 -1.38
C VAL A 12 12.96 -16.73 -0.75
N ILE A 13 14.09 -16.06 -0.52
CA ILE A 13 14.08 -14.73 0.07
C ILE A 13 13.58 -13.69 -0.93
N HIS A 14 13.03 -12.61 -0.41
CA HIS A 14 12.51 -11.54 -1.26
C HIS A 14 13.16 -10.20 -0.90
N GLY A 15 14.24 -9.87 -1.60
CA GLY A 15 14.94 -8.63 -1.35
C GLY A 15 14.03 -7.42 -1.39
N LEU A 16 14.58 -6.25 -1.14
CA LEU A 16 13.80 -5.02 -1.15
C LEU A 16 12.99 -4.88 -2.43
N GLU A 17 13.66 -5.08 -3.56
CA GLU A 17 13.01 -4.98 -4.86
C GLU A 17 11.97 -6.08 -5.03
N ASP A 18 12.21 -7.23 -4.40
CA ASP A 18 11.29 -8.35 -4.47
C ASP A 18 10.03 -8.07 -3.68
N GLN A 19 10.18 -7.49 -2.50
CA GLN A 19 9.05 -7.17 -1.64
C GLN A 19 8.03 -6.32 -2.39
N LYS A 20 8.52 -5.39 -3.19
CA LYS A 20 7.65 -4.51 -3.96
C LYS A 20 6.57 -5.30 -4.69
N ARG A 21 6.93 -6.50 -5.14
CA ARG A 21 6.00 -7.36 -5.85
C ARG A 21 5.05 -8.07 -4.88
N ILE A 22 5.61 -8.55 -3.78
CA ILE A 22 4.81 -9.24 -2.77
C ILE A 22 3.61 -8.40 -2.34
N TYR A 23 3.89 -7.14 -2.00
CA TYR A 23 2.83 -6.23 -1.57
C TYR A 23 1.89 -5.89 -2.72
N THR A 24 2.47 -5.57 -3.88
CA THR A 24 1.70 -5.23 -5.05
C THR A 24 0.50 -6.16 -5.22
N ASP A 25 0.77 -7.46 -5.16
CA ASP A 25 -0.29 -8.46 -5.29
C ASP A 25 -1.25 -8.41 -4.11
N TRP A 26 -0.69 -8.24 -2.91
CA TRP A 26 -1.49 -8.18 -1.70
C TRP A 26 -2.56 -7.10 -1.81
N ALA A 27 -2.16 -5.92 -2.29
CA ALA A 27 -3.09 -4.81 -2.45
C ALA A 27 -4.04 -5.04 -3.62
N ASN A 28 -3.48 -5.48 -4.74
CA ASN A 28 -4.28 -5.75 -5.94
C ASN A 28 -5.52 -6.57 -5.60
N HIS A 29 -5.34 -7.55 -4.71
CA HIS A 29 -6.44 -8.41 -4.30
C HIS A 29 -7.60 -7.59 -3.74
N TYR A 30 -7.27 -6.55 -2.98
CA TYR A 30 -8.28 -5.68 -2.38
C TYR A 30 -8.92 -4.78 -3.44
N LEU A 31 -8.19 -4.57 -4.53
CA LEU A 31 -8.68 -3.72 -5.61
C LEU A 31 -9.65 -4.49 -6.51
N ALA A 32 -9.21 -5.64 -7.00
CA ALA A 32 -10.03 -6.48 -7.86
C ALA A 32 -11.34 -6.86 -7.17
N LYS A 33 -11.25 -7.19 -5.89
CA LYS A 33 -12.43 -7.56 -5.11
C LYS A 33 -13.46 -6.44 -5.10
N SER A 34 -12.98 -5.21 -4.95
CA SER A 34 -13.86 -4.05 -4.92
C SER A 34 -14.11 -3.52 -6.33
N GLY A 35 -14.21 -4.43 -7.29
CA GLY A 35 -14.44 -4.04 -8.67
C GLY A 35 -13.57 -2.89 -9.10
N HIS A 36 -12.27 -3.13 -9.19
CA HIS A 36 -11.32 -2.09 -9.58
C HIS A 36 -10.47 -2.57 -10.77
N LYS A 37 -11.02 -2.45 -11.97
CA LYS A 37 -10.32 -2.87 -13.17
C LYS A 37 -8.82 -2.60 -13.05
N ARG A 38 -8.44 -1.33 -13.16
CA ARG A 38 -7.04 -0.94 -13.06
C ARG A 38 -6.35 -1.70 -11.92
N LEU A 39 -5.04 -1.90 -12.05
CA LEU A 39 -4.27 -2.59 -11.04
C LEU A 39 -3.01 -1.81 -10.67
N ILE A 40 -2.18 -2.40 -9.81
CA ILE A 40 -0.95 -1.75 -9.38
C ILE A 40 0.26 -2.33 -10.10
N ARG A 41 0.97 -1.49 -10.83
CA ARG A 41 2.15 -1.92 -11.57
C ARG A 41 3.42 -1.72 -10.75
N ASP A 42 3.69 -0.48 -10.38
CA ASP A 42 4.87 -0.15 -9.59
C ASP A 42 4.47 0.39 -8.22
N LEU A 43 4.49 -0.48 -7.22
CA LEU A 43 4.13 -0.10 -5.85
C LEU A 43 4.73 1.26 -5.49
N GLN A 44 5.82 1.62 -6.18
CA GLN A 44 6.48 2.89 -5.94
C GLN A 44 5.71 4.05 -6.56
N GLN A 45 5.19 3.82 -7.77
CA GLN A 45 4.42 4.84 -8.46
C GLN A 45 2.95 4.81 -8.04
N ASP A 46 2.37 3.63 -8.04
CA ASP A 46 0.97 3.46 -7.65
C ASP A 46 0.66 4.28 -6.41
N VAL A 47 1.69 4.61 -5.63
CA VAL A 47 1.52 5.40 -4.42
C VAL A 47 2.21 6.74 -4.54
N THR A 48 2.11 7.36 -5.70
CA THR A 48 2.73 8.65 -5.95
C THR A 48 1.78 9.80 -5.59
N ASP A 49 0.49 9.57 -5.82
CA ASP A 49 -0.52 10.58 -5.52
C ASP A 49 -1.31 10.20 -4.27
N GLY A 50 -1.20 8.93 -3.88
CA GLY A 50 -1.92 8.47 -2.70
C GLY A 50 -3.30 7.95 -3.03
N VAL A 51 -3.83 8.36 -4.18
CA VAL A 51 -5.15 7.93 -4.62
C VAL A 51 -5.26 6.41 -4.65
N LEU A 52 -4.56 5.80 -5.60
CA LEU A 52 -4.56 4.35 -5.74
C LEU A 52 -4.20 3.67 -4.42
N LEU A 53 -3.35 4.32 -3.64
CA LEU A 53 -2.92 3.78 -2.35
C LEU A 53 -4.10 3.62 -1.41
N ALA A 54 -4.83 4.72 -1.17
CA ALA A 54 -5.99 4.70 -0.29
C ALA A 54 -7.03 3.70 -0.80
N GLN A 55 -7.23 3.67 -2.11
CA GLN A 55 -8.20 2.76 -2.70
C GLN A 55 -8.18 1.40 -2.01
N ILE A 56 -7.00 0.96 -1.61
CA ILE A 56 -6.85 -0.32 -0.93
C ILE A 56 -7.08 -0.18 0.57
N ILE A 57 -6.34 0.72 1.21
CA ILE A 57 -6.48 0.96 2.64
C ILE A 57 -7.95 0.98 3.05
N GLN A 58 -8.72 1.85 2.41
CA GLN A 58 -10.15 1.97 2.71
C GLN A 58 -10.84 0.61 2.64
N VAL A 59 -10.42 -0.20 1.67
CA VAL A 59 -11.00 -1.53 1.49
C VAL A 59 -10.59 -2.46 2.62
N VAL A 60 -9.30 -2.79 2.67
CA VAL A 60 -8.77 -3.69 3.69
C VAL A 60 -9.19 -3.22 5.08
N ALA A 61 -9.35 -1.91 5.24
CA ALA A 61 -9.75 -1.34 6.52
C ALA A 61 -11.26 -1.24 6.62
N ASN A 62 -11.93 -1.15 5.48
CA ASN A 62 -13.38 -1.04 5.45
C ASN A 62 -13.84 0.33 5.93
N GLU A 63 -13.03 1.35 5.67
CA GLU A 63 -13.34 2.71 6.07
C GLU A 63 -13.02 3.70 4.96
N LYS A 64 -13.70 4.84 4.98
CA LYS A 64 -13.50 5.88 3.96
C LYS A 64 -12.70 7.04 4.54
N ILE A 65 -11.64 7.43 3.82
CA ILE A 65 -10.81 8.53 4.27
C ILE A 65 -11.29 9.86 3.70
N GLU A 66 -11.63 10.79 4.59
CA GLU A 66 -12.11 12.10 4.18
C GLU A 66 -10.95 13.06 3.94
N ASP A 67 -9.78 12.72 4.48
CA ASP A 67 -8.59 13.54 4.32
C ASP A 67 -7.88 13.24 3.01
N ILE A 68 -8.66 12.88 1.99
CA ILE A 68 -8.10 12.56 0.68
C ILE A 68 -8.53 13.57 -0.37
N ASN A 69 -7.55 14.16 -1.05
CA ASN A 69 -7.82 15.15 -2.07
C ASN A 69 -8.53 14.52 -3.27
N GLY A 70 -7.86 13.58 -3.91
CA GLY A 70 -8.44 12.90 -5.07
C GLY A 70 -7.75 13.27 -6.36
N CYS A 71 -7.83 14.55 -6.74
CA CYS A 71 -7.22 15.03 -7.97
C CYS A 71 -6.20 16.12 -7.68
N PRO A 72 -4.96 15.70 -7.32
CA PRO A 72 -3.88 16.63 -7.01
C PRO A 72 -3.38 17.38 -8.23
N LYS A 73 -3.15 18.68 -8.07
CA LYS A 73 -2.67 19.52 -9.17
C LYS A 73 -1.23 19.96 -8.93
N ASN A 74 -0.95 20.41 -7.70
CA ASN A 74 0.39 20.86 -7.34
C ASN A 74 1.24 19.70 -6.87
N ARG A 75 2.54 19.95 -6.73
CA ARG A 75 3.48 18.92 -6.29
C ARG A 75 3.29 18.62 -4.80
N SER A 76 2.76 19.59 -4.07
CA SER A 76 2.54 19.43 -2.64
C SER A 76 1.16 18.85 -2.37
N GLN A 77 0.22 19.12 -3.28
CA GLN A 77 -1.14 18.61 -3.15
C GLN A 77 -1.15 17.10 -2.95
N MET A 78 -0.13 16.43 -3.49
CA MET A 78 -0.03 14.98 -3.37
C MET A 78 0.37 14.58 -1.95
N ILE A 79 1.33 15.30 -1.38
CA ILE A 79 1.80 15.01 -0.03
C ILE A 79 0.63 14.71 0.90
N GLU A 80 -0.33 15.63 0.97
CA GLU A 80 -1.50 15.46 1.82
C GLU A 80 -2.10 14.07 1.62
N ASN A 81 -2.42 13.73 0.39
CA ASN A 81 -3.01 12.44 0.07
C ASN A 81 -2.39 11.33 0.92
N ILE A 82 -1.12 11.02 0.65
CA ILE A 82 -0.41 9.99 1.38
C ILE A 82 -0.44 10.27 2.88
N ASP A 83 -0.20 11.51 3.25
CA ASP A 83 -0.21 11.92 4.66
C ASP A 83 -1.46 11.39 5.37
N ALA A 84 -2.63 11.70 4.81
CA ALA A 84 -3.89 11.27 5.38
C ALA A 84 -3.87 9.76 5.66
N CYS A 85 -3.37 9.00 4.70
CA CYS A 85 -3.31 7.54 4.83
C CYS A 85 -2.42 7.15 6.02
N LEU A 86 -1.21 7.70 6.05
CA LEU A 86 -0.26 7.41 7.13
C LEU A 86 -0.91 7.62 8.49
N ASN A 87 -1.58 8.75 8.65
CA ASN A 87 -2.25 9.08 9.90
C ASN A 87 -3.45 8.17 10.14
N PHE A 88 -4.22 7.94 9.07
CA PHE A 88 -5.40 7.10 9.16
C PHE A 88 -5.03 5.70 9.66
N LEU A 89 -3.88 5.21 9.23
CA LEU A 89 -3.41 3.88 9.63
C LEU A 89 -3.01 3.87 11.10
N ALA A 90 -2.09 4.76 11.47
CA ALA A 90 -1.62 4.85 12.85
C ALA A 90 -2.79 4.79 13.82
N ALA A 91 -3.88 5.48 13.49
CA ALA A 91 -5.06 5.49 14.33
C ALA A 91 -5.64 4.09 14.51
N LYS A 92 -5.63 3.31 13.43
CA LYS A 92 -6.15 1.95 13.47
C LYS A 92 -5.34 1.08 14.41
N GLY A 93 -4.08 1.46 14.61
CA GLY A 93 -3.21 0.71 15.50
C GLY A 93 -1.99 0.16 14.79
N ILE A 94 -1.46 0.94 13.85
CA ILE A 94 -0.28 0.54 13.09
C ILE A 94 0.87 1.50 13.31
N ASN A 95 2.10 1.02 13.13
CA ASN A 95 3.28 1.83 13.31
C ASN A 95 3.71 2.47 11.98
N ILE A 96 3.62 3.80 11.91
CA ILE A 96 4.00 4.53 10.72
C ILE A 96 5.28 5.33 10.93
N GLN A 97 5.59 5.59 12.20
CA GLN A 97 6.79 6.35 12.55
C GLN A 97 7.98 5.88 11.72
N GLY A 98 8.58 6.81 10.98
CA GLY A 98 9.73 6.48 10.15
C GLY A 98 9.48 6.77 8.68
N LEU A 99 8.24 6.61 8.24
CA LEU A 99 7.88 6.86 6.85
C LEU A 99 7.98 8.34 6.51
N SER A 100 7.77 8.67 5.24
CA SER A 100 7.84 10.06 4.80
C SER A 100 6.95 10.28 3.58
N ALA A 101 5.83 10.96 3.80
CA ALA A 101 4.88 11.25 2.73
C ALA A 101 5.60 11.71 1.47
N GLU A 102 6.50 12.67 1.63
CA GLU A 102 7.27 13.20 0.51
C GLU A 102 7.99 12.08 -0.24
N GLU A 103 8.77 11.31 0.49
CA GLU A 103 9.52 10.20 -0.11
C GLU A 103 8.61 9.32 -0.94
N ILE A 104 7.53 8.84 -0.33
CA ILE A 104 6.58 7.99 -1.02
C ILE A 104 6.20 8.56 -2.38
N ARG A 105 5.81 9.83 -2.39
CA ARG A 105 5.43 10.50 -3.62
C ARG A 105 6.54 10.40 -4.67
N ASN A 106 7.79 10.34 -4.19
CA ASN A 106 8.93 10.24 -5.08
C ASN A 106 9.14 8.80 -5.54
N GLY A 107 8.48 7.86 -4.87
CA GLY A 107 8.61 6.46 -5.22
C GLY A 107 9.74 5.78 -4.47
N ASN A 108 10.09 6.32 -3.31
CA ASN A 108 11.16 5.76 -2.50
C ASN A 108 10.77 4.38 -1.97
N LEU A 109 11.27 3.33 -2.63
CA LEU A 109 10.98 1.97 -2.22
C LEU A 109 10.93 1.85 -0.71
N LYS A 110 12.10 1.97 -0.08
CA LYS A 110 12.19 1.88 1.38
C LYS A 110 10.96 2.46 2.04
N ALA A 111 10.49 3.60 1.53
CA ALA A 111 9.31 4.27 2.08
C ALA A 111 8.05 3.44 1.81
N ILE A 112 7.72 3.27 0.54
CA ILE A 112 6.55 2.51 0.16
C ILE A 112 6.55 1.13 0.80
N LEU A 113 7.61 0.37 0.58
CA LEU A 113 7.74 -0.96 1.14
C LEU A 113 7.43 -0.96 2.63
N GLY A 114 8.13 -0.10 3.36
CA GLY A 114 7.93 -0.01 4.79
C GLY A 114 6.47 0.18 5.16
N LEU A 115 5.77 1.01 4.39
CA LEU A 115 4.36 1.28 4.64
C LEU A 115 3.53 0.00 4.56
N PHE A 116 3.60 -0.65 3.39
CA PHE A 116 2.86 -1.90 3.18
C PHE A 116 3.35 -2.99 4.12
N PHE A 117 4.54 -2.79 4.69
CA PHE A 117 5.13 -3.76 5.60
C PHE A 117 4.41 -3.73 6.95
N SER A 118 4.01 -2.53 7.37
CA SER A 118 3.32 -2.36 8.64
C SER A 118 1.80 -2.40 8.46
N LEU A 119 1.34 -1.87 7.33
CA LEU A 119 -0.09 -1.84 7.03
C LEU A 119 -0.68 -3.25 7.04
N SER A 120 -0.10 -4.13 6.22
CA SER A 120 -0.57 -5.50 6.14
C SER A 120 -0.82 -6.08 7.53
N ARG A 121 0.09 -5.78 8.46
CA ARG A 121 -0.03 -6.26 9.83
C ARG A 121 -1.44 -6.06 10.36
N TYR A 122 -1.95 -4.84 10.23
CA TYR A 122 -3.29 -4.52 10.71
C TYR A 122 -4.26 -5.64 10.39
N LYS A 123 -4.31 -6.04 9.12
CA LYS A 123 -5.20 -7.11 8.68
C LYS A 123 -4.69 -8.48 9.16
N GLN A 124 -3.41 -8.73 8.93
CA GLN A 124 -2.80 -9.99 9.34
C GLN A 124 -3.10 -10.29 10.80
N GLN A 125 -3.59 -11.50 11.05
CA GLN A 125 -3.93 -11.92 12.41
C GLN A 125 -5.18 -11.21 12.91
N GLN A 126 -6.11 -10.95 11.99
CA GLN A 126 -7.35 -10.27 12.33
C GLN A 126 -8.55 -11.11 11.93
N GLN A 127 -8.50 -12.41 12.24
CA GLN A 127 -9.59 -13.32 11.91
C GLN A 127 -10.18 -13.95 13.17
N GLN A 128 -9.31 -14.31 14.10
CA GLN A 128 -9.74 -14.92 15.35
C GLN A 128 -9.87 -13.88 16.46
N PRO A 129 -10.96 -13.95 17.22
CA PRO A 129 -11.23 -13.01 18.32
C PRO A 129 -10.29 -13.23 19.50
N GLY A 1 1.37 -15.91 -16.30
CA GLY A 1 1.69 -16.34 -14.95
C GLY A 1 1.33 -17.79 -14.71
N SER A 2 2.23 -18.53 -14.07
CA SER A 2 1.99 -19.93 -13.77
C SER A 2 1.44 -20.11 -12.37
N SER A 3 0.20 -20.58 -12.29
CA SER A 3 -0.45 -20.79 -10.99
C SER A 3 -0.28 -22.24 -10.53
N GLY A 4 -0.15 -22.43 -9.23
CA GLY A 4 0.02 -23.77 -8.68
C GLY A 4 0.82 -23.77 -7.40
N SER A 5 0.57 -24.75 -6.54
CA SER A 5 1.26 -24.87 -5.26
C SER A 5 2.61 -25.56 -5.45
N SER A 6 3.53 -25.33 -4.52
CA SER A 6 4.86 -25.92 -4.58
C SER A 6 4.85 -27.31 -3.96
N GLY A 7 5.88 -28.10 -4.28
CA GLY A 7 5.98 -29.44 -3.75
C GLY A 7 7.00 -29.55 -2.63
N LYS A 8 6.56 -29.31 -1.40
CA LYS A 8 7.44 -29.38 -0.25
C LYS A 8 8.63 -28.45 -0.41
N ARG A 9 8.35 -27.19 -0.72
CA ARG A 9 9.40 -26.19 -0.91
C ARG A 9 9.49 -25.26 0.30
N LYS A 10 10.67 -24.72 0.53
CA LYS A 10 10.89 -23.81 1.65
C LYS A 10 10.67 -22.36 1.22
N PRO A 11 10.28 -21.51 2.18
CA PRO A 11 10.03 -20.08 1.92
C PRO A 11 11.32 -19.32 1.64
N VAL A 12 11.60 -19.10 0.36
CA VAL A 12 12.81 -18.38 -0.03
C VAL A 12 12.78 -16.94 0.46
N ILE A 13 13.89 -16.24 0.30
CA ILE A 13 13.99 -14.86 0.73
C ILE A 13 13.36 -13.92 -0.30
N HIS A 14 12.87 -12.77 0.16
CA HIS A 14 12.25 -11.79 -0.70
C HIS A 14 12.88 -10.41 -0.52
N GLY A 15 14.06 -10.22 -1.10
CA GLY A 15 14.74 -8.95 -0.98
C GLY A 15 13.81 -7.76 -1.16
N LEU A 16 14.24 -6.59 -0.70
CA LEU A 16 13.45 -5.39 -0.82
C LEU A 16 12.70 -5.34 -2.15
N GLU A 17 13.45 -5.52 -3.24
CA GLU A 17 12.85 -5.50 -4.57
C GLU A 17 11.81 -6.60 -4.73
N ASP A 18 12.11 -7.77 -4.17
CA ASP A 18 11.20 -8.90 -4.24
C ASP A 18 9.92 -8.63 -3.45
N GLN A 19 10.05 -7.80 -2.41
CA GLN A 19 8.91 -7.45 -1.57
C GLN A 19 7.90 -6.62 -2.34
N LYS A 20 8.39 -5.62 -3.07
CA LYS A 20 7.52 -4.74 -3.86
C LYS A 20 6.46 -5.55 -4.59
N ARG A 21 6.87 -6.67 -5.19
CA ARG A 21 5.95 -7.53 -5.91
C ARG A 21 4.93 -8.16 -4.99
N ILE A 22 5.41 -8.76 -3.90
CA ILE A 22 4.53 -9.39 -2.92
C ILE A 22 3.43 -8.45 -2.47
N TYR A 23 3.81 -7.21 -2.15
CA TYR A 23 2.84 -6.21 -1.72
C TYR A 23 1.89 -5.83 -2.84
N THR A 24 2.45 -5.57 -4.02
CA THR A 24 1.65 -5.20 -5.18
C THR A 24 0.45 -6.12 -5.35
N ASP A 25 0.67 -7.42 -5.19
CA ASP A 25 -0.39 -8.41 -5.32
C ASP A 25 -1.34 -8.33 -4.13
N TRP A 26 -0.78 -8.11 -2.94
CA TRP A 26 -1.58 -8.02 -1.73
C TRP A 26 -2.67 -6.97 -1.86
N ALA A 27 -2.29 -5.80 -2.37
CA ALA A 27 -3.24 -4.70 -2.55
C ALA A 27 -4.19 -4.99 -3.71
N ASN A 28 -3.64 -5.51 -4.81
CA ASN A 28 -4.43 -5.83 -5.98
C ASN A 28 -5.71 -6.57 -5.58
N HIS A 29 -5.58 -7.53 -4.67
CA HIS A 29 -6.72 -8.30 -4.21
C HIS A 29 -7.85 -7.39 -3.72
N TYR A 30 -7.49 -6.43 -2.87
CA TYR A 30 -8.46 -5.49 -2.33
C TYR A 30 -9.03 -4.60 -3.43
N LEU A 31 -8.32 -4.52 -4.54
CA LEU A 31 -8.75 -3.70 -5.67
C LEU A 31 -9.69 -4.50 -6.58
N ALA A 32 -9.37 -5.76 -6.78
CA ALA A 32 -10.18 -6.63 -7.63
C ALA A 32 -11.44 -7.09 -6.90
N LYS A 33 -11.36 -7.16 -5.58
CA LYS A 33 -12.49 -7.58 -4.76
C LYS A 33 -13.59 -6.53 -4.76
N SER A 34 -13.18 -5.26 -4.78
CA SER A 34 -14.13 -4.16 -4.78
C SER A 34 -14.46 -3.73 -6.20
N GLY A 35 -14.29 -4.63 -7.15
CA GLY A 35 -14.57 -4.33 -8.54
C GLY A 35 -13.90 -3.05 -8.99
N HIS A 36 -12.58 -3.08 -9.14
CA HIS A 36 -11.83 -1.91 -9.57
C HIS A 36 -11.28 -2.11 -10.98
N LYS A 37 -11.53 -1.14 -11.85
CA LYS A 37 -11.06 -1.21 -13.22
C LYS A 37 -9.62 -0.71 -13.33
N ARG A 38 -8.76 -1.19 -12.43
CA ARG A 38 -7.36 -0.79 -12.43
C ARG A 38 -6.58 -1.58 -11.38
N LEU A 39 -5.28 -1.74 -11.60
CA LEU A 39 -4.42 -2.46 -10.68
C LEU A 39 -3.14 -1.68 -10.40
N ILE A 40 -2.29 -2.25 -9.54
CA ILE A 40 -1.03 -1.60 -9.19
C ILE A 40 0.14 -2.22 -9.95
N ARG A 41 0.75 -1.42 -10.81
CA ARG A 41 1.89 -1.88 -11.60
C ARG A 41 3.20 -1.68 -10.86
N ASP A 42 3.51 -0.43 -10.55
CA ASP A 42 4.73 -0.09 -9.83
C ASP A 42 4.41 0.46 -8.44
N LEU A 43 4.51 -0.40 -7.44
CA LEU A 43 4.25 -0.01 -6.05
C LEU A 43 4.82 1.38 -5.76
N GLN A 44 6.02 1.64 -6.29
CA GLN A 44 6.68 2.91 -6.07
C GLN A 44 5.93 4.04 -6.79
N GLN A 45 5.37 3.73 -7.96
CA GLN A 45 4.63 4.71 -8.74
C GLN A 45 3.13 4.57 -8.50
N ASP A 46 2.76 3.70 -7.57
CA ASP A 46 1.35 3.47 -7.25
C ASP A 46 0.93 4.32 -6.06
N VAL A 47 1.87 4.60 -5.17
CA VAL A 47 1.60 5.41 -3.99
C VAL A 47 2.24 6.79 -4.11
N THR A 48 2.31 7.30 -5.33
CA THR A 48 2.90 8.61 -5.57
C THR A 48 1.89 9.73 -5.36
N ASP A 49 0.64 9.46 -5.73
CA ASP A 49 -0.43 10.44 -5.58
C ASP A 49 -1.24 10.16 -4.32
N GLY A 50 -1.18 8.93 -3.84
CA GLY A 50 -1.92 8.56 -2.64
C GLY A 50 -3.31 8.06 -2.96
N VAL A 51 -3.85 8.49 -4.09
CA VAL A 51 -5.19 8.08 -4.51
C VAL A 51 -5.32 6.56 -4.53
N LEU A 52 -4.65 5.92 -5.49
CA LEU A 52 -4.69 4.47 -5.61
C LEU A 52 -4.39 3.80 -4.28
N LEU A 53 -3.39 4.33 -3.57
CA LEU A 53 -3.01 3.78 -2.27
C LEU A 53 -4.22 3.66 -1.35
N ALA A 54 -5.01 4.72 -1.28
CA ALA A 54 -6.20 4.72 -0.43
C ALA A 54 -7.24 3.72 -0.94
N GLN A 55 -7.35 3.61 -2.26
CA GLN A 55 -8.30 2.69 -2.86
C GLN A 55 -8.21 1.30 -2.22
N ILE A 56 -7.06 1.02 -1.63
CA ILE A 56 -6.85 -0.28 -0.98
C ILE A 56 -7.07 -0.17 0.53
N ILE A 57 -6.46 0.82 1.15
CA ILE A 57 -6.60 1.03 2.58
C ILE A 57 -8.07 1.05 3.00
N GLN A 58 -8.87 1.83 2.28
CA GLN A 58 -10.30 1.95 2.57
C GLN A 58 -10.96 0.57 2.53
N VAL A 59 -10.41 -0.32 1.71
CA VAL A 59 -10.95 -1.67 1.57
C VAL A 59 -10.51 -2.56 2.72
N VAL A 60 -9.21 -2.84 2.80
CA VAL A 60 -8.67 -3.67 3.86
C VAL A 60 -9.14 -3.21 5.23
N ALA A 61 -9.16 -1.90 5.43
CA ALA A 61 -9.59 -1.32 6.70
C ALA A 61 -11.10 -1.17 6.75
N ASN A 62 -11.75 -1.34 5.60
CA ASN A 62 -13.20 -1.24 5.51
C ASN A 62 -13.68 0.12 6.02
N GLU A 63 -12.94 1.17 5.66
CA GLU A 63 -13.29 2.52 6.07
C GLU A 63 -13.08 3.52 4.94
N LYS A 64 -13.72 4.68 5.04
CA LYS A 64 -13.61 5.71 4.02
C LYS A 64 -12.83 6.91 4.54
N ILE A 65 -11.84 7.36 3.77
CA ILE A 65 -11.02 8.50 4.15
C ILE A 65 -11.52 9.79 3.50
N GLU A 66 -11.92 10.74 4.33
CA GLU A 66 -12.41 12.02 3.84
C GLU A 66 -11.27 13.01 3.62
N ASP A 67 -10.13 12.72 4.24
CA ASP A 67 -8.96 13.58 4.12
C ASP A 67 -8.14 13.21 2.88
N ILE A 68 -8.84 12.79 1.83
CA ILE A 68 -8.17 12.41 0.58
C ILE A 68 -8.55 13.36 -0.55
N ASN A 69 -7.53 13.87 -1.25
CA ASN A 69 -7.76 14.80 -2.35
C ASN A 69 -8.52 14.10 -3.49
N GLY A 70 -7.83 13.19 -4.18
CA GLY A 70 -8.45 12.48 -5.28
C GLY A 70 -7.95 12.95 -6.63
N CYS A 71 -7.74 14.25 -6.76
CA CYS A 71 -7.26 14.82 -8.02
C CYS A 71 -6.13 15.82 -7.76
N PRO A 72 -4.94 15.29 -7.46
CA PRO A 72 -3.76 16.12 -7.18
C PRO A 72 -3.23 16.81 -8.43
N LYS A 73 -2.82 18.06 -8.27
CA LYS A 73 -2.29 18.85 -9.38
C LYS A 73 -0.96 19.49 -9.02
N ASN A 74 -0.84 19.91 -7.77
CA ASN A 74 0.39 20.55 -7.29
C ASN A 74 1.36 19.51 -6.73
N ARG A 75 2.60 19.93 -6.51
CA ARG A 75 3.62 19.04 -5.99
C ARG A 75 3.35 18.70 -4.52
N SER A 76 2.64 19.60 -3.85
CA SER A 76 2.30 19.40 -2.44
C SER A 76 0.97 18.68 -2.28
N GLN A 77 -0.01 19.10 -3.08
CA GLN A 77 -1.33 18.50 -3.03
C GLN A 77 -1.25 16.98 -2.88
N MET A 78 -0.24 16.40 -3.52
CA MET A 78 -0.03 14.95 -3.47
C MET A 78 0.35 14.51 -2.05
N ILE A 79 1.17 15.31 -1.39
CA ILE A 79 1.60 15.01 -0.03
C ILE A 79 0.41 14.71 0.88
N GLU A 80 -0.53 15.65 0.95
CA GLU A 80 -1.71 15.48 1.78
C GLU A 80 -2.29 14.08 1.61
N ASN A 81 -2.56 13.70 0.38
CA ASN A 81 -3.12 12.38 0.08
C ASN A 81 -2.48 11.32 0.95
N ILE A 82 -1.21 11.02 0.69
CA ILE A 82 -0.48 10.02 1.45
C ILE A 82 -0.54 10.31 2.95
N ASP A 83 -0.37 11.58 3.31
CA ASP A 83 -0.43 11.99 4.71
C ASP A 83 -1.67 11.44 5.39
N ALA A 84 -2.83 11.77 4.84
CA ALA A 84 -4.10 11.32 5.39
C ALA A 84 -4.07 9.82 5.66
N CYS A 85 -3.59 9.05 4.68
CA CYS A 85 -3.52 7.61 4.82
C CYS A 85 -2.67 7.21 6.03
N LEU A 86 -1.59 7.93 6.24
CA LEU A 86 -0.69 7.66 7.36
C LEU A 86 -1.39 7.95 8.69
N ASN A 87 -2.07 9.09 8.77
CA ASN A 87 -2.78 9.47 9.98
C ASN A 87 -3.96 8.55 10.24
N PHE A 88 -4.59 8.10 9.16
CA PHE A 88 -5.75 7.21 9.26
C PHE A 88 -5.32 5.83 9.75
N LEU A 89 -4.21 5.33 9.22
CA LEU A 89 -3.70 4.02 9.60
C LEU A 89 -3.18 4.03 11.03
N ALA A 90 -2.49 5.11 11.40
CA ALA A 90 -1.95 5.25 12.74
C ALA A 90 -3.04 5.10 13.80
N ALA A 91 -4.20 5.70 13.54
CA ALA A 91 -5.32 5.63 14.47
C ALA A 91 -5.76 4.19 14.70
N LYS A 92 -5.48 3.33 13.71
CA LYS A 92 -5.84 1.93 13.80
C LYS A 92 -4.84 1.16 14.64
N GLY A 93 -3.62 1.68 14.74
CA GLY A 93 -2.58 1.05 15.53
C GLY A 93 -1.38 0.64 14.68
N ILE A 94 -1.04 1.48 13.70
CA ILE A 94 0.09 1.22 12.83
C ILE A 94 1.12 2.33 12.91
N ASN A 95 2.39 1.95 13.09
CA ASN A 95 3.47 2.92 13.19
C ASN A 95 3.68 3.63 11.85
N ILE A 96 3.70 4.96 11.90
CA ILE A 96 3.90 5.76 10.69
C ILE A 96 5.07 6.72 10.86
N GLN A 97 5.39 7.03 12.11
CA GLN A 97 6.49 7.95 12.39
C GLN A 97 7.67 7.69 11.47
N GLY A 98 8.01 6.41 11.28
CA GLY A 98 9.13 6.05 10.42
C GLY A 98 8.88 6.42 8.98
N LEU A 99 7.66 6.15 8.50
CA LEU A 99 7.30 6.46 7.12
C LEU A 99 7.44 7.95 6.84
N SER A 100 7.37 8.32 5.56
CA SER A 100 7.48 9.72 5.16
C SER A 100 6.76 9.97 3.84
N ALA A 101 5.62 10.65 3.92
CA ALA A 101 4.84 10.96 2.73
C ALA A 101 5.72 11.45 1.60
N GLU A 102 6.54 12.47 1.89
CA GLU A 102 7.43 13.04 0.90
C GLU A 102 8.25 11.95 0.21
N GLU A 103 8.85 11.08 1.00
CA GLU A 103 9.67 9.99 0.47
C GLU A 103 8.83 9.06 -0.40
N ILE A 104 7.62 8.76 0.06
CA ILE A 104 6.72 7.88 -0.68
C ILE A 104 6.38 8.47 -2.04
N ARG A 105 6.06 9.76 -2.07
CA ARG A 105 5.72 10.44 -3.30
C ARG A 105 6.88 10.41 -4.28
N ASN A 106 8.10 10.36 -3.75
CA ASN A 106 9.30 10.32 -4.58
C ASN A 106 9.48 8.95 -5.21
N GLY A 107 8.93 7.93 -4.57
CA GLY A 107 9.04 6.57 -5.07
C GLY A 107 10.18 5.81 -4.44
N ASN A 108 10.56 6.22 -3.23
CA ASN A 108 11.65 5.56 -2.51
C ASN A 108 11.22 4.18 -2.01
N LEU A 109 11.68 3.14 -2.67
CA LEU A 109 11.34 1.76 -2.30
C LEU A 109 11.37 1.61 -0.78
N LYS A 110 12.47 2.00 -0.16
CA LYS A 110 12.61 1.90 1.28
C LYS A 110 11.35 2.41 1.99
N ALA A 111 10.78 3.50 1.49
CA ALA A 111 9.58 4.07 2.07
C ALA A 111 8.36 3.18 1.81
N ILE A 112 8.00 3.05 0.54
CA ILE A 112 6.86 2.24 0.16
C ILE A 112 6.86 0.90 0.90
N LEU A 113 7.91 0.11 0.68
CA LEU A 113 8.05 -1.18 1.31
C LEU A 113 7.75 -1.09 2.81
N GLY A 114 8.19 0.00 3.43
CA GLY A 114 7.95 0.19 4.85
C GLY A 114 6.47 0.34 5.17
N LEU A 115 5.74 1.02 4.29
CA LEU A 115 4.31 1.24 4.49
C LEU A 115 3.53 -0.07 4.33
N PHE A 116 3.66 -0.67 3.16
CA PHE A 116 2.97 -1.93 2.87
C PHE A 116 3.46 -3.04 3.79
N PHE A 117 4.60 -2.81 4.43
CA PHE A 117 5.18 -3.79 5.33
C PHE A 117 4.46 -3.79 6.67
N SER A 118 4.03 -2.62 7.11
CA SER A 118 3.32 -2.48 8.38
C SER A 118 1.81 -2.53 8.17
N LEU A 119 1.36 -2.00 7.04
CA LEU A 119 -0.06 -2.00 6.71
C LEU A 119 -0.62 -3.41 6.64
N SER A 120 0.03 -4.25 5.84
CA SER A 120 -0.40 -5.64 5.68
C SER A 120 -0.58 -6.31 7.04
N ARG A 121 0.22 -5.90 8.01
CA ARG A 121 0.15 -6.46 9.35
C ARG A 121 -1.20 -6.16 10.00
N TYR A 122 -1.63 -4.90 9.93
CA TYR A 122 -2.90 -4.49 10.50
C TYR A 122 -3.97 -5.55 10.25
N LYS A 123 -4.00 -6.09 9.05
CA LYS A 123 -4.98 -7.12 8.69
C LYS A 123 -4.44 -8.51 9.02
N GLN A 124 -3.27 -8.82 8.49
CA GLN A 124 -2.65 -10.12 8.72
C GLN A 124 -2.76 -10.53 10.19
N GLN A 125 -2.93 -9.53 11.06
CA GLN A 125 -3.05 -9.78 12.49
C GLN A 125 -4.43 -10.32 12.83
N GLN A 126 -5.47 -9.65 12.34
CA GLN A 126 -6.84 -10.06 12.60
C GLN A 126 -7.25 -11.20 11.66
N GLN A 127 -6.88 -12.43 12.03
CA GLN A 127 -7.21 -13.60 11.24
C GLN A 127 -7.57 -14.79 12.12
N GLN A 128 -8.07 -15.86 11.50
CA GLN A 128 -8.45 -17.05 12.25
C GLN A 128 -7.53 -18.22 11.89
N PRO A 129 -7.23 -19.06 12.90
CA PRO A 129 -6.37 -20.23 12.72
C PRO A 129 -7.04 -21.32 11.88
N GLY A 1 -12.08 -24.53 -8.83
CA GLY A 1 -11.42 -23.40 -8.21
C GLY A 1 -10.79 -22.46 -9.23
N SER A 2 -10.78 -21.17 -8.89
CA SER A 2 -10.21 -20.16 -9.78
C SER A 2 -9.06 -19.42 -9.10
N SER A 3 -9.31 -18.95 -7.88
CA SER A 3 -8.31 -18.22 -7.12
C SER A 3 -7.35 -19.18 -6.43
N GLY A 4 -6.20 -19.42 -7.06
CA GLY A 4 -5.21 -20.32 -6.50
C GLY A 4 -4.04 -19.57 -5.89
N SER A 5 -3.13 -20.32 -5.25
CA SER A 5 -1.96 -19.73 -4.63
C SER A 5 -0.79 -20.71 -4.59
N SER A 6 0.36 -20.24 -4.16
CA SER A 6 1.56 -21.07 -4.09
C SER A 6 1.76 -21.61 -2.67
N GLY A 7 2.09 -22.89 -2.57
CA GLY A 7 2.31 -23.50 -1.27
C GLY A 7 3.73 -24.00 -1.10
N LYS A 8 4.70 -23.12 -1.31
CA LYS A 8 6.10 -23.47 -1.17
C LYS A 8 6.54 -23.40 0.28
N ARG A 9 6.82 -24.56 0.88
CA ARG A 9 7.26 -24.61 2.27
C ARG A 9 8.78 -24.53 2.36
N LYS A 10 9.37 -23.72 1.50
CA LYS A 10 10.82 -23.55 1.49
C LYS A 10 11.20 -22.11 1.86
N PRO A 11 12.31 -21.97 2.61
CA PRO A 11 12.80 -20.67 3.04
C PRO A 11 13.37 -19.85 1.89
N VAL A 12 12.59 -18.87 1.43
CA VAL A 12 13.01 -18.01 0.33
C VAL A 12 12.97 -16.55 0.73
N ILE A 13 14.04 -15.82 0.38
CA ILE A 13 14.12 -14.41 0.71
C ILE A 13 13.60 -13.55 -0.44
N HIS A 14 13.17 -12.33 -0.10
CA HIS A 14 12.64 -11.40 -1.10
C HIS A 14 13.25 -10.02 -0.93
N GLY A 15 14.40 -9.80 -1.58
CA GLY A 15 15.06 -8.51 -1.49
C GLY A 15 14.11 -7.35 -1.63
N LEU A 16 14.54 -6.17 -1.21
CA LEU A 16 13.70 -4.97 -1.29
C LEU A 16 12.85 -4.99 -2.56
N GLU A 17 13.51 -5.06 -3.70
CA GLU A 17 12.82 -5.08 -4.99
C GLU A 17 11.79 -6.20 -5.03
N ASP A 18 12.19 -7.38 -4.55
CA ASP A 18 11.31 -8.54 -4.54
C ASP A 18 10.07 -8.26 -3.69
N GLN A 19 10.22 -7.45 -2.66
CA GLN A 19 9.11 -7.11 -1.77
C GLN A 19 8.02 -6.38 -2.54
N LYS A 20 8.39 -5.31 -3.24
CA LYS A 20 7.44 -4.53 -4.01
C LYS A 20 6.39 -5.43 -4.64
N ARG A 21 6.84 -6.50 -5.30
CA ARG A 21 5.94 -7.44 -5.95
C ARG A 21 4.97 -8.04 -4.94
N ILE A 22 5.51 -8.71 -3.93
CA ILE A 22 4.69 -9.34 -2.90
C ILE A 22 3.53 -8.44 -2.49
N TYR A 23 3.84 -7.18 -2.19
CA TYR A 23 2.82 -6.22 -1.79
C TYR A 23 1.89 -5.90 -2.95
N THR A 24 2.48 -5.55 -4.09
CA THR A 24 1.70 -5.22 -5.28
C THR A 24 0.52 -6.17 -5.46
N ASP A 25 0.83 -7.46 -5.56
CA ASP A 25 -0.20 -8.48 -5.73
C ASP A 25 -1.17 -8.47 -4.56
N TRP A 26 -0.63 -8.34 -3.35
CA TRP A 26 -1.45 -8.31 -2.15
C TRP A 26 -2.55 -7.26 -2.25
N ALA A 27 -2.19 -6.08 -2.74
CA ALA A 27 -3.15 -4.99 -2.89
C ALA A 27 -4.06 -5.23 -4.09
N ASN A 28 -3.50 -5.78 -5.17
CA ASN A 28 -4.25 -6.05 -6.38
C ASN A 28 -5.54 -6.81 -6.05
N HIS A 29 -5.48 -7.63 -5.00
CA HIS A 29 -6.65 -8.40 -4.59
C HIS A 29 -7.77 -7.49 -4.11
N TYR A 30 -7.44 -6.61 -3.16
CA TYR A 30 -8.43 -5.68 -2.62
C TYR A 30 -8.98 -4.77 -3.72
N LEU A 31 -8.24 -4.64 -4.81
CA LEU A 31 -8.66 -3.81 -5.93
C LEU A 31 -9.54 -4.59 -6.89
N ALA A 32 -9.16 -5.84 -7.16
CA ALA A 32 -9.92 -6.70 -8.05
C ALA A 32 -11.23 -7.14 -7.41
N LYS A 33 -11.24 -7.21 -6.08
CA LYS A 33 -12.42 -7.63 -5.35
C LYS A 33 -13.50 -6.56 -5.40
N SER A 34 -13.09 -5.31 -5.30
CA SER A 34 -14.02 -4.19 -5.34
C SER A 34 -14.33 -3.78 -6.78
N GLY A 35 -14.21 -4.74 -7.69
CA GLY A 35 -14.48 -4.47 -9.09
C GLY A 35 -13.77 -3.22 -9.59
N HIS A 36 -12.44 -3.22 -9.47
CA HIS A 36 -11.65 -2.08 -9.91
C HIS A 36 -11.09 -2.32 -11.32
N LYS A 37 -11.41 -1.40 -12.23
CA LYS A 37 -10.94 -1.51 -13.61
C LYS A 37 -9.49 -1.05 -13.73
N ARG A 38 -8.63 -1.58 -12.87
CA ARG A 38 -7.22 -1.21 -12.88
C ARG A 38 -6.43 -2.03 -11.86
N LEU A 39 -5.12 -1.94 -11.93
CA LEU A 39 -4.26 -2.68 -11.00
C LEU A 39 -3.01 -1.85 -10.65
N ILE A 40 -2.24 -2.35 -9.69
CA ILE A 40 -1.03 -1.67 -9.27
C ILE A 40 0.20 -2.21 -9.99
N ARG A 41 0.79 -1.37 -10.84
CA ARG A 41 1.97 -1.76 -11.60
C ARG A 41 3.24 -1.56 -10.78
N ASP A 42 3.50 -0.32 -10.41
CA ASP A 42 4.69 0.01 -9.62
C ASP A 42 4.29 0.54 -8.23
N LEU A 43 4.37 -0.33 -7.24
CA LEU A 43 4.01 0.04 -5.88
C LEU A 43 4.62 1.39 -5.50
N GLN A 44 5.70 1.75 -6.19
CA GLN A 44 6.37 3.02 -5.93
C GLN A 44 5.62 4.17 -6.58
N GLN A 45 5.12 3.94 -7.78
CA GLN A 45 4.38 4.97 -8.51
C GLN A 45 2.91 4.96 -8.11
N ASP A 46 2.27 3.80 -8.22
CA ASP A 46 0.86 3.66 -7.87
C ASP A 46 0.55 4.41 -6.58
N VAL A 47 1.58 4.60 -5.76
CA VAL A 47 1.42 5.30 -4.49
C VAL A 47 2.09 6.66 -4.51
N THR A 48 1.99 7.35 -5.64
CA THR A 48 2.60 8.67 -5.80
C THR A 48 1.60 9.77 -5.47
N ASP A 49 0.34 9.53 -5.75
CA ASP A 49 -0.72 10.50 -5.48
C ASP A 49 -1.48 10.14 -4.22
N GLY A 50 -1.26 8.93 -3.72
CA GLY A 50 -1.95 8.49 -2.52
C GLY A 50 -3.38 8.06 -2.79
N VAL A 51 -3.88 8.40 -3.97
CA VAL A 51 -5.25 8.05 -4.34
C VAL A 51 -5.41 6.55 -4.50
N LEU A 52 -4.72 5.98 -5.48
CA LEU A 52 -4.79 4.54 -5.74
C LEU A 52 -4.39 3.76 -4.49
N LEU A 53 -3.54 4.35 -3.67
CA LEU A 53 -3.08 3.71 -2.44
C LEU A 53 -4.24 3.50 -1.47
N ALA A 54 -4.92 4.58 -1.13
CA ALA A 54 -6.05 4.52 -0.22
C ALA A 54 -7.12 3.57 -0.73
N GLN A 55 -7.31 3.54 -2.04
CA GLN A 55 -8.31 2.67 -2.66
C GLN A 55 -8.25 1.27 -2.04
N ILE A 56 -7.07 0.87 -1.60
CA ILE A 56 -6.89 -0.45 -0.99
C ILE A 56 -7.08 -0.39 0.52
N ILE A 57 -6.49 0.62 1.15
CA ILE A 57 -6.59 0.80 2.59
C ILE A 57 -8.06 0.86 3.03
N GLN A 58 -8.87 1.58 2.26
CA GLN A 58 -10.28 1.72 2.57
C GLN A 58 -11.02 0.40 2.37
N VAL A 59 -10.39 -0.51 1.63
CA VAL A 59 -10.98 -1.82 1.36
C VAL A 59 -10.51 -2.86 2.38
N VAL A 60 -9.25 -2.75 2.78
CA VAL A 60 -8.68 -3.68 3.76
C VAL A 60 -8.99 -3.24 5.18
N ALA A 61 -9.17 -1.93 5.36
CA ALA A 61 -9.47 -1.38 6.68
C ALA A 61 -10.97 -1.21 6.88
N ASN A 62 -11.72 -1.32 5.78
CA ASN A 62 -13.17 -1.17 5.83
C ASN A 62 -13.56 0.21 6.35
N GLU A 63 -12.93 1.24 5.79
CA GLU A 63 -13.22 2.61 6.19
C GLU A 63 -12.94 3.58 5.05
N LYS A 64 -13.50 4.78 5.14
CA LYS A 64 -13.31 5.79 4.12
C LYS A 64 -12.47 6.95 4.64
N ILE A 65 -11.47 7.34 3.86
CA ILE A 65 -10.58 8.44 4.25
C ILE A 65 -11.04 9.75 3.66
N GLU A 66 -11.67 10.58 4.50
CA GLU A 66 -12.17 11.88 4.05
C GLU A 66 -11.02 12.87 3.86
N ASP A 67 -9.86 12.53 4.41
CA ASP A 67 -8.69 13.38 4.31
C ASP A 67 -7.92 13.09 3.03
N ILE A 68 -8.65 12.81 1.96
CA ILE A 68 -8.04 12.51 0.67
C ILE A 68 -8.43 13.54 -0.38
N ASN A 69 -7.44 14.22 -0.95
CA ASN A 69 -7.69 15.23 -1.97
C ASN A 69 -8.38 14.62 -3.19
N GLY A 70 -7.82 13.53 -3.69
CA GLY A 70 -8.40 12.86 -4.85
C GLY A 70 -7.66 13.18 -6.13
N CYS A 71 -7.87 14.38 -6.66
CA CYS A 71 -7.23 14.81 -7.89
C CYS A 71 -6.24 15.93 -7.62
N PRO A 72 -5.07 15.57 -7.07
CA PRO A 72 -4.01 16.54 -6.75
C PRO A 72 -3.35 17.11 -8.00
N LYS A 73 -3.12 18.42 -7.99
CA LYS A 73 -2.50 19.10 -9.12
C LYS A 73 -1.25 19.86 -8.68
N ASN A 74 -1.17 20.16 -7.38
CA ASN A 74 -0.03 20.88 -6.83
C ASN A 74 1.04 19.92 -6.33
N ARG A 75 2.30 20.25 -6.56
CA ARG A 75 3.41 19.40 -6.13
C ARG A 75 3.25 19.00 -4.67
N SER A 76 2.51 19.81 -3.92
CA SER A 76 2.28 19.54 -2.50
C SER A 76 0.94 18.83 -2.30
N GLN A 77 0.00 19.10 -3.20
CA GLN A 77 -1.33 18.49 -3.12
C GLN A 77 -1.22 16.98 -2.87
N MET A 78 -0.27 16.34 -3.54
CA MET A 78 -0.08 14.91 -3.39
C MET A 78 0.41 14.58 -1.97
N ILE A 79 1.39 15.33 -1.50
CA ILE A 79 1.94 15.12 -0.17
C ILE A 79 0.85 14.82 0.84
N GLU A 80 -0.17 15.68 0.89
CA GLU A 80 -1.29 15.51 1.80
C GLU A 80 -1.89 14.11 1.67
N ASN A 81 -2.06 13.65 0.44
CA ASN A 81 -2.63 12.34 0.18
C ASN A 81 -1.95 11.28 1.03
N ILE A 82 -0.70 10.98 0.72
CA ILE A 82 0.07 9.99 1.46
C ILE A 82 0.01 10.25 2.96
N ASP A 83 0.09 11.52 3.34
CA ASP A 83 0.04 11.91 4.74
C ASP A 83 -1.23 11.40 5.40
N ALA A 84 -2.37 11.62 4.73
CA ALA A 84 -3.65 11.17 5.24
C ALA A 84 -3.63 9.69 5.59
N CYS A 85 -3.12 8.88 4.68
CA CYS A 85 -3.04 7.44 4.89
C CYS A 85 -2.22 7.11 6.13
N LEU A 86 -1.08 7.78 6.27
CA LEU A 86 -0.19 7.56 7.40
C LEU A 86 -0.91 7.87 8.72
N ASN A 87 -1.63 8.99 8.74
CA ASN A 87 -2.38 9.39 9.94
C ASN A 87 -3.56 8.47 10.18
N PHE A 88 -4.22 8.06 9.10
CA PHE A 88 -5.37 7.18 9.19
C PHE A 88 -4.98 5.83 9.79
N LEU A 89 -3.82 5.33 9.38
CA LEU A 89 -3.32 4.05 9.88
C LEU A 89 -2.97 4.14 11.36
N ALA A 90 -2.19 5.15 11.72
CA ALA A 90 -1.79 5.35 13.11
C ALA A 90 -2.99 5.27 14.05
N ALA A 91 -4.11 5.87 13.63
CA ALA A 91 -5.32 5.86 14.42
C ALA A 91 -5.84 4.45 14.62
N LYS A 92 -5.53 3.56 13.69
CA LYS A 92 -5.96 2.18 13.75
C LYS A 92 -5.07 1.37 14.70
N GLY A 93 -3.92 1.95 15.06
CA GLY A 93 -3.00 1.26 15.94
C GLY A 93 -1.77 0.76 15.23
N ILE A 94 -1.33 1.50 14.21
CA ILE A 94 -0.15 1.11 13.45
C ILE A 94 0.96 2.14 13.58
N ASN A 95 2.16 1.67 13.90
CA ASN A 95 3.31 2.55 14.07
C ASN A 95 3.76 3.11 12.72
N ILE A 96 3.69 4.43 12.58
CA ILE A 96 4.09 5.09 11.34
C ILE A 96 5.36 5.90 11.55
N GLN A 97 5.66 6.22 12.81
CA GLN A 97 6.85 7.00 13.14
C GLN A 97 8.05 6.54 12.33
N GLY A 98 8.42 7.32 11.32
CA GLY A 98 9.55 6.96 10.48
C GLY A 98 9.27 7.15 9.01
N LEU A 99 8.04 6.87 8.60
CA LEU A 99 7.65 7.01 7.20
C LEU A 99 7.69 8.47 6.77
N SER A 100 7.76 8.71 5.47
CA SER A 100 7.82 10.07 4.93
C SER A 100 6.93 10.20 3.70
N ALA A 101 5.81 10.89 3.85
CA ALA A 101 4.87 11.08 2.75
C ALA A 101 5.60 11.57 1.49
N GLU A 102 6.60 12.43 1.70
CA GLU A 102 7.38 12.96 0.58
C GLU A 102 8.13 11.86 -0.15
N GLU A 103 8.84 11.04 0.61
CA GLU A 103 9.62 9.94 0.04
C GLU A 103 8.71 9.03 -0.80
N ILE A 104 7.51 8.78 -0.30
CA ILE A 104 6.56 7.93 -1.01
C ILE A 104 6.16 8.54 -2.35
N ARG A 105 5.88 9.83 -2.34
CA ARG A 105 5.47 10.54 -3.54
C ARG A 105 6.54 10.42 -4.62
N ASN A 106 7.80 10.34 -4.20
CA ASN A 106 8.91 10.21 -5.14
C ASN A 106 9.03 8.79 -5.66
N GLY A 107 8.51 7.83 -4.88
CA GLY A 107 8.57 6.44 -5.27
C GLY A 107 9.75 5.71 -4.66
N ASN A 108 10.08 6.07 -3.43
CA ASN A 108 11.20 5.44 -2.73
C ASN A 108 10.79 4.08 -2.16
N LEU A 109 11.26 3.02 -2.79
CA LEU A 109 10.95 1.67 -2.35
C LEU A 109 11.06 1.55 -0.84
N LYS A 110 12.18 1.99 -0.29
CA LYS A 110 12.42 1.94 1.14
C LYS A 110 11.26 2.57 1.90
N ALA A 111 10.62 3.56 1.30
CA ALA A 111 9.48 4.24 1.91
C ALA A 111 8.21 3.40 1.78
N ILE A 112 7.81 3.13 0.54
CA ILE A 112 6.60 2.35 0.28
C ILE A 112 6.62 1.04 1.06
N LEU A 113 7.66 0.24 0.85
CA LEU A 113 7.79 -1.04 1.54
C LEU A 113 7.39 -0.91 3.01
N GLY A 114 7.94 0.10 3.69
CA GLY A 114 7.62 0.31 5.08
C GLY A 114 6.13 0.41 5.33
N LEU A 115 5.43 1.13 4.46
CA LEU A 115 3.99 1.31 4.59
C LEU A 115 3.26 -0.02 4.43
N PHE A 116 3.44 -0.65 3.27
CA PHE A 116 2.80 -1.94 3.00
C PHE A 116 3.33 -3.02 3.94
N PHE A 117 4.45 -2.74 4.58
CA PHE A 117 5.07 -3.69 5.51
C PHE A 117 4.32 -3.71 6.84
N SER A 118 3.79 -2.55 7.22
CA SER A 118 3.05 -2.43 8.47
C SER A 118 1.55 -2.61 8.24
N LEU A 119 1.03 -1.94 7.22
CA LEU A 119 -0.39 -2.03 6.89
C LEU A 119 -0.87 -3.48 6.93
N SER A 120 -0.20 -4.34 6.17
CA SER A 120 -0.55 -5.75 6.11
C SER A 120 -0.76 -6.32 7.51
N ARG A 121 0.13 -5.96 8.43
CA ARG A 121 0.05 -6.43 9.80
C ARG A 121 -1.34 -6.18 10.38
N TYR A 122 -1.79 -4.93 10.30
CA TYR A 122 -3.11 -4.56 10.80
C TYR A 122 -4.14 -5.62 10.46
N LYS A 123 -4.15 -6.05 9.20
CA LYS A 123 -5.10 -7.06 8.75
C LYS A 123 -4.74 -8.43 9.31
N GLN A 124 -3.49 -8.85 9.08
CA GLN A 124 -3.02 -10.14 9.56
C GLN A 124 -3.42 -10.36 11.02
N GLN A 125 -4.08 -11.48 11.29
CA GLN A 125 -4.52 -11.81 12.64
C GLN A 125 -5.27 -10.64 13.27
N GLN A 126 -6.13 -10.01 12.47
CA GLN A 126 -6.91 -8.87 12.95
C GLN A 126 -8.14 -9.34 13.73
N GLN A 127 -7.95 -10.35 14.55
CA GLN A 127 -9.04 -10.90 15.36
C GLN A 127 -8.51 -11.56 16.63
N GLN A 128 -9.11 -11.21 17.76
CA GLN A 128 -8.70 -11.77 19.04
C GLN A 128 -9.86 -12.48 19.73
N PRO A 129 -9.62 -13.73 20.15
CA PRO A 129 -10.63 -14.54 20.83
C PRO A 129 -10.96 -14.03 22.23
N GLY A 1 21.04 -22.90 -4.98
CA GLY A 1 21.60 -23.64 -6.10
C GLY A 1 20.54 -24.21 -7.01
N SER A 2 19.56 -24.89 -6.41
CA SER A 2 18.48 -25.50 -7.18
C SER A 2 17.29 -24.54 -7.32
N SER A 3 17.37 -23.65 -8.29
CA SER A 3 16.32 -22.68 -8.52
C SER A 3 15.20 -23.28 -9.38
N GLY A 4 14.84 -24.52 -9.08
CA GLY A 4 13.79 -25.19 -9.84
C GLY A 4 12.83 -25.95 -8.95
N SER A 5 12.42 -25.31 -7.85
CA SER A 5 11.50 -25.94 -6.92
C SER A 5 11.91 -27.38 -6.62
N SER A 6 13.21 -27.59 -6.46
CA SER A 6 13.74 -28.92 -6.18
C SER A 6 14.77 -28.87 -5.05
N GLY A 7 14.87 -29.97 -4.30
CA GLY A 7 15.81 -30.04 -3.20
C GLY A 7 15.92 -28.72 -2.45
N LYS A 8 14.77 -28.06 -2.24
CA LYS A 8 14.74 -26.79 -1.53
C LYS A 8 14.29 -26.98 -0.09
N ARG A 9 15.13 -26.56 0.85
CA ARG A 9 14.80 -26.69 2.27
C ARG A 9 14.88 -25.33 2.97
N LYS A 10 15.04 -24.27 2.17
CA LYS A 10 15.12 -22.93 2.71
C LYS A 10 14.11 -22.00 2.05
N PRO A 11 13.54 -21.08 2.84
CA PRO A 11 12.55 -20.12 2.35
C PRO A 11 13.17 -19.08 1.40
N VAL A 12 12.81 -19.18 0.13
CA VAL A 12 13.32 -18.26 -0.88
C VAL A 12 13.26 -16.81 -0.39
N ILE A 13 14.35 -16.07 -0.60
CA ILE A 13 14.41 -14.68 -0.18
C ILE A 13 13.85 -13.75 -1.25
N HIS A 14 13.28 -12.63 -0.81
CA HIS A 14 12.70 -11.66 -1.73
C HIS A 14 13.34 -10.29 -1.55
N GLY A 15 14.48 -10.08 -2.19
CA GLY A 15 15.17 -8.81 -2.07
C GLY A 15 14.23 -7.62 -2.12
N LEU A 16 14.72 -6.46 -1.73
CA LEU A 16 13.91 -5.24 -1.73
C LEU A 16 13.01 -5.18 -2.96
N GLU A 17 13.64 -5.25 -4.13
CA GLU A 17 12.91 -5.22 -5.39
C GLU A 17 11.83 -6.30 -5.43
N ASP A 18 12.18 -7.49 -4.97
CA ASP A 18 11.25 -8.61 -4.95
C ASP A 18 10.04 -8.29 -4.07
N GLN A 19 10.29 -7.61 -2.96
CA GLN A 19 9.23 -7.25 -2.03
C GLN A 19 8.12 -6.48 -2.74
N LYS A 20 8.50 -5.38 -3.41
CA LYS A 20 7.54 -4.56 -4.13
C LYS A 20 6.44 -5.42 -4.73
N ARG A 21 6.80 -6.57 -5.29
CA ARG A 21 5.83 -7.47 -5.89
C ARG A 21 4.92 -8.07 -4.84
N ILE A 22 5.51 -8.79 -3.88
CA ILE A 22 4.74 -9.41 -2.82
C ILE A 22 3.56 -8.54 -2.40
N TYR A 23 3.85 -7.29 -2.06
CA TYR A 23 2.82 -6.35 -1.64
C TYR A 23 1.87 -6.04 -2.79
N THR A 24 2.44 -5.77 -3.97
CA THR A 24 1.64 -5.45 -5.15
C THR A 24 0.48 -6.44 -5.31
N ASP A 25 0.80 -7.72 -5.35
CA ASP A 25 -0.21 -8.76 -5.49
C ASP A 25 -1.19 -8.74 -4.31
N TRP A 26 -0.65 -8.54 -3.11
CA TRP A 26 -1.46 -8.52 -1.91
C TRP A 26 -2.53 -7.43 -2.01
N ALA A 27 -2.11 -6.21 -2.27
CA ALA A 27 -3.03 -5.09 -2.40
C ALA A 27 -3.97 -5.28 -3.58
N ASN A 28 -3.41 -5.59 -4.74
CA ASN A 28 -4.19 -5.81 -5.95
C ASN A 28 -5.47 -6.58 -5.65
N HIS A 29 -5.32 -7.63 -4.82
CA HIS A 29 -6.47 -8.45 -4.44
C HIS A 29 -7.61 -7.59 -3.92
N TYR A 30 -7.29 -6.66 -3.04
CA TYR A 30 -8.30 -5.77 -2.47
C TYR A 30 -8.93 -4.90 -3.53
N LEU A 31 -8.20 -4.69 -4.63
CA LEU A 31 -8.68 -3.87 -5.73
C LEU A 31 -9.64 -4.66 -6.63
N ALA A 32 -9.30 -5.93 -6.87
CA ALA A 32 -10.11 -6.79 -7.71
C ALA A 32 -11.41 -7.18 -6.99
N LYS A 33 -11.28 -7.58 -5.73
CA LYS A 33 -12.42 -7.98 -4.94
C LYS A 33 -13.45 -6.86 -4.86
N SER A 34 -12.97 -5.63 -4.80
CA SER A 34 -13.84 -4.46 -4.73
C SER A 34 -14.23 -3.98 -6.12
N GLY A 35 -14.46 -4.93 -7.02
CA GLY A 35 -14.84 -4.59 -8.38
C GLY A 35 -14.16 -3.33 -8.87
N HIS A 36 -12.84 -3.39 -9.01
CA HIS A 36 -12.07 -2.24 -9.48
C HIS A 36 -11.48 -2.51 -10.86
N LYS A 37 -11.58 -1.53 -11.74
CA LYS A 37 -11.06 -1.65 -13.09
C LYS A 37 -9.67 -1.02 -13.21
N ARG A 38 -8.76 -1.45 -12.33
CA ARG A 38 -7.40 -0.94 -12.34
C ARG A 38 -6.54 -1.65 -11.31
N LEU A 39 -5.35 -2.06 -11.74
CA LEU A 39 -4.42 -2.77 -10.85
C LEU A 39 -3.23 -1.89 -10.49
N ILE A 40 -2.28 -2.47 -9.76
CA ILE A 40 -1.09 -1.73 -9.35
C ILE A 40 0.11 -2.12 -10.21
N ARG A 41 0.59 -1.16 -11.01
CA ARG A 41 1.74 -1.39 -11.87
C ARG A 41 3.05 -1.22 -11.12
N ASP A 42 3.31 0.02 -10.68
CA ASP A 42 4.53 0.32 -9.95
C ASP A 42 4.20 0.76 -8.52
N LEU A 43 4.31 -0.18 -7.58
CA LEU A 43 4.02 0.11 -6.18
C LEU A 43 4.52 1.50 -5.79
N GLN A 44 5.68 1.87 -6.33
CA GLN A 44 6.27 3.17 -6.05
C GLN A 44 5.42 4.29 -6.63
N GLN A 45 5.01 4.14 -7.88
CA GLN A 45 4.19 5.14 -8.55
C GLN A 45 2.72 4.93 -8.23
N ASP A 46 2.41 3.83 -7.56
CA ASP A 46 1.03 3.52 -7.19
C ASP A 46 0.70 4.09 -5.81
N VAL A 47 1.70 4.69 -5.17
CA VAL A 47 1.52 5.27 -3.85
C VAL A 47 1.99 6.72 -3.81
N THR A 48 2.68 7.13 -4.87
CA THR A 48 3.20 8.49 -4.97
C THR A 48 2.06 9.51 -4.90
N ASP A 49 0.98 9.23 -5.60
CA ASP A 49 -0.18 10.12 -5.62
C ASP A 49 -1.04 9.93 -4.37
N GLY A 50 -1.05 8.71 -3.85
CA GLY A 50 -1.84 8.41 -2.67
C GLY A 50 -3.26 8.00 -3.01
N VAL A 51 -3.77 8.51 -4.13
CA VAL A 51 -5.12 8.20 -4.56
C VAL A 51 -5.33 6.69 -4.68
N LEU A 52 -4.65 6.09 -5.65
CA LEU A 52 -4.76 4.64 -5.87
C LEU A 52 -4.44 3.87 -4.59
N LEU A 53 -3.46 4.36 -3.84
CA LEU A 53 -3.07 3.71 -2.59
C LEU A 53 -4.26 3.58 -1.65
N ALA A 54 -4.91 4.70 -1.36
CA ALA A 54 -6.06 4.70 -0.46
C ALA A 54 -7.13 3.72 -0.95
N GLN A 55 -7.40 3.75 -2.25
CA GLN A 55 -8.40 2.87 -2.83
C GLN A 55 -8.34 1.48 -2.20
N ILE A 56 -7.15 1.10 -1.74
CA ILE A 56 -6.96 -0.20 -1.11
C ILE A 56 -7.22 -0.13 0.40
N ILE A 57 -6.54 0.80 1.07
CA ILE A 57 -6.69 0.97 2.51
C ILE A 57 -8.16 1.01 2.90
N GLN A 58 -8.94 1.79 2.16
CA GLN A 58 -10.36 1.93 2.43
C GLN A 58 -11.07 0.57 2.36
N VAL A 59 -10.52 -0.33 1.54
CA VAL A 59 -11.09 -1.66 1.38
C VAL A 59 -10.63 -2.59 2.51
N VAL A 60 -9.31 -2.75 2.63
CA VAL A 60 -8.74 -3.60 3.66
C VAL A 60 -9.09 -3.10 5.05
N ALA A 61 -9.34 -1.80 5.16
CA ALA A 61 -9.69 -1.18 6.44
C ALA A 61 -11.19 -1.05 6.59
N ASN A 62 -11.92 -1.30 5.50
CA ASN A 62 -13.38 -1.20 5.51
C ASN A 62 -13.83 0.17 5.98
N GLU A 63 -13.04 1.19 5.66
CA GLU A 63 -13.37 2.56 6.04
C GLU A 63 -13.06 3.53 4.91
N LYS A 64 -13.50 4.78 5.08
CA LYS A 64 -13.27 5.81 4.07
C LYS A 64 -12.46 6.97 4.64
N ILE A 65 -11.50 7.45 3.86
CA ILE A 65 -10.66 8.56 4.29
C ILE A 65 -11.17 9.89 3.73
N GLU A 66 -11.63 10.76 4.62
CA GLU A 66 -12.13 12.07 4.23
C GLU A 66 -10.99 13.00 3.83
N ASP A 67 -9.82 12.77 4.41
CA ASP A 67 -8.65 13.59 4.12
C ASP A 67 -8.00 13.17 2.81
N ILE A 68 -8.83 12.94 1.79
CA ILE A 68 -8.34 12.53 0.48
C ILE A 68 -8.70 13.56 -0.59
N ASN A 69 -7.71 13.98 -1.35
CA ASN A 69 -7.91 14.97 -2.41
C ASN A 69 -8.59 14.33 -3.62
N GLY A 70 -7.96 13.30 -4.18
CA GLY A 70 -8.51 12.63 -5.33
C GLY A 70 -7.91 13.10 -6.64
N CYS A 71 -7.62 14.40 -6.71
CA CYS A 71 -7.05 14.98 -7.92
C CYS A 71 -5.81 15.81 -7.58
N PRO A 72 -4.71 15.13 -7.24
CA PRO A 72 -3.45 15.79 -6.90
C PRO A 72 -2.79 16.47 -8.09
N LYS A 73 -2.84 17.79 -8.12
CA LYS A 73 -2.26 18.56 -9.21
C LYS A 73 -1.01 19.32 -8.73
N ASN A 74 -1.14 20.00 -7.60
CA ASN A 74 -0.03 20.77 -7.04
C ASN A 74 1.12 19.84 -6.66
N ARG A 75 2.28 20.43 -6.36
CA ARG A 75 3.45 19.66 -5.97
C ARG A 75 3.29 19.08 -4.57
N SER A 76 2.66 19.86 -3.69
CA SER A 76 2.43 19.42 -2.31
C SER A 76 1.10 18.69 -2.18
N GLN A 77 0.17 19.00 -3.09
CA GLN A 77 -1.14 18.38 -3.07
C GLN A 77 -1.04 16.87 -2.89
N MET A 78 -0.15 16.24 -3.67
CA MET A 78 0.05 14.80 -3.59
C MET A 78 0.33 14.37 -2.15
N ILE A 79 1.27 15.05 -1.51
CA ILE A 79 1.64 14.74 -0.14
C ILE A 79 0.41 14.45 0.71
N GLU A 80 -0.45 15.45 0.85
CA GLU A 80 -1.67 15.30 1.63
C GLU A 80 -2.24 13.89 1.49
N ASN A 81 -2.59 13.52 0.26
CA ASN A 81 -3.14 12.20 -0.02
C ASN A 81 -2.45 11.13 0.83
N ILE A 82 -1.18 10.87 0.51
CA ILE A 82 -0.41 9.88 1.23
C ILE A 82 -0.45 10.13 2.73
N ASP A 83 -0.39 11.40 3.11
CA ASP A 83 -0.42 11.78 4.52
C ASP A 83 -1.67 11.24 5.21
N ALA A 84 -2.83 11.48 4.59
CA ALA A 84 -4.10 11.01 5.14
C ALA A 84 -4.03 9.51 5.47
N CYS A 85 -3.47 8.74 4.56
CA CYS A 85 -3.35 7.29 4.75
C CYS A 85 -2.50 6.98 5.98
N LEU A 86 -1.39 7.69 6.13
CA LEU A 86 -0.50 7.48 7.26
C LEU A 86 -1.19 7.83 8.57
N ASN A 87 -1.74 9.04 8.66
CA ASN A 87 -2.44 9.49 9.85
C ASN A 87 -3.66 8.63 10.13
N PHE A 88 -4.35 8.23 9.05
CA PHE A 88 -5.54 7.40 9.17
C PHE A 88 -5.19 6.01 9.70
N LEU A 89 -4.03 5.51 9.30
CA LEU A 89 -3.58 4.19 9.73
C LEU A 89 -3.11 4.22 11.18
N ALA A 90 -2.34 5.26 11.53
CA ALA A 90 -1.84 5.41 12.88
C ALA A 90 -2.95 5.29 13.91
N ALA A 91 -4.03 6.04 13.70
CA ALA A 91 -5.18 6.00 14.61
C ALA A 91 -5.64 4.58 14.85
N LYS A 92 -5.45 3.71 13.87
CA LYS A 92 -5.85 2.32 13.98
C LYS A 92 -4.88 1.55 14.88
N GLY A 93 -3.65 2.04 14.98
CA GLY A 93 -2.65 1.38 15.80
C GLY A 93 -1.46 0.91 15.00
N ILE A 94 -1.05 1.70 14.02
CA ILE A 94 0.10 1.35 13.18
C ILE A 94 1.17 2.43 13.23
N ASN A 95 2.43 2.00 13.25
CA ASN A 95 3.55 2.93 13.31
C ASN A 95 3.76 3.60 11.95
N ILE A 96 3.69 4.93 11.94
CA ILE A 96 3.87 5.69 10.71
C ILE A 96 5.05 6.65 10.82
N GLN A 97 5.34 7.07 12.05
CA GLN A 97 6.45 7.99 12.30
C GLN A 97 7.64 7.67 11.40
N GLY A 98 8.16 6.46 11.52
CA GLY A 98 9.29 6.05 10.71
C GLY A 98 9.12 6.43 9.25
N LEU A 99 7.93 6.19 8.71
CA LEU A 99 7.65 6.51 7.31
C LEU A 99 7.73 8.01 7.08
N SER A 100 7.54 8.42 5.83
CA SER A 100 7.59 9.83 5.45
C SER A 100 6.85 10.08 4.15
N ALA A 101 5.75 10.80 4.24
CA ALA A 101 4.94 11.12 3.05
C ALA A 101 5.83 11.63 1.91
N GLU A 102 6.73 12.54 2.23
CA GLU A 102 7.63 13.11 1.23
C GLU A 102 8.39 12.00 0.49
N GLU A 103 9.02 11.12 1.26
CA GLU A 103 9.79 10.02 0.69
C GLU A 103 8.90 9.13 -0.19
N ILE A 104 7.73 8.79 0.33
CA ILE A 104 6.79 7.95 -0.41
C ILE A 104 6.41 8.60 -1.74
N ARG A 105 6.18 9.90 -1.71
CA ARG A 105 5.81 10.63 -2.92
C ARG A 105 6.93 10.59 -3.95
N ASN A 106 8.16 10.46 -3.47
CA ASN A 106 9.32 10.40 -4.35
C ASN A 106 9.39 9.06 -5.07
N GLY A 107 8.86 8.02 -4.43
CA GLY A 107 8.87 6.70 -5.01
C GLY A 107 10.01 5.84 -4.50
N ASN A 108 10.49 6.16 -3.31
CA ASN A 108 11.59 5.42 -2.71
C ASN A 108 11.12 4.05 -2.21
N LEU A 109 11.54 3.00 -2.90
CA LEU A 109 11.17 1.64 -2.53
C LEU A 109 11.25 1.44 -1.02
N LYS A 110 12.40 1.81 -0.45
CA LYS A 110 12.61 1.67 0.99
C LYS A 110 11.46 2.31 1.77
N ALA A 111 10.92 3.40 1.24
CA ALA A 111 9.82 4.10 1.89
C ALA A 111 8.51 3.34 1.70
N ILE A 112 8.10 3.16 0.44
CA ILE A 112 6.86 2.45 0.12
C ILE A 112 6.82 1.10 0.81
N LEU A 113 7.79 0.23 0.48
CA LEU A 113 7.86 -1.09 1.05
C LEU A 113 7.50 -1.06 2.54
N GLY A 114 8.00 -0.06 3.25
CA GLY A 114 7.72 0.07 4.66
C GLY A 114 6.24 0.19 4.95
N LEU A 115 5.58 1.10 4.25
CA LEU A 115 4.14 1.31 4.43
C LEU A 115 3.37 0.00 4.33
N PHE A 116 3.50 -0.66 3.18
CA PHE A 116 2.82 -1.93 2.95
C PHE A 116 3.34 -3.01 3.90
N PHE A 117 4.59 -2.86 4.31
CA PHE A 117 5.21 -3.82 5.22
C PHE A 117 4.49 -3.84 6.56
N SER A 118 4.00 -2.68 6.98
CA SER A 118 3.28 -2.55 8.24
C SER A 118 1.78 -2.68 8.04
N LEU A 119 1.25 -1.94 7.07
CA LEU A 119 -0.17 -1.96 6.77
C LEU A 119 -0.71 -3.40 6.82
N SER A 120 -0.09 -4.28 6.03
CA SER A 120 -0.52 -5.68 5.99
C SER A 120 -0.74 -6.22 7.39
N ARG A 121 0.20 -5.92 8.29
CA ARG A 121 0.11 -6.38 9.66
C ARG A 121 -1.27 -6.09 10.26
N TYR A 122 -1.67 -4.82 10.20
CA TYR A 122 -2.96 -4.40 10.73
C TYR A 122 -4.03 -5.44 10.42
N LYS A 123 -4.04 -5.92 9.19
CA LYS A 123 -5.02 -6.92 8.76
C LYS A 123 -4.61 -8.31 9.25
N GLN A 124 -3.34 -8.65 9.09
CA GLN A 124 -2.84 -9.95 9.51
C GLN A 124 -3.48 -10.37 10.83
N GLN A 125 -3.66 -9.42 11.73
CA GLN A 125 -4.27 -9.72 13.03
C GLN A 125 -5.78 -9.49 12.98
N GLN A 126 -6.19 -8.42 12.30
CA GLN A 126 -7.61 -8.09 12.19
C GLN A 126 -8.45 -9.35 12.00
N GLN A 127 -7.95 -10.27 11.18
CA GLN A 127 -8.65 -11.52 10.92
C GLN A 127 -9.40 -12.00 12.16
N GLN A 128 -10.62 -12.49 11.96
CA GLN A 128 -11.43 -12.99 13.06
C GLN A 128 -10.67 -14.04 13.87
N PRO A 129 -10.85 -14.02 15.20
CA PRO A 129 -10.20 -14.97 16.11
C PRO A 129 -10.74 -16.38 15.96
N GLY A 1 1.54 -16.95 -23.97
CA GLY A 1 2.52 -17.46 -23.03
C GLY A 1 2.76 -18.95 -23.18
N SER A 2 4.00 -19.32 -23.47
CA SER A 2 4.35 -20.72 -23.64
C SER A 2 4.20 -21.49 -22.33
N SER A 3 4.06 -22.80 -22.43
CA SER A 3 3.89 -23.65 -21.24
C SER A 3 5.20 -23.73 -20.46
N GLY A 4 5.10 -24.12 -19.19
CA GLY A 4 6.28 -24.24 -18.36
C GLY A 4 6.10 -25.24 -17.23
N SER A 5 7.03 -26.18 -17.13
CA SER A 5 6.96 -27.20 -16.09
C SER A 5 7.67 -26.74 -14.81
N SER A 6 7.41 -27.45 -13.72
CA SER A 6 8.01 -27.10 -12.44
C SER A 6 8.86 -28.26 -11.91
N GLY A 7 10.16 -28.02 -11.75
CA GLY A 7 11.04 -29.05 -11.26
C GLY A 7 10.92 -29.25 -9.76
N LYS A 8 11.98 -28.90 -9.03
CA LYS A 8 12.00 -29.04 -7.58
C LYS A 8 11.77 -27.69 -6.90
N ARG A 9 11.13 -27.73 -5.73
CA ARG A 9 10.85 -26.51 -4.98
C ARG A 9 11.98 -26.20 -4.01
N LYS A 10 12.25 -24.90 -3.82
CA LYS A 10 13.31 -24.47 -2.93
C LYS A 10 13.03 -23.06 -2.40
N PRO A 11 13.55 -22.77 -1.20
CA PRO A 11 13.37 -21.46 -0.57
C PRO A 11 14.14 -20.35 -1.28
N VAL A 12 13.50 -19.19 -1.43
CA VAL A 12 14.13 -18.05 -2.10
C VAL A 12 13.86 -16.76 -1.34
N ILE A 13 14.85 -15.87 -1.31
CA ILE A 13 14.72 -14.60 -0.62
C ILE A 13 14.16 -13.53 -1.56
N HIS A 14 13.32 -12.66 -1.03
CA HIS A 14 12.72 -11.58 -1.81
C HIS A 14 13.27 -10.23 -1.39
N GLY A 15 14.42 -9.86 -1.93
CA GLY A 15 15.03 -8.59 -1.60
C GLY A 15 14.04 -7.44 -1.61
N LEU A 16 14.48 -6.27 -1.17
CA LEU A 16 13.62 -5.10 -1.13
C LEU A 16 12.84 -4.96 -2.44
N GLU A 17 13.55 -4.84 -3.54
CA GLU A 17 12.92 -4.70 -4.85
C GLU A 17 11.95 -5.85 -5.12
N ASP A 18 12.29 -7.03 -4.59
CA ASP A 18 11.45 -8.21 -4.77
C ASP A 18 10.17 -8.10 -3.94
N GLN A 19 10.28 -7.48 -2.77
CA GLN A 19 9.14 -7.31 -1.89
C GLN A 19 8.04 -6.49 -2.57
N LYS A 20 8.45 -5.41 -3.23
CA LYS A 20 7.50 -4.55 -3.93
C LYS A 20 6.45 -5.36 -4.65
N ARG A 21 6.87 -6.45 -5.28
CA ARG A 21 5.96 -7.32 -6.01
C ARG A 21 5.02 -8.05 -5.06
N ILE A 22 5.58 -8.68 -4.03
CA ILE A 22 4.78 -9.40 -3.05
C ILE A 22 3.62 -8.56 -2.55
N TYR A 23 3.90 -7.29 -2.23
CA TYR A 23 2.89 -6.38 -1.74
C TYR A 23 1.88 -6.04 -2.84
N THR A 24 2.40 -5.75 -4.03
CA THR A 24 1.54 -5.41 -5.16
C THR A 24 0.36 -6.35 -5.27
N ASP A 25 0.65 -7.66 -5.25
CA ASP A 25 -0.41 -8.67 -5.35
C ASP A 25 -1.35 -8.58 -4.15
N TRP A 26 -0.79 -8.40 -2.96
CA TRP A 26 -1.57 -8.31 -1.75
C TRP A 26 -2.66 -7.24 -1.89
N ALA A 27 -2.25 -6.04 -2.29
CA ALA A 27 -3.19 -4.94 -2.46
C ALA A 27 -4.15 -5.20 -3.62
N ASN A 28 -3.63 -5.80 -4.69
CA ASN A 28 -4.44 -6.11 -5.86
C ASN A 28 -5.74 -6.80 -5.45
N HIS A 29 -5.62 -7.81 -4.60
CA HIS A 29 -6.78 -8.55 -4.12
C HIS A 29 -7.89 -7.60 -3.67
N TYR A 30 -7.55 -6.68 -2.76
CA TYR A 30 -8.52 -5.72 -2.26
C TYR A 30 -9.11 -4.90 -3.39
N LEU A 31 -8.35 -4.74 -4.47
CA LEU A 31 -8.81 -3.97 -5.62
C LEU A 31 -9.77 -4.80 -6.48
N ALA A 32 -9.40 -6.05 -6.73
CA ALA A 32 -10.23 -6.94 -7.53
C ALA A 32 -11.55 -7.23 -6.84
N LYS A 33 -11.48 -7.53 -5.55
CA LYS A 33 -12.68 -7.83 -4.76
C LYS A 33 -13.66 -6.67 -4.81
N SER A 34 -13.13 -5.44 -4.84
CA SER A 34 -13.97 -4.25 -4.89
C SER A 34 -14.22 -3.81 -6.33
N GLY A 35 -14.28 -4.79 -7.23
CA GLY A 35 -14.52 -4.50 -8.63
C GLY A 35 -13.65 -3.35 -9.13
N HIS A 36 -12.36 -3.60 -9.25
CA HIS A 36 -11.43 -2.58 -9.72
C HIS A 36 -10.47 -3.17 -10.75
N LYS A 37 -10.95 -3.31 -11.98
CA LYS A 37 -10.14 -3.85 -13.07
C LYS A 37 -8.68 -3.43 -12.92
N ARG A 38 -8.43 -2.13 -13.00
CA ARG A 38 -7.07 -1.60 -12.88
C ARG A 38 -6.33 -2.30 -11.74
N LEU A 39 -5.01 -2.37 -11.86
CA LEU A 39 -4.17 -3.01 -10.85
C LEU A 39 -2.94 -2.15 -10.54
N ILE A 40 -2.22 -2.53 -9.50
CA ILE A 40 -1.02 -1.82 -9.10
C ILE A 40 0.20 -2.30 -9.88
N ARG A 41 0.61 -1.52 -10.86
CA ARG A 41 1.76 -1.87 -11.69
C ARG A 41 3.07 -1.46 -11.01
N ASP A 42 3.19 -0.17 -10.71
CA ASP A 42 4.38 0.35 -10.05
C ASP A 42 4.06 0.88 -8.66
N LEU A 43 4.36 0.09 -7.64
CA LEU A 43 4.09 0.48 -6.27
C LEU A 43 4.73 1.83 -5.94
N GLN A 44 5.92 2.06 -6.50
CA GLN A 44 6.63 3.31 -6.27
C GLN A 44 6.05 4.43 -7.13
N GLN A 45 4.98 4.12 -7.84
CA GLN A 45 4.33 5.10 -8.71
C GLN A 45 2.83 5.14 -8.44
N ASP A 46 2.31 4.09 -7.82
CA ASP A 46 0.88 4.00 -7.51
C ASP A 46 0.59 4.64 -6.15
N VAL A 47 1.58 4.64 -5.28
CA VAL A 47 1.43 5.21 -3.95
C VAL A 47 1.81 6.69 -3.93
N THR A 48 2.66 7.08 -4.88
CA THR A 48 3.10 8.47 -4.98
C THR A 48 1.92 9.43 -4.99
N ASP A 49 0.90 9.09 -5.77
CA ASP A 49 -0.30 9.92 -5.87
C ASP A 49 -1.16 9.77 -4.62
N GLY A 50 -1.09 8.61 -3.99
CA GLY A 50 -1.88 8.36 -2.80
C GLY A 50 -3.30 7.94 -3.11
N VAL A 51 -3.79 8.33 -4.28
CA VAL A 51 -5.15 7.99 -4.70
C VAL A 51 -5.35 6.49 -4.74
N LEU A 52 -4.62 5.82 -5.63
CA LEU A 52 -4.71 4.37 -5.78
C LEU A 52 -4.36 3.67 -4.46
N LEU A 53 -3.38 4.21 -3.76
CA LEU A 53 -2.95 3.63 -2.49
C LEU A 53 -4.12 3.52 -1.52
N ALA A 54 -4.87 4.60 -1.36
CA ALA A 54 -6.02 4.62 -0.46
C ALA A 54 -7.06 3.60 -0.90
N GLN A 55 -7.37 3.59 -2.19
CA GLN A 55 -8.36 2.67 -2.74
C GLN A 55 -8.26 1.30 -2.06
N ILE A 56 -7.05 0.90 -1.73
CA ILE A 56 -6.82 -0.38 -1.07
C ILE A 56 -7.08 -0.29 0.42
N ILE A 57 -6.51 0.72 1.06
CA ILE A 57 -6.68 0.93 2.49
C ILE A 57 -8.16 1.01 2.86
N GLN A 58 -8.85 1.98 2.29
CA GLN A 58 -10.28 2.17 2.55
C GLN A 58 -11.01 0.83 2.49
N VAL A 59 -10.46 -0.11 1.74
CA VAL A 59 -11.07 -1.44 1.62
C VAL A 59 -10.62 -2.36 2.74
N VAL A 60 -9.36 -2.73 2.73
CA VAL A 60 -8.80 -3.62 3.76
C VAL A 60 -9.23 -3.17 5.15
N ALA A 61 -9.56 -1.88 5.28
CA ALA A 61 -9.99 -1.32 6.56
C ALA A 61 -11.50 -1.20 6.62
N ASN A 62 -12.14 -1.15 5.45
CA ASN A 62 -13.59 -1.03 5.38
C ASN A 62 -14.05 0.35 5.84
N GLU A 63 -13.20 1.36 5.60
CA GLU A 63 -13.52 2.72 5.98
C GLU A 63 -13.23 3.69 4.84
N LYS A 64 -13.53 4.97 5.06
CA LYS A 64 -13.29 6.00 4.06
C LYS A 64 -12.46 7.14 4.63
N ILE A 65 -11.52 7.63 3.83
CA ILE A 65 -10.65 8.72 4.24
C ILE A 65 -11.12 10.05 3.67
N GLU A 66 -11.52 10.95 4.56
CA GLU A 66 -12.01 12.27 4.14
C GLU A 66 -10.84 13.19 3.79
N ASP A 67 -9.66 12.89 4.35
CA ASP A 67 -8.47 13.68 4.10
C ASP A 67 -7.79 13.25 2.80
N ILE A 68 -8.59 13.01 1.77
CA ILE A 68 -8.07 12.59 0.48
C ILE A 68 -8.39 13.62 -0.60
N ASN A 69 -7.34 14.27 -1.11
CA ASN A 69 -7.50 15.28 -2.15
C ASN A 69 -8.28 14.72 -3.34
N GLY A 70 -7.81 13.61 -3.88
CA GLY A 70 -8.47 12.99 -5.02
C GLY A 70 -7.75 13.23 -6.33
N CYS A 71 -7.63 14.50 -6.70
CA CYS A 71 -6.94 14.87 -7.94
C CYS A 71 -5.70 15.70 -7.65
N PRO A 72 -4.62 15.03 -7.23
CA PRO A 72 -3.35 15.69 -6.90
C PRO A 72 -2.65 16.22 -8.15
N LYS A 73 -2.22 17.47 -8.09
CA LYS A 73 -1.52 18.10 -9.21
C LYS A 73 -0.23 18.75 -8.74
N ASN A 74 -0.32 19.55 -7.69
CA ASN A 74 0.85 20.24 -7.15
C ASN A 74 1.76 19.27 -6.42
N ARG A 75 2.95 19.74 -6.05
CA ARG A 75 3.91 18.91 -5.33
C ARG A 75 3.36 18.46 -3.99
N SER A 76 2.91 19.42 -3.18
CA SER A 76 2.35 19.12 -1.87
C SER A 76 1.03 18.39 -1.99
N GLN A 77 0.23 18.78 -2.98
CA GLN A 77 -1.07 18.16 -3.22
C GLN A 77 -0.99 16.65 -3.00
N MET A 78 0.00 16.01 -3.59
CA MET A 78 0.19 14.57 -3.46
C MET A 78 0.55 14.20 -2.02
N ILE A 79 1.36 15.04 -1.39
CA ILE A 79 1.78 14.80 -0.01
C ILE A 79 0.58 14.50 0.89
N GLU A 80 -0.41 15.39 0.85
CA GLU A 80 -1.60 15.22 1.66
C GLU A 80 -2.21 13.84 1.45
N ASN A 81 -2.35 13.44 0.20
CA ASN A 81 -2.92 12.14 -0.14
C ASN A 81 -2.33 11.04 0.73
N ILE A 82 -1.03 10.81 0.58
CA ILE A 82 -0.33 9.78 1.36
C ILE A 82 -0.41 10.10 2.84
N ASP A 83 -0.15 11.34 3.20
CA ASP A 83 -0.19 11.77 4.60
C ASP A 83 -1.46 11.28 5.28
N ALA A 84 -2.60 11.49 4.63
CA ALA A 84 -3.89 11.07 5.17
C ALA A 84 -3.89 9.59 5.49
N CYS A 85 -3.33 8.78 4.60
CA CYS A 85 -3.26 7.34 4.79
C CYS A 85 -2.45 7.00 6.03
N LEU A 86 -1.32 7.68 6.20
CA LEU A 86 -0.44 7.45 7.34
C LEU A 86 -1.15 7.79 8.65
N ASN A 87 -1.70 9.00 8.72
CA ASN A 87 -2.41 9.45 9.91
C ASN A 87 -3.66 8.61 10.15
N PHE A 88 -4.34 8.25 9.07
CA PHE A 88 -5.54 7.44 9.16
C PHE A 88 -5.23 6.03 9.66
N LEU A 89 -4.11 5.49 9.20
CA LEU A 89 -3.68 4.15 9.60
C LEU A 89 -3.22 4.13 11.04
N ALA A 90 -2.47 5.16 11.44
CA ALA A 90 -1.96 5.26 12.79
C ALA A 90 -3.07 5.06 13.82
N ALA A 91 -4.17 5.78 13.63
CA ALA A 91 -5.32 5.69 14.53
C ALA A 91 -5.75 4.24 14.71
N LYS A 92 -5.54 3.43 13.68
CA LYS A 92 -5.91 2.02 13.72
C LYS A 92 -4.92 1.24 14.59
N GLY A 93 -3.72 1.76 14.74
CA GLY A 93 -2.72 1.09 15.55
C GLY A 93 -1.50 0.69 14.73
N ILE A 94 -1.15 1.50 13.75
CA ILE A 94 -0.01 1.21 12.89
C ILE A 94 1.05 2.29 13.02
N ASN A 95 2.31 1.88 13.10
CA ASN A 95 3.43 2.81 13.22
C ASN A 95 3.69 3.53 11.90
N ILE A 96 3.56 4.85 11.91
CA ILE A 96 3.79 5.65 10.72
C ILE A 96 4.96 6.61 10.91
N GLN A 97 5.19 7.02 12.16
CA GLN A 97 6.27 7.93 12.48
C GLN A 97 7.50 7.64 11.62
N GLY A 98 7.91 6.38 11.59
CA GLY A 98 9.07 5.99 10.81
C GLY A 98 8.92 6.33 9.34
N LEU A 99 7.75 6.05 8.79
CA LEU A 99 7.48 6.34 7.38
C LEU A 99 7.61 7.83 7.10
N SER A 100 7.50 8.20 5.82
CA SER A 100 7.60 9.59 5.42
C SER A 100 6.79 9.85 4.15
N ALA A 101 5.77 10.70 4.27
CA ALA A 101 4.93 11.04 3.14
C ALA A 101 5.74 11.60 1.98
N GLU A 102 6.59 12.58 2.28
CA GLU A 102 7.43 13.20 1.26
C GLU A 102 8.27 12.16 0.54
N GLU A 103 8.79 11.19 1.30
CA GLU A 103 9.62 10.13 0.74
C GLU A 103 8.81 9.25 -0.21
N ILE A 104 7.65 8.81 0.26
CA ILE A 104 6.77 7.96 -0.54
C ILE A 104 6.43 8.62 -1.87
N ARG A 105 6.12 9.91 -1.83
CA ARG A 105 5.78 10.66 -3.04
C ARG A 105 6.94 10.66 -4.02
N ASN A 106 8.16 10.69 -3.50
CA ASN A 106 9.36 10.68 -4.34
C ASN A 106 9.52 9.34 -5.05
N GLY A 107 8.99 8.29 -4.44
CA GLY A 107 9.08 6.96 -5.02
C GLY A 107 10.20 6.14 -4.41
N ASN A 108 10.56 6.46 -3.18
CA ASN A 108 11.63 5.74 -2.47
C ASN A 108 11.16 4.36 -2.04
N LEU A 109 11.60 3.33 -2.76
CA LEU A 109 11.23 1.96 -2.45
C LEU A 109 11.23 1.73 -0.94
N LYS A 110 12.34 2.07 -0.30
CA LYS A 110 12.47 1.90 1.15
C LYS A 110 11.21 2.36 1.87
N ALA A 111 10.63 3.46 1.38
CA ALA A 111 9.41 4.01 1.98
C ALA A 111 8.20 3.13 1.65
N ILE A 112 7.91 2.99 0.36
CA ILE A 112 6.78 2.19 -0.07
C ILE A 112 6.76 0.83 0.63
N LEU A 113 7.84 0.09 0.49
CA LEU A 113 7.95 -1.23 1.11
C LEU A 113 7.60 -1.16 2.59
N GLY A 114 8.17 -0.18 3.30
CA GLY A 114 7.90 -0.03 4.71
C GLY A 114 6.42 0.15 5.00
N LEU A 115 5.74 0.94 4.17
CA LEU A 115 4.31 1.18 4.34
C LEU A 115 3.53 -0.12 4.27
N PHE A 116 3.60 -0.79 3.13
CA PHE A 116 2.89 -2.05 2.94
C PHE A 116 3.43 -3.13 3.87
N PHE A 117 4.69 -2.96 4.28
CA PHE A 117 5.33 -3.92 5.17
C PHE A 117 4.66 -3.93 6.55
N SER A 118 4.24 -2.75 6.99
CA SER A 118 3.58 -2.62 8.30
C SER A 118 2.06 -2.67 8.14
N LEU A 119 1.53 -1.87 7.22
CA LEU A 119 0.10 -1.82 6.98
C LEU A 119 -0.50 -3.23 6.98
N SER A 120 0.05 -4.09 6.13
CA SER A 120 -0.44 -5.46 6.02
C SER A 120 -0.65 -6.07 7.40
N ARG A 121 0.29 -5.83 8.31
CA ARG A 121 0.19 -6.35 9.66
C ARG A 121 -1.19 -6.09 10.25
N TYR A 122 -1.66 -4.86 10.15
CA TYR A 122 -2.96 -4.48 10.68
C TYR A 122 -3.99 -5.57 10.40
N LYS A 123 -4.13 -5.93 9.13
CA LYS A 123 -5.08 -6.96 8.72
C LYS A 123 -4.65 -8.33 9.24
N GLN A 124 -3.38 -8.66 9.05
CA GLN A 124 -2.84 -9.93 9.50
C GLN A 124 -3.41 -10.32 10.86
N GLN A 125 -4.18 -11.40 10.89
CA GLN A 125 -4.78 -11.86 12.13
C GLN A 125 -5.65 -10.78 12.76
N GLN A 126 -6.60 -10.26 11.99
CA GLN A 126 -7.49 -9.21 12.47
C GLN A 126 -8.94 -9.68 12.45
N GLN A 127 -9.18 -10.91 12.91
CA GLN A 127 -10.52 -11.48 12.94
C GLN A 127 -10.69 -12.40 14.13
N GLN A 128 -11.94 -12.79 14.40
CA GLN A 128 -12.23 -13.68 15.51
C GLN A 128 -11.75 -15.10 15.23
N PRO A 129 -11.39 -15.82 16.30
CA PRO A 129 -10.90 -17.20 16.18
C PRO A 129 -11.99 -18.17 15.78
N GLY A 1 9.36 -5.10 -13.32
CA GLY A 1 10.75 -5.05 -13.73
C GLY A 1 11.40 -6.42 -13.71
N SER A 2 11.78 -6.88 -12.52
CA SER A 2 12.43 -8.18 -12.38
C SER A 2 11.44 -9.31 -12.65
N SER A 3 11.90 -10.33 -13.37
CA SER A 3 11.05 -11.47 -13.71
C SER A 3 11.87 -12.59 -14.36
N GLY A 4 11.66 -13.81 -13.89
CA GLY A 4 12.39 -14.94 -14.44
C GLY A 4 12.54 -16.07 -13.42
N SER A 5 13.27 -17.11 -13.81
CA SER A 5 13.50 -18.25 -12.94
C SER A 5 14.99 -18.48 -12.69
N SER A 6 15.71 -17.39 -12.44
CA SER A 6 17.14 -17.47 -12.20
C SER A 6 17.49 -18.73 -11.43
N GLY A 7 16.79 -18.96 -10.33
CA GLY A 7 17.04 -20.14 -9.51
C GLY A 7 16.57 -19.97 -8.09
N LYS A 8 16.59 -21.05 -7.32
CA LYS A 8 16.16 -21.02 -5.93
C LYS A 8 17.19 -21.70 -5.03
N ARG A 9 18.45 -21.30 -5.18
CA ARG A 9 19.53 -21.87 -4.37
C ARG A 9 19.71 -21.09 -3.07
N LYS A 10 18.59 -20.71 -2.46
CA LYS A 10 18.62 -19.95 -1.21
C LYS A 10 17.22 -19.81 -0.62
N PRO A 11 17.15 -19.68 0.71
CA PRO A 11 15.87 -19.53 1.41
C PRO A 11 15.21 -18.19 1.14
N VAL A 12 13.90 -18.22 0.86
CA VAL A 12 13.15 -17.01 0.59
C VAL A 12 13.61 -15.86 1.48
N ILE A 13 14.09 -14.78 0.85
CA ILE A 13 14.56 -13.62 1.58
C ILE A 13 13.66 -12.42 1.33
N HIS A 14 13.08 -12.35 0.15
CA HIS A 14 12.19 -11.24 -0.22
C HIS A 14 12.94 -9.92 -0.22
N GLY A 15 14.07 -9.88 -0.93
CA GLY A 15 14.86 -8.67 -0.99
C GLY A 15 14.01 -7.43 -1.20
N LEU A 16 14.56 -6.27 -0.85
CA LEU A 16 13.84 -5.01 -1.00
C LEU A 16 12.99 -5.02 -2.26
N GLU A 17 13.60 -5.33 -3.39
CA GLU A 17 12.89 -5.37 -4.66
C GLU A 17 11.84 -6.48 -4.66
N ASP A 18 12.20 -7.63 -4.10
CA ASP A 18 11.29 -8.76 -4.03
C ASP A 18 10.07 -8.44 -3.16
N GLN A 19 10.27 -7.55 -2.19
CA GLN A 19 9.18 -7.16 -1.30
C GLN A 19 8.12 -6.37 -2.05
N LYS A 20 8.55 -5.37 -2.82
CA LYS A 20 7.64 -4.54 -3.59
C LYS A 20 6.59 -5.40 -4.30
N ARG A 21 7.05 -6.36 -5.10
CA ARG A 21 6.15 -7.24 -5.83
C ARG A 21 5.12 -7.87 -4.88
N ILE A 22 5.60 -8.49 -3.82
CA ILE A 22 4.73 -9.12 -2.84
C ILE A 22 3.55 -8.22 -2.49
N TYR A 23 3.84 -6.95 -2.21
CA TYR A 23 2.81 -5.99 -1.86
C TYR A 23 1.91 -5.70 -3.05
N THR A 24 2.51 -5.34 -4.18
CA THR A 24 1.77 -5.03 -5.40
C THR A 24 0.62 -6.02 -5.59
N ASP A 25 0.94 -7.31 -5.58
CA ASP A 25 -0.06 -8.35 -5.75
C ASP A 25 -1.02 -8.38 -4.57
N TRP A 26 -0.48 -8.19 -3.36
CA TRP A 26 -1.30 -8.20 -2.16
C TRP A 26 -2.44 -7.19 -2.26
N ALA A 27 -2.11 -5.99 -2.73
CA ALA A 27 -3.12 -4.94 -2.87
C ALA A 27 -4.07 -5.24 -4.02
N ASN A 28 -3.50 -5.62 -5.16
CA ASN A 28 -4.30 -5.94 -6.34
C ASN A 28 -5.60 -6.65 -5.94
N HIS A 29 -5.46 -7.71 -5.15
CA HIS A 29 -6.61 -8.48 -4.71
C HIS A 29 -7.73 -7.55 -4.24
N TYR A 30 -7.46 -6.80 -3.18
CA TYR A 30 -8.45 -5.88 -2.62
C TYR A 30 -9.09 -5.05 -3.72
N LEU A 31 -8.27 -4.51 -4.61
CA LEU A 31 -8.75 -3.69 -5.71
C LEU A 31 -9.77 -4.45 -6.55
N ALA A 32 -9.33 -5.57 -7.13
CA ALA A 32 -10.21 -6.39 -7.95
C ALA A 32 -11.26 -7.08 -7.11
N LYS A 33 -11.12 -7.00 -5.78
CA LYS A 33 -12.06 -7.62 -4.86
C LYS A 33 -13.27 -6.71 -4.63
N SER A 34 -13.05 -5.40 -4.70
CA SER A 34 -14.11 -4.43 -4.50
C SER A 34 -14.62 -3.90 -5.83
N GLY A 35 -14.49 -4.71 -6.88
CA GLY A 35 -14.93 -4.30 -8.19
C GLY A 35 -14.28 -3.03 -8.67
N HIS A 36 -12.99 -3.11 -8.97
CA HIS A 36 -12.24 -1.95 -9.45
C HIS A 36 -11.75 -2.15 -10.88
N LYS A 37 -11.71 -1.07 -11.64
CA LYS A 37 -11.27 -1.12 -13.03
C LYS A 37 -9.84 -0.61 -13.18
N ARG A 38 -8.95 -1.08 -12.31
CA ARG A 38 -7.56 -0.66 -12.34
C ARG A 38 -6.72 -1.48 -11.36
N LEU A 39 -5.47 -1.71 -11.71
CA LEU A 39 -4.56 -2.48 -10.87
C LEU A 39 -3.32 -1.67 -10.50
N ILE A 40 -2.41 -2.29 -9.77
CA ILE A 40 -1.18 -1.63 -9.35
C ILE A 40 0.03 -2.20 -10.09
N ARG A 41 0.59 -1.40 -10.99
CA ARG A 41 1.75 -1.83 -11.77
C ARG A 41 3.03 -1.68 -10.95
N ASP A 42 3.36 -0.44 -10.61
CA ASP A 42 4.57 -0.16 -9.83
C ASP A 42 4.20 0.38 -8.46
N LEU A 43 4.29 -0.48 -7.44
CA LEU A 43 3.98 -0.09 -6.08
C LEU A 43 4.43 1.34 -5.79
N GLN A 44 5.67 1.64 -6.18
CA GLN A 44 6.24 2.97 -5.97
C GLN A 44 5.37 4.03 -6.64
N GLN A 45 4.93 3.75 -7.86
CA GLN A 45 4.10 4.67 -8.61
C GLN A 45 2.64 4.57 -8.19
N ASP A 46 2.31 3.47 -7.52
CA ASP A 46 0.94 3.25 -7.05
C ASP A 46 0.66 4.04 -5.77
N VAL A 47 1.71 4.64 -5.22
CA VAL A 47 1.58 5.42 -3.99
C VAL A 47 2.28 6.77 -4.13
N THR A 48 2.24 7.34 -5.33
CA THR A 48 2.86 8.63 -5.59
C THR A 48 1.90 9.77 -5.30
N ASP A 49 0.62 9.54 -5.56
CA ASP A 49 -0.41 10.55 -5.32
C ASP A 49 -1.23 10.22 -4.07
N GLY A 50 -1.18 8.95 -3.67
CA GLY A 50 -1.93 8.52 -2.50
C GLY A 50 -3.32 8.04 -2.85
N VAL A 51 -3.87 8.57 -3.94
CA VAL A 51 -5.21 8.19 -4.38
C VAL A 51 -5.34 6.68 -4.51
N LEU A 52 -4.68 6.11 -5.52
CA LEU A 52 -4.71 4.67 -5.75
C LEU A 52 -4.35 3.91 -4.48
N LEU A 53 -3.41 4.45 -3.72
CA LEU A 53 -2.97 3.83 -2.48
C LEU A 53 -4.13 3.66 -1.51
N ALA A 54 -4.86 4.74 -1.27
CA ALA A 54 -6.01 4.72 -0.36
C ALA A 54 -7.07 3.74 -0.86
N GLN A 55 -7.30 3.73 -2.17
CA GLN A 55 -8.29 2.85 -2.76
C GLN A 55 -8.22 1.45 -2.14
N ILE A 56 -7.02 1.06 -1.71
CA ILE A 56 -6.81 -0.25 -1.10
C ILE A 56 -7.05 -0.19 0.40
N ILE A 57 -6.39 0.75 1.07
CA ILE A 57 -6.53 0.91 2.51
C ILE A 57 -8.00 0.92 2.92
N GLN A 58 -8.77 1.83 2.33
CA GLN A 58 -10.18 1.94 2.64
C GLN A 58 -10.86 0.58 2.59
N VAL A 59 -10.35 -0.30 1.73
CA VAL A 59 -10.91 -1.64 1.58
C VAL A 59 -10.41 -2.56 2.69
N VAL A 60 -9.12 -2.89 2.66
CA VAL A 60 -8.53 -3.75 3.67
C VAL A 60 -8.92 -3.32 5.08
N ALA A 61 -9.26 -2.04 5.22
CA ALA A 61 -9.66 -1.50 6.51
C ALA A 61 -11.17 -1.40 6.63
N ASN A 62 -11.85 -1.40 5.49
CA ASN A 62 -13.30 -1.31 5.47
C ASN A 62 -13.78 0.05 5.98
N GLU A 63 -13.02 1.09 5.67
CA GLU A 63 -13.36 2.44 6.10
C GLU A 63 -13.14 3.44 4.97
N LYS A 64 -13.47 4.71 5.23
CA LYS A 64 -13.30 5.76 4.24
C LYS A 64 -12.48 6.92 4.81
N ILE A 65 -11.57 7.45 3.99
CA ILE A 65 -10.72 8.56 4.42
C ILE A 65 -11.22 9.88 3.84
N GLU A 66 -11.87 10.68 4.68
CA GLU A 66 -12.40 11.96 4.25
C GLU A 66 -11.27 12.96 4.03
N ASP A 67 -10.08 12.62 4.52
CA ASP A 67 -8.91 13.49 4.38
C ASP A 67 -8.17 13.19 3.09
N ILE A 68 -8.92 12.87 2.04
CA ILE A 68 -8.32 12.56 0.74
C ILE A 68 -8.71 13.59 -0.31
N ASN A 69 -7.73 14.37 -0.75
CA ASN A 69 -7.96 15.40 -1.76
C ASN A 69 -8.76 14.84 -2.94
N GLY A 70 -8.10 14.04 -3.76
CA GLY A 70 -8.76 13.46 -4.92
C GLY A 70 -7.99 13.67 -6.20
N CYS A 71 -7.75 14.94 -6.54
CA CYS A 71 -7.02 15.28 -7.75
C CYS A 71 -5.88 16.25 -7.44
N PRO A 72 -4.76 15.70 -6.98
CA PRO A 72 -3.57 16.49 -6.63
C PRO A 72 -2.88 17.06 -7.86
N LYS A 73 -3.02 18.37 -8.06
CA LYS A 73 -2.41 19.05 -9.19
C LYS A 73 -1.08 19.68 -8.80
N ASN A 74 -1.01 20.22 -7.59
CA ASN A 74 0.20 20.85 -7.10
C ASN A 74 1.20 19.81 -6.60
N ARG A 75 2.46 20.21 -6.49
CA ARG A 75 3.51 19.31 -6.03
C ARG A 75 3.25 18.84 -4.60
N SER A 76 2.72 19.75 -3.78
CA SER A 76 2.43 19.43 -2.39
C SER A 76 1.09 18.71 -2.26
N GLN A 77 0.09 19.21 -3.00
CA GLN A 77 -1.25 18.62 -2.97
C GLN A 77 -1.17 17.10 -2.88
N MET A 78 -0.09 16.53 -3.43
CA MET A 78 0.10 15.08 -3.40
C MET A 78 0.48 14.61 -2.00
N ILE A 79 1.42 15.31 -1.39
CA ILE A 79 1.87 14.96 -0.04
C ILE A 79 0.69 14.66 0.88
N GLU A 80 -0.21 15.64 1.01
CA GLU A 80 -1.39 15.47 1.86
C GLU A 80 -2.00 14.09 1.67
N ASN A 81 -2.44 13.80 0.45
CA ASN A 81 -3.05 12.51 0.15
C ASN A 81 -2.38 11.39 0.94
N ILE A 82 -1.15 11.07 0.56
CA ILE A 82 -0.39 10.01 1.22
C ILE A 82 -0.37 10.22 2.73
N ASP A 83 -0.28 11.48 3.15
CA ASP A 83 -0.26 11.82 4.57
C ASP A 83 -1.52 11.31 5.27
N ALA A 84 -2.68 11.59 4.67
CA ALA A 84 -3.96 11.16 5.23
C ALA A 84 -3.95 9.67 5.52
N CYS A 85 -3.48 8.88 4.57
CA CYS A 85 -3.43 7.43 4.73
C CYS A 85 -2.59 7.05 5.94
N LEU A 86 -1.46 7.74 6.12
CA LEU A 86 -0.56 7.48 7.23
C LEU A 86 -1.23 7.82 8.56
N ASN A 87 -1.80 9.02 8.64
CA ASN A 87 -2.48 9.47 9.85
C ASN A 87 -3.71 8.62 10.14
N PHE A 88 -4.38 8.19 9.08
CA PHE A 88 -5.57 7.36 9.21
C PHE A 88 -5.22 5.97 9.72
N LEU A 89 -4.10 5.44 9.26
CA LEU A 89 -3.65 4.11 9.67
C LEU A 89 -3.13 4.14 11.11
N ALA A 90 -2.41 5.20 11.46
CA ALA A 90 -1.87 5.35 12.81
C ALA A 90 -2.97 5.21 13.86
N ALA A 91 -4.08 5.88 13.63
CA ALA A 91 -5.21 5.83 14.56
C ALA A 91 -5.68 4.40 14.78
N LYS A 92 -5.38 3.53 13.81
CA LYS A 92 -5.77 2.13 13.91
C LYS A 92 -4.76 1.33 14.71
N GLY A 93 -3.55 1.88 14.85
CA GLY A 93 -2.51 1.19 15.60
C GLY A 93 -1.34 0.79 14.73
N ILE A 94 -1.02 1.61 13.74
CA ILE A 94 0.08 1.32 12.83
C ILE A 94 1.13 2.43 12.87
N ASN A 95 2.38 2.04 13.12
CA ASN A 95 3.48 2.99 13.20
C ASN A 95 3.72 3.65 11.84
N ILE A 96 3.76 4.98 11.82
CA ILE A 96 3.99 5.73 10.60
C ILE A 96 5.12 6.73 10.76
N GLN A 97 5.28 7.23 11.98
CA GLN A 97 6.34 8.20 12.27
C GLN A 97 7.60 7.90 11.46
N GLY A 98 8.01 6.63 11.48
CA GLY A 98 9.20 6.24 10.75
C GLY A 98 9.09 6.53 9.27
N LEU A 99 7.91 6.29 8.70
CA LEU A 99 7.69 6.53 7.27
C LEU A 99 7.75 8.02 6.96
N SER A 100 7.57 8.36 5.69
CA SER A 100 7.61 9.75 5.26
C SER A 100 6.84 9.93 3.95
N ALA A 101 5.74 10.68 4.02
CA ALA A 101 4.91 10.92 2.84
C ALA A 101 5.76 11.40 1.66
N GLU A 102 6.60 12.40 1.91
CA GLU A 102 7.47 12.95 0.88
C GLU A 102 8.21 11.83 0.15
N GLU A 103 8.89 10.98 0.90
CA GLU A 103 9.65 9.87 0.33
C GLU A 103 8.74 8.99 -0.53
N ILE A 104 7.56 8.69 -0.01
CA ILE A 104 6.60 7.85 -0.72
C ILE A 104 6.22 8.47 -2.06
N ARG A 105 6.02 9.78 -2.07
CA ARG A 105 5.66 10.49 -3.30
C ARG A 105 6.79 10.42 -4.31
N ASN A 106 8.02 10.32 -3.83
CA ASN A 106 9.19 10.26 -4.69
C ASN A 106 9.33 8.86 -5.30
N GLY A 107 8.73 7.87 -4.64
CA GLY A 107 8.81 6.50 -5.13
C GLY A 107 9.92 5.71 -4.47
N ASN A 108 10.38 6.19 -3.33
CA ASN A 108 11.46 5.51 -2.59
C ASN A 108 11.01 4.16 -2.08
N LEU A 109 11.51 3.10 -2.69
CA LEU A 109 11.16 1.73 -2.29
C LEU A 109 11.24 1.58 -0.77
N LYS A 110 12.42 1.86 -0.22
CA LYS A 110 12.64 1.74 1.21
C LYS A 110 11.49 2.38 1.99
N ALA A 111 10.86 3.38 1.38
CA ALA A 111 9.74 4.06 2.01
C ALA A 111 8.44 3.29 1.82
N ILE A 112 8.04 3.11 0.58
CA ILE A 112 6.81 2.39 0.27
C ILE A 112 6.77 1.05 1.00
N LEU A 113 7.80 0.24 0.82
CA LEU A 113 7.88 -1.06 1.47
C LEU A 113 7.52 -0.96 2.94
N GLY A 114 7.98 0.11 3.58
CA GLY A 114 7.69 0.31 5.00
C GLY A 114 6.20 0.45 5.27
N LEU A 115 5.50 1.14 4.38
CA LEU A 115 4.07 1.35 4.53
C LEU A 115 3.31 0.04 4.39
N PHE A 116 3.47 -0.61 3.23
CA PHE A 116 2.79 -1.87 2.97
C PHE A 116 3.31 -2.97 3.90
N PHE A 117 4.46 -2.72 4.51
CA PHE A 117 5.06 -3.69 5.42
C PHE A 117 4.29 -3.75 6.74
N SER A 118 3.78 -2.60 7.18
CA SER A 118 3.02 -2.52 8.41
C SER A 118 1.53 -2.64 8.15
N LEU A 119 1.04 -1.90 7.16
CA LEU A 119 -0.38 -1.92 6.81
C LEU A 119 -0.88 -3.36 6.72
N SER A 120 -0.16 -4.19 5.98
CA SER A 120 -0.54 -5.59 5.81
C SER A 120 -0.74 -6.26 7.17
N ARG A 121 0.18 -6.01 8.09
CA ARG A 121 0.11 -6.60 9.43
C ARG A 121 -1.22 -6.26 10.09
N TYR A 122 -1.57 -4.98 10.08
CA TYR A 122 -2.82 -4.54 10.69
C TYR A 122 -3.97 -5.49 10.36
N LYS A 123 -3.95 -6.02 9.15
CA LYS A 123 -4.98 -6.96 8.71
C LYS A 123 -4.65 -8.39 9.13
N GLN A 124 -3.44 -8.82 8.84
CA GLN A 124 -3.00 -10.16 9.19
C GLN A 124 -3.60 -10.59 10.52
N GLN A 125 -3.49 -9.74 11.53
CA GLN A 125 -4.04 -10.03 12.85
C GLN A 125 -5.53 -9.77 12.90
N GLN A 126 -5.94 -8.59 12.41
CA GLN A 126 -7.35 -8.22 12.40
C GLN A 126 -8.18 -9.21 11.59
N GLN A 127 -8.65 -10.26 12.27
CA GLN A 127 -9.45 -11.29 11.62
C GLN A 127 -10.74 -11.55 12.40
N GLN A 128 -10.59 -11.79 13.69
CA GLN A 128 -11.75 -12.06 14.55
C GLN A 128 -12.85 -11.04 14.31
N PRO A 129 -14.12 -11.50 14.41
CA PRO A 129 -15.28 -10.64 14.21
C PRO A 129 -15.46 -9.63 15.33
N GLY A 1 18.07 -21.80 -24.16
CA GLY A 1 18.91 -22.86 -23.64
C GLY A 1 18.29 -23.55 -22.43
N SER A 2 18.79 -23.22 -21.25
CA SER A 2 18.29 -23.82 -20.01
C SER A 2 18.10 -22.76 -18.94
N SER A 3 16.85 -22.56 -18.53
CA SER A 3 16.52 -21.58 -17.51
C SER A 3 16.77 -22.13 -16.11
N GLY A 4 16.28 -23.34 -15.87
CA GLY A 4 16.45 -23.96 -14.57
C GLY A 4 15.30 -24.87 -14.19
N SER A 5 15.55 -26.18 -14.17
CA SER A 5 14.52 -27.15 -13.84
C SER A 5 13.71 -26.69 -12.62
N SER A 6 12.41 -26.58 -12.80
CA SER A 6 11.52 -26.14 -11.73
C SER A 6 11.48 -27.17 -10.61
N GLY A 7 12.01 -26.80 -9.44
CA GLY A 7 12.03 -27.70 -8.31
C GLY A 7 10.79 -27.57 -7.45
N LYS A 8 10.71 -28.38 -6.40
CA LYS A 8 9.56 -28.36 -5.49
C LYS A 8 9.64 -27.15 -4.56
N ARG A 9 10.70 -27.10 -3.75
CA ARG A 9 10.88 -26.01 -2.81
C ARG A 9 12.36 -25.79 -2.51
N LYS A 10 12.78 -24.53 -2.55
CA LYS A 10 14.18 -24.19 -2.30
C LYS A 10 14.28 -22.85 -1.57
N PRO A 11 15.42 -22.62 -0.90
CA PRO A 11 15.67 -21.38 -0.16
C PRO A 11 15.86 -20.18 -1.07
N VAL A 12 14.89 -19.28 -1.07
CA VAL A 12 14.94 -18.08 -1.90
C VAL A 12 14.54 -16.85 -1.11
N ILE A 13 15.34 -15.78 -1.23
CA ILE A 13 15.07 -14.53 -0.53
C ILE A 13 14.41 -13.52 -1.46
N HIS A 14 13.60 -12.63 -0.88
CA HIS A 14 12.91 -11.61 -1.67
C HIS A 14 13.51 -10.23 -1.39
N GLY A 15 14.59 -9.91 -2.10
CA GLY A 15 15.24 -8.63 -1.92
C GLY A 15 14.27 -7.47 -2.01
N LEU A 16 14.71 -6.29 -1.58
CA LEU A 16 13.87 -5.09 -1.62
C LEU A 16 12.97 -5.10 -2.85
N GLU A 17 13.59 -5.15 -4.02
CA GLU A 17 12.83 -5.16 -5.27
C GLU A 17 11.79 -6.27 -5.28
N ASP A 18 12.20 -7.47 -4.87
CA ASP A 18 11.31 -8.62 -4.82
C ASP A 18 10.12 -8.33 -3.89
N GLN A 19 10.40 -7.71 -2.75
CA GLN A 19 9.36 -7.40 -1.78
C GLN A 19 8.22 -6.64 -2.44
N LYS A 20 8.55 -5.57 -3.15
CA LYS A 20 7.56 -4.75 -3.83
C LYS A 20 6.46 -5.63 -4.44
N ARG A 21 6.86 -6.58 -5.27
CA ARG A 21 5.91 -7.49 -5.90
C ARG A 21 5.02 -8.17 -4.86
N ILE A 22 5.64 -8.76 -3.85
CA ILE A 22 4.90 -9.44 -2.80
C ILE A 22 3.73 -8.59 -2.32
N TYR A 23 3.97 -7.30 -2.12
CA TYR A 23 2.94 -6.38 -1.66
C TYR A 23 1.92 -6.11 -2.77
N THR A 24 2.42 -5.75 -3.94
CA THR A 24 1.56 -5.46 -5.08
C THR A 24 0.41 -6.45 -5.17
N ASP A 25 0.74 -7.74 -5.15
CA ASP A 25 -0.27 -8.79 -5.23
C ASP A 25 -1.22 -8.71 -4.04
N TRP A 26 -0.67 -8.43 -2.86
CA TRP A 26 -1.47 -8.33 -1.65
C TRP A 26 -2.52 -7.23 -1.78
N ALA A 27 -2.10 -6.05 -2.25
CA ALA A 27 -3.01 -4.94 -2.42
C ALA A 27 -3.96 -5.17 -3.58
N ASN A 28 -3.44 -5.73 -4.67
CA ASN A 28 -4.24 -6.01 -5.85
C ASN A 28 -5.54 -6.72 -5.47
N HIS A 29 -5.41 -7.82 -4.72
CA HIS A 29 -6.57 -8.59 -4.28
C HIS A 29 -7.69 -7.67 -3.81
N TYR A 30 -7.36 -6.77 -2.90
CA TYR A 30 -8.33 -5.83 -2.35
C TYR A 30 -8.91 -4.95 -3.47
N LEU A 31 -8.11 -4.69 -4.49
CA LEU A 31 -8.53 -3.87 -5.61
C LEU A 31 -9.49 -4.64 -6.52
N ALA A 32 -9.18 -5.90 -6.75
CA ALA A 32 -10.02 -6.76 -7.60
C ALA A 32 -11.34 -7.08 -6.91
N LYS A 33 -11.26 -7.45 -5.64
CA LYS A 33 -12.45 -7.79 -4.87
C LYS A 33 -13.42 -6.61 -4.80
N SER A 34 -12.86 -5.41 -4.75
CA SER A 34 -13.67 -4.20 -4.69
C SER A 34 -14.02 -3.69 -6.08
N GLY A 35 -14.14 -4.63 -7.03
CA GLY A 35 -14.47 -4.26 -8.39
C GLY A 35 -13.62 -3.12 -8.91
N HIS A 36 -12.34 -3.40 -9.14
CA HIS A 36 -11.41 -2.38 -9.63
C HIS A 36 -10.61 -2.91 -10.81
N LYS A 37 -11.08 -2.61 -12.02
CA LYS A 37 -10.41 -3.04 -13.24
C LYS A 37 -8.92 -2.74 -13.18
N ARG A 38 -8.59 -1.47 -12.93
CA ARG A 38 -7.20 -1.05 -12.84
C ARG A 38 -6.49 -1.72 -11.66
N LEU A 39 -5.20 -1.96 -11.81
CA LEU A 39 -4.41 -2.59 -10.77
C LEU A 39 -3.14 -1.78 -10.47
N ILE A 40 -2.30 -2.32 -9.60
CA ILE A 40 -1.05 -1.66 -9.24
C ILE A 40 0.13 -2.24 -10.01
N ARG A 41 0.71 -1.43 -10.88
CA ARG A 41 1.85 -1.86 -11.69
C ARG A 41 3.15 -1.62 -10.95
N ASP A 42 3.43 -0.35 -10.65
CA ASP A 42 4.64 0.03 -9.95
C ASP A 42 4.33 0.60 -8.56
N LEU A 43 4.44 -0.23 -7.54
CA LEU A 43 4.16 0.19 -6.17
C LEU A 43 4.84 1.51 -5.87
N GLN A 44 6.01 1.73 -6.47
CA GLN A 44 6.77 2.96 -6.25
C GLN A 44 6.06 4.15 -6.91
N GLN A 45 5.54 3.93 -8.12
CA GLN A 45 4.85 4.97 -8.86
C GLN A 45 3.33 4.82 -8.74
N ASP A 46 2.91 3.99 -7.79
CA ASP A 46 1.49 3.76 -7.56
C ASP A 46 0.99 4.52 -6.34
N VAL A 47 1.84 4.62 -5.32
CA VAL A 47 1.50 5.32 -4.10
C VAL A 47 2.15 6.70 -4.05
N THR A 48 2.28 7.33 -5.22
CA THR A 48 2.88 8.65 -5.30
C THR A 48 1.86 9.74 -5.01
N ASP A 49 0.64 9.54 -5.46
CA ASP A 49 -0.43 10.51 -5.24
C ASP A 49 -1.28 10.12 -4.03
N GLY A 50 -1.21 8.86 -3.65
CA GLY A 50 -1.98 8.38 -2.51
C GLY A 50 -3.37 7.91 -2.90
N VAL A 51 -3.92 8.49 -3.97
CA VAL A 51 -5.24 8.13 -4.44
C VAL A 51 -5.40 6.62 -4.51
N LEU A 52 -4.63 5.97 -5.38
CA LEU A 52 -4.69 4.53 -5.54
C LEU A 52 -4.42 3.82 -4.22
N LEU A 53 -3.48 4.36 -3.45
CA LEU A 53 -3.13 3.78 -2.16
C LEU A 53 -4.36 3.62 -1.28
N ALA A 54 -5.08 4.71 -1.08
CA ALA A 54 -6.29 4.69 -0.26
C ALA A 54 -7.26 3.63 -0.75
N GLN A 55 -7.46 3.57 -2.06
CA GLN A 55 -8.36 2.60 -2.66
C GLN A 55 -8.27 1.25 -1.96
N ILE A 56 -7.05 0.89 -1.56
CA ILE A 56 -6.82 -0.38 -0.87
C ILE A 56 -7.08 -0.25 0.62
N ILE A 57 -6.52 0.81 1.22
CA ILE A 57 -6.69 1.05 2.65
C ILE A 57 -8.16 1.07 3.03
N GLN A 58 -8.92 1.98 2.42
CA GLN A 58 -10.34 2.10 2.70
C GLN A 58 -11.02 0.73 2.65
N VAL A 59 -10.51 -0.16 1.82
CA VAL A 59 -11.06 -1.50 1.69
C VAL A 59 -10.62 -2.39 2.85
N VAL A 60 -9.33 -2.70 2.89
CA VAL A 60 -8.77 -3.54 3.94
C VAL A 60 -9.13 -3.01 5.31
N ALA A 61 -9.42 -1.71 5.39
CA ALA A 61 -9.78 -1.08 6.65
C ALA A 61 -11.30 -0.91 6.76
N ASN A 62 -12.00 -1.11 5.66
CA ASN A 62 -13.45 -0.99 5.63
C ASN A 62 -13.89 0.39 6.13
N GLU A 63 -13.16 1.42 5.70
CA GLU A 63 -13.47 2.79 6.10
C GLU A 63 -13.17 3.77 4.96
N LYS A 64 -13.74 4.96 5.06
CA LYS A 64 -13.52 5.99 4.04
C LYS A 64 -12.70 7.15 4.61
N ILE A 65 -11.74 7.61 3.82
CA ILE A 65 -10.88 8.73 4.23
C ILE A 65 -11.35 10.04 3.63
N GLU A 66 -11.87 10.92 4.47
CA GLU A 66 -12.36 12.22 4.02
C GLU A 66 -11.20 13.16 3.70
N ASP A 67 -10.08 12.95 4.39
CA ASP A 67 -8.89 13.77 4.18
C ASP A 67 -8.13 13.34 2.93
N ILE A 68 -8.87 13.08 1.86
CA ILE A 68 -8.26 12.64 0.61
C ILE A 68 -8.51 13.67 -0.50
N ASN A 69 -7.46 13.98 -1.26
CA ASN A 69 -7.56 14.94 -2.34
C ASN A 69 -7.11 14.33 -3.66
N GLY A 70 -8.08 13.91 -4.48
CA GLY A 70 -7.76 13.30 -5.76
C GLY A 70 -7.43 14.34 -6.82
N CYS A 71 -6.75 15.40 -6.42
CA CYS A 71 -6.38 16.47 -7.34
C CYS A 71 -4.93 16.89 -7.14
N PRO A 72 -4.01 15.92 -7.27
CA PRO A 72 -2.57 16.16 -7.09
C PRO A 72 -1.99 17.00 -8.23
N LYS A 73 -2.19 18.30 -8.16
CA LYS A 73 -1.68 19.22 -9.18
C LYS A 73 -0.25 19.65 -8.86
N ASN A 74 -0.03 20.05 -7.62
CA ASN A 74 1.29 20.50 -7.17
C ASN A 74 2.02 19.39 -6.42
N ARG A 75 3.34 19.38 -6.53
CA ARG A 75 4.16 18.37 -5.87
C ARG A 75 3.73 18.20 -4.41
N SER A 76 3.15 19.26 -3.84
CA SER A 76 2.70 19.23 -2.45
C SER A 76 1.35 18.53 -2.33
N GLN A 77 0.41 18.92 -3.18
CA GLN A 77 -0.92 18.33 -3.18
C GLN A 77 -0.86 16.84 -2.84
N MET A 78 -0.07 16.10 -3.60
CA MET A 78 0.08 14.66 -3.39
C MET A 78 0.41 14.36 -1.93
N ILE A 79 1.31 15.16 -1.36
CA ILE A 79 1.71 14.97 0.04
C ILE A 79 0.49 14.68 0.92
N GLU A 80 -0.41 15.65 1.02
CA GLU A 80 -1.61 15.49 1.82
C GLU A 80 -2.22 14.09 1.64
N ASN A 81 -2.61 13.79 0.40
CA ASN A 81 -3.20 12.49 0.09
C ASN A 81 -2.56 11.38 0.92
N ILE A 82 -1.26 11.16 0.69
CA ILE A 82 -0.52 10.13 1.42
C ILE A 82 -0.56 10.39 2.92
N ASP A 83 -0.43 11.65 3.31
CA ASP A 83 -0.45 12.03 4.72
C ASP A 83 -1.70 11.48 5.41
N ALA A 84 -2.87 11.81 4.86
CA ALA A 84 -4.13 11.34 5.42
C ALA A 84 -4.08 9.85 5.72
N CYS A 85 -3.51 9.08 4.81
CA CYS A 85 -3.40 7.64 4.96
C CYS A 85 -2.53 7.29 6.17
N LEU A 86 -1.36 7.91 6.24
CA LEU A 86 -0.43 7.67 7.35
C LEU A 86 -1.11 7.91 8.69
N ASN A 87 -1.79 9.05 8.81
CA ASN A 87 -2.48 9.40 10.04
C ASN A 87 -3.68 8.50 10.27
N PHE A 88 -4.42 8.23 9.20
CA PHE A 88 -5.60 7.37 9.28
C PHE A 88 -5.23 5.99 9.80
N LEU A 89 -4.18 5.40 9.23
CA LEU A 89 -3.72 4.08 9.63
C LEU A 89 -3.35 4.06 11.11
N ALA A 90 -2.54 5.03 11.52
CA ALA A 90 -2.11 5.13 12.90
C ALA A 90 -3.29 4.98 13.86
N ALA A 91 -4.40 5.61 13.52
CA ALA A 91 -5.61 5.55 14.34
C ALA A 91 -6.14 4.12 14.42
N LYS A 92 -6.04 3.39 13.32
CA LYS A 92 -6.50 2.02 13.26
C LYS A 92 -5.63 1.10 14.11
N GLY A 93 -4.36 1.47 14.26
CA GLY A 93 -3.44 0.67 15.05
C GLY A 93 -2.22 0.24 14.27
N ILE A 94 -1.71 1.15 13.43
CA ILE A 94 -0.53 0.85 12.62
C ILE A 94 0.59 1.84 12.90
N ASN A 95 1.77 1.31 13.23
CA ASN A 95 2.92 2.15 13.52
C ASN A 95 3.46 2.81 12.25
N ILE A 96 3.29 4.12 12.16
CA ILE A 96 3.75 4.87 10.99
C ILE A 96 5.03 5.65 11.32
N GLN A 97 5.18 6.04 12.57
CA GLN A 97 6.35 6.78 13.01
C GLN A 97 7.60 6.30 12.29
N GLY A 98 8.21 7.18 11.50
CA GLY A 98 9.41 6.82 10.77
C GLY A 98 9.27 7.04 9.28
N LEU A 99 8.08 6.75 8.75
CA LEU A 99 7.83 6.92 7.33
C LEU A 99 7.95 8.39 6.93
N SER A 100 7.79 8.66 5.63
CA SER A 100 7.90 10.02 5.11
C SER A 100 7.02 10.19 3.88
N ALA A 101 5.90 10.90 4.03
CA ALA A 101 4.99 11.14 2.93
C ALA A 101 5.75 11.57 1.67
N GLU A 102 6.72 12.47 1.85
CA GLU A 102 7.52 12.96 0.73
C GLU A 102 8.24 11.81 0.03
N GLU A 103 9.02 11.06 0.80
CA GLU A 103 9.77 9.94 0.26
C GLU A 103 8.87 9.02 -0.57
N ILE A 104 7.66 8.79 -0.06
CA ILE A 104 6.70 7.94 -0.75
C ILE A 104 6.27 8.56 -2.08
N ARG A 105 6.05 9.87 -2.06
CA ARG A 105 5.62 10.58 -3.26
C ARG A 105 6.68 10.48 -4.36
N ASN A 106 7.95 10.50 -3.95
CA ASN A 106 9.06 10.42 -4.90
C ASN A 106 9.15 9.01 -5.49
N GLY A 107 8.68 8.02 -4.75
CA GLY A 107 8.72 6.65 -5.22
C GLY A 107 9.91 5.89 -4.67
N ASN A 108 10.30 6.20 -3.44
CA ASN A 108 11.43 5.54 -2.81
C ASN A 108 11.03 4.16 -2.28
N LEU A 109 11.51 3.12 -2.95
CA LEU A 109 11.21 1.75 -2.54
C LEU A 109 11.24 1.60 -1.03
N LYS A 110 12.34 2.03 -0.42
CA LYS A 110 12.50 1.95 1.03
C LYS A 110 11.25 2.48 1.73
N ALA A 111 10.72 3.59 1.24
CA ALA A 111 9.53 4.19 1.82
C ALA A 111 8.29 3.34 1.57
N ILE A 112 7.96 3.16 0.29
CA ILE A 112 6.80 2.36 -0.09
C ILE A 112 6.80 1.02 0.65
N LEU A 113 7.80 0.20 0.36
CA LEU A 113 7.91 -1.11 1.00
C LEU A 113 7.54 -1.03 2.48
N GLY A 114 8.01 0.02 3.14
CA GLY A 114 7.72 0.19 4.55
C GLY A 114 6.23 0.35 4.83
N LEU A 115 5.60 1.28 4.13
CA LEU A 115 4.18 1.54 4.29
C LEU A 115 3.38 0.23 4.20
N PHE A 116 3.61 -0.51 3.13
CA PHE A 116 2.92 -1.79 2.93
C PHE A 116 3.44 -2.85 3.88
N PHE A 117 4.72 -2.77 4.19
CA PHE A 117 5.35 -3.73 5.10
C PHE A 117 4.69 -3.70 6.47
N SER A 118 4.25 -2.51 6.88
CA SER A 118 3.61 -2.34 8.18
C SER A 118 2.09 -2.43 8.05
N LEU A 119 1.54 -1.67 7.12
CA LEU A 119 0.10 -1.66 6.89
C LEU A 119 -0.48 -3.07 6.96
N SER A 120 0.04 -3.95 6.10
CA SER A 120 -0.42 -5.33 6.05
C SER A 120 -0.65 -5.88 7.46
N ARG A 121 0.33 -5.66 8.33
CA ARG A 121 0.23 -6.13 9.71
C ARG A 121 -1.17 -5.91 10.27
N TYR A 122 -1.70 -4.71 10.05
CA TYR A 122 -3.04 -4.37 10.53
C TYR A 122 -4.01 -5.51 10.27
N LYS A 123 -4.02 -6.02 9.05
CA LYS A 123 -4.90 -7.12 8.67
C LYS A 123 -4.29 -8.47 9.06
N GLN A 124 -3.06 -8.70 8.64
CA GLN A 124 -2.37 -9.95 8.95
C GLN A 124 -2.75 -10.45 10.34
N GLN A 125 -2.75 -9.55 11.31
CA GLN A 125 -3.08 -9.90 12.69
C GLN A 125 -4.51 -10.43 12.77
N GLN A 126 -5.47 -9.58 12.42
CA GLN A 126 -6.89 -9.96 12.46
C GLN A 126 -7.20 -10.99 11.38
N GLN A 127 -6.92 -12.25 11.66
CA GLN A 127 -7.18 -13.33 10.71
C GLN A 127 -8.59 -13.88 10.88
N GLN A 128 -9.46 -13.56 9.92
CA GLN A 128 -10.84 -14.02 9.97
C GLN A 128 -11.53 -13.56 11.25
N PRO A 129 -11.50 -12.24 11.51
CA PRO A 129 -12.11 -11.66 12.70
C PRO A 129 -13.63 -11.71 12.66
N GLY A 1 -9.45 -11.12 -19.33
CA GLY A 1 -9.59 -12.56 -19.27
C GLY A 1 -8.26 -13.27 -19.12
N SER A 2 -8.11 -14.00 -18.02
CA SER A 2 -6.87 -14.73 -17.75
C SER A 2 -7.14 -15.95 -16.88
N SER A 3 -6.12 -16.80 -16.73
CA SER A 3 -6.24 -18.01 -15.92
C SER A 3 -4.91 -18.73 -15.82
N GLY A 4 -4.70 -19.42 -14.71
CA GLY A 4 -3.46 -20.14 -14.49
C GLY A 4 -2.72 -19.67 -13.26
N SER A 5 -2.43 -20.60 -12.36
CA SER A 5 -1.72 -20.27 -11.13
C SER A 5 -0.98 -21.49 -10.58
N SER A 6 0.19 -21.25 -9.99
CA SER A 6 0.99 -22.33 -9.43
C SER A 6 1.89 -21.82 -8.30
N GLY A 7 2.17 -22.68 -7.34
CA GLY A 7 3.01 -22.30 -6.22
C GLY A 7 4.10 -23.31 -5.94
N LYS A 8 5.31 -22.81 -5.72
CA LYS A 8 6.45 -23.68 -5.44
C LYS A 8 6.99 -23.44 -4.02
N ARG A 9 6.77 -24.41 -3.14
CA ARG A 9 7.23 -24.31 -1.76
C ARG A 9 8.74 -24.50 -1.68
N LYS A 10 9.49 -23.43 -1.95
CA LYS A 10 10.94 -23.48 -1.90
C LYS A 10 11.50 -22.26 -1.18
N PRO A 11 12.58 -22.47 -0.42
CA PRO A 11 13.24 -21.41 0.34
C PRO A 11 13.95 -20.40 -0.56
N VAL A 12 13.37 -19.20 -0.67
CA VAL A 12 13.95 -18.15 -1.51
C VAL A 12 13.71 -16.78 -0.89
N ILE A 13 14.73 -15.93 -0.95
CA ILE A 13 14.64 -14.58 -0.40
C ILE A 13 14.09 -13.60 -1.43
N HIS A 14 13.30 -12.65 -0.97
CA HIS A 14 12.71 -11.64 -1.85
C HIS A 14 13.38 -10.29 -1.66
N GLY A 15 14.51 -10.09 -2.33
CA GLY A 15 15.23 -8.84 -2.22
C GLY A 15 14.31 -7.64 -2.23
N LEU A 16 14.81 -6.50 -1.76
CA LEU A 16 14.03 -5.28 -1.70
C LEU A 16 13.09 -5.18 -2.91
N GLU A 17 13.66 -5.24 -4.10
CA GLU A 17 12.87 -5.16 -5.32
C GLU A 17 11.79 -6.23 -5.35
N ASP A 18 12.16 -7.44 -4.98
CA ASP A 18 11.21 -8.56 -4.95
C ASP A 18 10.04 -8.25 -4.03
N GLN A 19 10.32 -7.57 -2.92
CA GLN A 19 9.29 -7.21 -1.96
C GLN A 19 8.22 -6.34 -2.60
N LYS A 20 8.65 -5.34 -3.36
CA LYS A 20 7.72 -4.44 -4.04
C LYS A 20 6.57 -5.21 -4.66
N ARG A 21 6.88 -6.31 -5.34
CA ARG A 21 5.87 -7.14 -5.97
C ARG A 21 4.96 -7.79 -4.92
N ILE A 22 5.57 -8.50 -3.98
CA ILE A 22 4.82 -9.17 -2.93
C ILE A 22 3.65 -8.31 -2.45
N TYR A 23 3.95 -7.07 -2.09
CA TYR A 23 2.93 -6.15 -1.60
C TYR A 23 1.92 -5.85 -2.71
N THR A 24 2.42 -5.50 -3.89
CA THR A 24 1.56 -5.17 -5.02
C THR A 24 0.42 -6.17 -5.14
N ASP A 25 0.76 -7.44 -5.34
CA ASP A 25 -0.24 -8.49 -5.47
C ASP A 25 -1.21 -8.46 -4.29
N TRP A 26 -0.68 -8.35 -3.08
CA TRP A 26 -1.49 -8.31 -1.88
C TRP A 26 -2.57 -7.24 -1.99
N ALA A 27 -2.16 -6.02 -2.34
CA ALA A 27 -3.10 -4.91 -2.47
C ALA A 27 -4.08 -5.17 -3.60
N ASN A 28 -3.57 -5.63 -4.74
CA ASN A 28 -4.41 -5.92 -5.90
C ASN A 28 -5.69 -6.63 -5.49
N HIS A 29 -5.53 -7.74 -4.77
CA HIS A 29 -6.68 -8.52 -4.31
C HIS A 29 -7.79 -7.60 -3.81
N TYR A 30 -7.44 -6.69 -2.91
CA TYR A 30 -8.40 -5.75 -2.35
C TYR A 30 -9.07 -4.93 -3.45
N LEU A 31 -8.32 -4.66 -4.51
CA LEU A 31 -8.84 -3.88 -5.63
C LEU A 31 -9.77 -4.73 -6.50
N ALA A 32 -9.27 -5.88 -6.95
CA ALA A 32 -10.05 -6.78 -7.78
C ALA A 32 -11.33 -7.22 -7.06
N LYS A 33 -11.21 -7.45 -5.75
CA LYS A 33 -12.35 -7.87 -4.95
C LYS A 33 -13.36 -6.74 -4.78
N SER A 34 -12.85 -5.51 -4.75
CA SER A 34 -13.70 -4.34 -4.59
C SER A 34 -14.26 -3.88 -5.95
N GLY A 35 -13.84 -4.57 -7.00
CA GLY A 35 -14.30 -4.22 -8.34
C GLY A 35 -13.49 -3.10 -8.96
N HIS A 36 -12.24 -3.39 -9.29
CA HIS A 36 -11.36 -2.40 -9.89
C HIS A 36 -10.72 -2.95 -11.16
N LYS A 37 -10.65 -2.10 -12.20
CA LYS A 37 -10.07 -2.49 -13.47
C LYS A 37 -8.59 -2.12 -13.54
N ARG A 38 -8.22 -1.08 -12.79
CA ARG A 38 -6.84 -0.61 -12.77
C ARG A 38 -6.08 -1.23 -11.61
N LEU A 39 -5.05 -2.01 -11.93
CA LEU A 39 -4.24 -2.68 -10.92
C LEU A 39 -3.02 -1.82 -10.56
N ILE A 40 -2.24 -2.30 -9.59
CA ILE A 40 -1.05 -1.57 -9.15
C ILE A 40 0.18 -2.07 -9.90
N ARG A 41 0.54 -1.35 -10.97
CA ARG A 41 1.70 -1.71 -11.78
C ARG A 41 2.99 -1.47 -11.01
N ASP A 42 3.23 -0.21 -10.65
CA ASP A 42 4.43 0.17 -9.91
C ASP A 42 4.07 0.68 -8.52
N LEU A 43 4.20 -0.19 -7.52
CA LEU A 43 3.89 0.18 -6.14
C LEU A 43 4.24 1.65 -5.88
N GLN A 44 5.50 2.01 -6.07
CA GLN A 44 5.96 3.37 -5.86
C GLN A 44 5.03 4.36 -6.55
N GLN A 45 4.65 4.06 -7.79
CA GLN A 45 3.77 4.92 -8.56
C GLN A 45 2.32 4.77 -8.10
N ASP A 46 2.02 3.65 -7.45
CA ASP A 46 0.68 3.37 -6.96
C ASP A 46 0.43 4.08 -5.64
N VAL A 47 1.47 4.70 -5.09
CA VAL A 47 1.36 5.41 -3.83
C VAL A 47 1.81 6.86 -3.97
N THR A 48 2.63 7.12 -4.99
CA THR A 48 3.14 8.46 -5.24
C THR A 48 2.01 9.49 -5.21
N ASP A 49 0.90 9.17 -5.85
CA ASP A 49 -0.26 10.06 -5.89
C ASP A 49 -1.09 9.93 -4.61
N GLY A 50 -1.07 8.74 -4.02
CA GLY A 50 -1.83 8.51 -2.80
C GLY A 50 -3.26 8.08 -3.08
N VAL A 51 -3.79 8.52 -4.22
CA VAL A 51 -5.15 8.18 -4.60
C VAL A 51 -5.36 6.67 -4.63
N LEU A 52 -4.68 6.00 -5.55
CA LEU A 52 -4.78 4.55 -5.68
C LEU A 52 -4.40 3.85 -4.39
N LEU A 53 -3.42 4.42 -3.67
CA LEU A 53 -2.98 3.85 -2.41
C LEU A 53 -4.14 3.73 -1.43
N ALA A 54 -4.84 4.84 -1.20
CA ALA A 54 -5.97 4.85 -0.28
C ALA A 54 -7.04 3.86 -0.73
N GLN A 55 -7.31 3.83 -2.02
CA GLN A 55 -8.32 2.92 -2.57
C GLN A 55 -8.25 1.56 -1.89
N ILE A 56 -7.04 1.12 -1.59
CA ILE A 56 -6.84 -0.17 -0.94
C ILE A 56 -7.09 -0.08 0.56
N ILE A 57 -6.42 0.87 1.21
CA ILE A 57 -6.57 1.06 2.65
C ILE A 57 -8.05 1.09 3.04
N GLN A 58 -8.83 1.88 2.32
CA GLN A 58 -10.26 1.99 2.60
C GLN A 58 -10.93 0.63 2.54
N VAL A 59 -10.50 -0.20 1.59
CA VAL A 59 -11.06 -1.53 1.44
C VAL A 59 -10.60 -2.46 2.55
N VAL A 60 -9.30 -2.77 2.55
CA VAL A 60 -8.73 -3.65 3.56
C VAL A 60 -9.09 -3.18 4.97
N ALA A 61 -9.26 -1.88 5.13
CA ALA A 61 -9.62 -1.29 6.42
C ALA A 61 -11.13 -1.15 6.56
N ASN A 62 -11.83 -1.23 5.44
CA ASN A 62 -13.29 -1.11 5.45
C ASN A 62 -13.72 0.25 5.97
N GLU A 63 -12.98 1.30 5.59
CA GLU A 63 -13.28 2.65 6.02
C GLU A 63 -13.04 3.65 4.90
N LYS A 64 -13.58 4.86 5.06
CA LYS A 64 -13.42 5.91 4.07
C LYS A 64 -12.58 7.05 4.61
N ILE A 65 -11.67 7.56 3.77
CA ILE A 65 -10.80 8.66 4.17
C ILE A 65 -11.22 9.96 3.48
N GLU A 66 -11.77 10.88 4.26
CA GLU A 66 -12.20 12.16 3.73
C GLU A 66 -11.01 13.06 3.44
N ASP A 67 -9.86 12.72 4.02
CA ASP A 67 -8.64 13.50 3.82
C ASP A 67 -7.90 13.05 2.56
N ILE A 68 -8.66 12.66 1.55
CA ILE A 68 -8.08 12.20 0.29
C ILE A 68 -8.45 13.14 -0.86
N ASN A 69 -7.54 13.28 -1.82
CA ASN A 69 -7.78 14.15 -2.97
C ASN A 69 -8.01 13.32 -4.22
N GLY A 70 -9.27 13.29 -4.67
CA GLY A 70 -9.60 12.54 -5.87
C GLY A 70 -8.49 12.54 -6.90
N CYS A 71 -8.10 13.73 -7.33
CA CYS A 71 -7.04 13.88 -8.33
C CYS A 71 -6.13 15.06 -7.98
N PRO A 72 -4.84 14.76 -7.75
CA PRO A 72 -3.85 15.78 -7.41
C PRO A 72 -3.52 16.69 -8.59
N LYS A 73 -3.62 17.99 -8.37
CA LYS A 73 -3.33 18.96 -9.42
C LYS A 73 -1.97 19.61 -9.20
N ASN A 74 -1.62 19.82 -7.94
CA ASN A 74 -0.34 20.43 -7.60
C ASN A 74 0.66 19.37 -7.14
N ARG A 75 1.95 19.69 -7.27
CA ARG A 75 3.00 18.76 -6.87
C ARG A 75 2.89 18.42 -5.39
N SER A 76 2.34 19.33 -4.61
CA SER A 76 2.17 19.13 -3.17
C SER A 76 0.84 18.44 -2.87
N GLN A 77 -0.21 18.86 -3.58
CA GLN A 77 -1.53 18.29 -3.39
C GLN A 77 -1.45 16.79 -3.14
N MET A 78 -0.40 16.16 -3.67
CA MET A 78 -0.20 14.73 -3.50
C MET A 78 0.17 14.39 -2.06
N ILE A 79 1.10 15.15 -1.50
CA ILE A 79 1.54 14.94 -0.13
C ILE A 79 0.36 14.64 0.79
N GLU A 80 -0.64 15.52 0.77
CA GLU A 80 -1.82 15.35 1.60
C GLU A 80 -2.39 13.94 1.45
N ASN A 81 -2.49 13.48 0.20
CA ASN A 81 -3.02 12.15 -0.08
C ASN A 81 -2.33 11.10 0.79
N ILE A 82 -1.04 10.90 0.56
CA ILE A 82 -0.27 9.92 1.32
C ILE A 82 -0.33 10.22 2.81
N ASP A 83 -0.19 11.49 3.17
CA ASP A 83 -0.23 11.90 4.56
C ASP A 83 -1.48 11.36 5.25
N ALA A 84 -2.65 11.66 4.69
CA ALA A 84 -3.91 11.21 5.25
C ALA A 84 -3.87 9.72 5.55
N CYS A 85 -3.34 8.94 4.61
CA CYS A 85 -3.24 7.49 4.76
C CYS A 85 -2.37 7.15 5.98
N LEU A 86 -1.20 7.76 6.06
CA LEU A 86 -0.28 7.50 7.16
C LEU A 86 -0.95 7.77 8.51
N ASN A 87 -1.59 8.93 8.62
CA ASN A 87 -2.28 9.32 9.85
C ASN A 87 -3.48 8.42 10.09
N PHE A 88 -4.17 8.05 9.01
CA PHE A 88 -5.35 7.19 9.11
C PHE A 88 -4.98 5.82 9.65
N LEU A 89 -3.83 5.30 9.23
CA LEU A 89 -3.36 3.99 9.67
C LEU A 89 -3.00 4.02 11.15
N ALA A 90 -2.32 5.07 11.57
CA ALA A 90 -1.91 5.22 12.97
C ALA A 90 -3.13 5.18 13.90
N ALA A 91 -4.22 5.79 13.45
CA ALA A 91 -5.44 5.83 14.24
C ALA A 91 -6.04 4.43 14.39
N LYS A 92 -5.86 3.61 13.37
CA LYS A 92 -6.38 2.24 13.40
C LYS A 92 -5.57 1.37 14.35
N GLY A 93 -4.32 1.76 14.60
CA GLY A 93 -3.47 1.01 15.49
C GLY A 93 -2.24 0.46 14.79
N ILE A 94 -1.66 1.26 13.90
CA ILE A 94 -0.48 0.85 13.16
C ILE A 94 0.67 1.81 13.39
N ASN A 95 1.89 1.28 13.44
CA ASN A 95 3.08 2.10 13.64
C ASN A 95 3.57 2.69 12.33
N ILE A 96 3.46 4.01 12.20
CA ILE A 96 3.89 4.69 10.99
C ILE A 96 5.17 5.48 11.23
N GLN A 97 5.42 5.83 12.50
CA GLN A 97 6.60 6.59 12.87
C GLN A 97 7.82 6.11 12.08
N GLY A 98 8.52 7.05 11.44
CA GLY A 98 9.68 6.70 10.67
C GLY A 98 9.50 6.98 9.19
N LEU A 99 8.30 6.73 8.68
CA LEU A 99 8.00 6.95 7.28
C LEU A 99 7.99 8.44 6.95
N SER A 100 7.88 8.77 5.67
CA SER A 100 7.88 10.15 5.22
C SER A 100 7.05 10.30 3.94
N ALA A 101 5.91 10.97 4.06
CA ALA A 101 5.03 11.19 2.92
C ALA A 101 5.82 11.67 1.71
N GLU A 102 6.79 12.55 1.94
CA GLU A 102 7.61 13.09 0.87
C GLU A 102 8.42 11.97 0.20
N GLU A 103 9.16 11.22 1.00
CA GLU A 103 9.98 10.12 0.48
C GLU A 103 9.16 9.21 -0.41
N ILE A 104 7.94 8.89 0.03
CA ILE A 104 7.06 8.02 -0.73
C ILE A 104 6.74 8.62 -2.10
N ARG A 105 6.44 9.91 -2.11
CA ARG A 105 6.11 10.61 -3.36
C ARG A 105 7.21 10.40 -4.40
N ASN A 106 8.47 10.49 -3.95
CA ASN A 106 9.60 10.31 -4.83
C ASN A 106 9.65 8.90 -5.40
N GLY A 107 9.12 7.94 -4.63
CA GLY A 107 9.11 6.56 -5.07
C GLY A 107 10.24 5.75 -4.47
N ASN A 108 10.70 6.17 -3.30
CA ASN A 108 11.79 5.48 -2.62
C ASN A 108 11.32 4.12 -2.08
N LEU A 109 11.63 3.06 -2.82
CA LEU A 109 11.24 1.72 -2.41
C LEU A 109 11.31 1.57 -0.89
N LYS A 110 12.50 1.75 -0.34
CA LYS A 110 12.70 1.64 1.10
C LYS A 110 11.52 2.24 1.86
N ALA A 111 11.12 3.43 1.46
CA ALA A 111 10.00 4.12 2.10
C ALA A 111 8.70 3.36 1.90
N ILE A 112 8.27 3.23 0.65
CA ILE A 112 7.04 2.53 0.33
C ILE A 112 6.99 1.17 1.03
N LEU A 113 7.90 0.28 0.65
CA LEU A 113 7.96 -1.05 1.23
C LEU A 113 7.61 -1.01 2.71
N GLY A 114 8.08 0.03 3.40
CA GLY A 114 7.79 0.16 4.82
C GLY A 114 6.31 0.30 5.11
N LEU A 115 5.66 1.22 4.41
CA LEU A 115 4.23 1.44 4.60
C LEU A 115 3.45 0.13 4.50
N PHE A 116 3.56 -0.53 3.35
CA PHE A 116 2.87 -1.79 3.13
C PHE A 116 3.38 -2.86 4.09
N PHE A 117 4.67 -2.78 4.43
CA PHE A 117 5.28 -3.75 5.33
C PHE A 117 4.55 -3.77 6.67
N SER A 118 4.11 -2.61 7.12
CA SER A 118 3.39 -2.50 8.39
C SER A 118 1.88 -2.62 8.18
N LEU A 119 1.36 -1.80 7.27
CA LEU A 119 -0.07 -1.82 6.97
C LEU A 119 -0.61 -3.24 6.92
N SER A 120 0.07 -4.10 6.15
CA SER A 120 -0.35 -5.49 6.01
C SER A 120 -0.58 -6.12 7.38
N ARG A 121 0.33 -5.86 8.31
CA ARG A 121 0.23 -6.41 9.66
C ARG A 121 -1.18 -6.19 10.23
N TYR A 122 -1.64 -4.94 10.18
CA TYR A 122 -2.97 -4.60 10.68
C TYR A 122 -3.98 -5.68 10.33
N LYS A 123 -4.09 -5.98 9.04
CA LYS A 123 -5.03 -6.99 8.57
C LYS A 123 -4.57 -8.39 8.98
N GLN A 124 -3.30 -8.68 8.72
CA GLN A 124 -2.74 -9.99 9.07
C GLN A 124 -3.30 -10.49 10.39
N GLN A 125 -2.99 -9.76 11.47
CA GLN A 125 -3.47 -10.13 12.80
C GLN A 125 -4.92 -10.59 12.75
N GLN A 126 -5.80 -9.69 12.34
CA GLN A 126 -7.22 -10.00 12.24
C GLN A 126 -7.52 -10.83 11.00
N GLN A 127 -6.79 -11.93 10.84
CA GLN A 127 -6.97 -12.81 9.70
C GLN A 127 -8.46 -12.99 9.38
N GLN A 128 -8.82 -12.75 8.13
CA GLN A 128 -10.20 -12.89 7.69
C GLN A 128 -10.63 -14.35 7.65
N PRO A 129 -11.91 -14.60 7.97
CA PRO A 129 -12.47 -15.96 7.98
C PRO A 129 -12.59 -16.55 6.58
N GLY A 1 0.81 -8.93 -18.45
CA GLY A 1 0.27 -10.01 -17.64
C GLY A 1 1.08 -11.28 -17.78
N SER A 2 2.40 -11.17 -17.66
CA SER A 2 3.28 -12.32 -17.78
C SER A 2 3.06 -13.30 -16.63
N SER A 3 3.27 -14.58 -16.90
CA SER A 3 3.08 -15.62 -15.89
C SER A 3 4.42 -16.27 -15.54
N GLY A 4 4.65 -16.49 -14.26
CA GLY A 4 5.88 -17.13 -13.81
C GLY A 4 5.77 -18.63 -13.73
N SER A 5 6.54 -19.23 -12.83
CA SER A 5 6.54 -20.68 -12.65
C SER A 5 5.97 -21.05 -11.28
N SER A 6 5.02 -21.97 -11.28
CA SER A 6 4.38 -22.41 -10.04
C SER A 6 5.34 -23.30 -9.24
N GLY A 7 6.00 -22.71 -8.25
CA GLY A 7 6.93 -23.46 -7.43
C GLY A 7 7.75 -22.57 -6.52
N LYS A 8 7.54 -22.71 -5.21
CA LYS A 8 8.28 -21.91 -4.24
C LYS A 8 8.99 -22.80 -3.22
N ARG A 9 9.51 -23.92 -3.69
CA ARG A 9 10.21 -24.86 -2.82
C ARG A 9 11.54 -24.28 -2.34
N LYS A 10 12.35 -23.83 -3.29
CA LYS A 10 13.65 -23.25 -2.97
C LYS A 10 13.49 -22.03 -2.07
N PRO A 11 14.54 -21.74 -1.28
CA PRO A 11 14.55 -20.60 -0.35
C PRO A 11 14.58 -19.26 -1.09
N VAL A 12 13.71 -18.35 -0.68
CA VAL A 12 13.64 -17.02 -1.29
C VAL A 12 14.16 -15.95 -0.34
N ILE A 13 14.46 -14.78 -0.89
CA ILE A 13 14.96 -13.66 -0.09
C ILE A 13 14.01 -12.47 -0.15
N HIS A 14 13.35 -12.30 -1.30
CA HIS A 14 12.42 -11.21 -1.48
C HIS A 14 13.14 -9.86 -1.39
N GLY A 15 14.22 -9.72 -2.14
CA GLY A 15 14.98 -8.48 -2.11
C GLY A 15 14.09 -7.26 -2.13
N LEU A 16 14.68 -6.10 -1.84
CA LEU A 16 13.92 -4.85 -1.83
C LEU A 16 12.97 -4.77 -3.01
N GLU A 17 13.50 -5.00 -4.21
CA GLU A 17 12.69 -4.97 -5.43
C GLU A 17 11.66 -6.09 -5.43
N ASP A 18 12.07 -7.27 -4.98
CA ASP A 18 11.18 -8.42 -4.93
C ASP A 18 9.98 -8.14 -4.04
N GLN A 19 10.22 -7.45 -2.92
CA GLN A 19 9.16 -7.12 -1.98
C GLN A 19 8.07 -6.30 -2.67
N LYS A 20 8.48 -5.36 -3.51
CA LYS A 20 7.53 -4.51 -4.22
C LYS A 20 6.44 -5.35 -4.87
N ARG A 21 6.79 -6.55 -5.32
CA ARG A 21 5.84 -7.46 -5.95
C ARG A 21 4.90 -8.08 -4.92
N ILE A 22 5.49 -8.59 -3.84
CA ILE A 22 4.71 -9.22 -2.78
C ILE A 22 3.53 -8.34 -2.36
N TYR A 23 3.82 -7.08 -2.08
CA TYR A 23 2.78 -6.14 -1.67
C TYR A 23 1.83 -5.83 -2.82
N THR A 24 2.40 -5.54 -3.99
CA THR A 24 1.61 -5.23 -5.17
C THR A 24 0.44 -6.20 -5.32
N ASP A 25 0.74 -7.49 -5.27
CA ASP A 25 -0.29 -8.52 -5.41
C ASP A 25 -1.23 -8.48 -4.21
N TRP A 26 -0.68 -8.27 -3.02
CA TRP A 26 -1.48 -8.23 -1.80
C TRP A 26 -2.61 -7.21 -1.93
N ALA A 27 -2.28 -6.01 -2.38
CA ALA A 27 -3.27 -4.96 -2.56
C ALA A 27 -4.21 -5.28 -3.71
N ASN A 28 -3.66 -5.84 -4.78
CA ASN A 28 -4.44 -6.19 -5.96
C ASN A 28 -5.69 -6.97 -5.56
N HIS A 29 -5.57 -7.77 -4.51
CA HIS A 29 -6.68 -8.58 -4.03
C HIS A 29 -7.82 -7.69 -3.53
N TYR A 30 -7.48 -6.67 -2.77
CA TYR A 30 -8.48 -5.74 -2.23
C TYR A 30 -9.08 -4.89 -3.35
N LEU A 31 -8.41 -4.87 -4.49
CA LEU A 31 -8.89 -4.10 -5.64
C LEU A 31 -9.81 -4.93 -6.51
N ALA A 32 -9.35 -6.12 -6.89
CA ALA A 32 -10.14 -7.02 -7.73
C ALA A 32 -11.41 -7.46 -7.01
N LYS A 33 -11.38 -7.41 -5.69
CA LYS A 33 -12.53 -7.80 -4.88
C LYS A 33 -13.59 -6.70 -4.86
N SER A 34 -13.13 -5.45 -4.86
CA SER A 34 -14.04 -4.31 -4.84
C SER A 34 -14.53 -3.98 -6.25
N GLY A 35 -14.10 -4.78 -7.22
CA GLY A 35 -14.51 -4.56 -8.60
C GLY A 35 -13.69 -3.48 -9.27
N HIS A 36 -12.39 -3.75 -9.46
CA HIS A 36 -11.50 -2.79 -10.10
C HIS A 36 -10.90 -3.38 -11.38
N LYS A 37 -10.77 -2.54 -12.41
CA LYS A 37 -10.21 -2.97 -13.67
C LYS A 37 -8.72 -2.67 -13.75
N ARG A 38 -8.28 -1.67 -12.99
CA ARG A 38 -6.88 -1.28 -12.97
C ARG A 38 -6.15 -1.94 -11.81
N LEU A 39 -4.91 -2.35 -12.05
CA LEU A 39 -4.11 -3.01 -11.02
C LEU A 39 -2.89 -2.16 -10.67
N ILE A 40 -2.07 -2.66 -9.74
CA ILE A 40 -0.87 -1.95 -9.33
C ILE A 40 0.37 -2.51 -10.02
N ARG A 41 1.00 -1.68 -10.85
CA ARG A 41 2.20 -2.09 -11.57
C ARG A 41 3.46 -1.67 -10.82
N ASP A 42 3.57 -0.37 -10.55
CA ASP A 42 4.73 0.17 -9.84
C ASP A 42 4.33 0.65 -8.45
N LEU A 43 4.57 -0.17 -7.44
CA LEU A 43 4.24 0.19 -6.07
C LEU A 43 4.82 1.54 -5.70
N GLN A 44 5.91 1.91 -6.36
CA GLN A 44 6.56 3.19 -6.10
C GLN A 44 5.75 4.35 -6.71
N GLN A 45 5.23 4.12 -7.91
CA GLN A 45 4.45 5.14 -8.59
C GLN A 45 2.95 4.85 -8.45
N ASP A 46 2.61 3.86 -7.64
CA ASP A 46 1.23 3.49 -7.42
C ASP A 46 0.68 4.12 -6.15
N VAL A 47 1.55 4.83 -5.43
CA VAL A 47 1.16 5.49 -4.19
C VAL A 47 1.62 6.95 -4.17
N THR A 48 2.25 7.37 -5.26
CA THR A 48 2.74 8.74 -5.37
C THR A 48 1.60 9.74 -5.23
N ASP A 49 0.46 9.43 -5.83
CA ASP A 49 -0.71 10.30 -5.77
C ASP A 49 -1.52 10.03 -4.50
N GLY A 50 -1.46 8.79 -4.01
CA GLY A 50 -2.20 8.43 -2.82
C GLY A 50 -3.62 8.01 -3.11
N VAL A 51 -4.05 8.23 -4.34
CA VAL A 51 -5.41 7.88 -4.75
C VAL A 51 -5.57 6.36 -4.82
N LEU A 52 -4.89 5.74 -5.78
CA LEU A 52 -4.96 4.29 -5.95
C LEU A 52 -4.58 3.57 -4.66
N LEU A 53 -3.73 4.20 -3.86
CA LEU A 53 -3.29 3.62 -2.60
C LEU A 53 -4.46 3.48 -1.63
N ALA A 54 -5.05 4.61 -1.26
CA ALA A 54 -6.19 4.61 -0.34
C ALA A 54 -7.26 3.62 -0.79
N GLN A 55 -7.47 3.52 -2.10
CA GLN A 55 -8.46 2.60 -2.64
C GLN A 55 -8.39 1.25 -1.94
N ILE A 56 -7.19 0.83 -1.58
CA ILE A 56 -6.99 -0.45 -0.90
C ILE A 56 -7.27 -0.32 0.59
N ILE A 57 -6.59 0.63 1.23
CA ILE A 57 -6.77 0.86 2.65
C ILE A 57 -8.24 0.89 3.04
N GLN A 58 -8.99 1.80 2.43
CA GLN A 58 -10.41 1.94 2.70
C GLN A 58 -11.11 0.58 2.65
N VAL A 59 -10.51 -0.36 1.92
CA VAL A 59 -11.07 -1.70 1.78
C VAL A 59 -10.61 -2.60 2.94
N VAL A 60 -9.30 -2.86 2.98
CA VAL A 60 -8.74 -3.70 4.02
C VAL A 60 -9.10 -3.19 5.41
N ALA A 61 -9.48 -1.92 5.48
CA ALA A 61 -9.86 -1.30 6.74
C ALA A 61 -11.35 -0.99 6.78
N ASN A 62 -12.04 -1.25 5.67
CA ASN A 62 -13.47 -1.00 5.58
C ASN A 62 -13.82 0.39 6.10
N GLU A 63 -13.03 1.38 5.70
CA GLU A 63 -13.25 2.75 6.13
C GLU A 63 -13.00 3.73 4.98
N LYS A 64 -13.39 4.99 5.18
CA LYS A 64 -13.22 6.02 4.17
C LYS A 64 -12.32 7.14 4.69
N ILE A 65 -11.43 7.63 3.82
CA ILE A 65 -10.51 8.70 4.20
C ILE A 65 -10.98 10.03 3.63
N GLU A 66 -11.68 10.81 4.43
CA GLU A 66 -12.18 12.11 4.01
C GLU A 66 -11.03 13.11 3.85
N ASP A 67 -9.84 12.69 4.26
CA ASP A 67 -8.66 13.54 4.16
C ASP A 67 -7.88 13.26 2.88
N ILE A 68 -8.60 12.84 1.84
CA ILE A 68 -7.97 12.53 0.56
C ILE A 68 -8.38 13.55 -0.51
N ASN A 69 -7.41 13.99 -1.30
CA ASN A 69 -7.66 14.97 -2.36
C ASN A 69 -8.40 14.31 -3.53
N GLY A 70 -7.68 13.49 -4.28
CA GLY A 70 -8.29 12.81 -5.42
C GLY A 70 -7.58 13.14 -6.72
N CYS A 71 -7.38 14.43 -6.99
CA CYS A 71 -6.72 14.86 -8.21
C CYS A 71 -5.65 15.90 -7.90
N PRO A 72 -4.48 15.43 -7.42
CA PRO A 72 -3.36 16.30 -7.08
C PRO A 72 -2.71 16.93 -8.31
N LYS A 73 -2.49 18.24 -8.26
CA LYS A 73 -1.87 18.95 -9.37
C LYS A 73 -0.59 19.65 -8.92
N ASN A 74 -0.59 20.14 -7.69
CA ASN A 74 0.57 20.83 -7.14
C ASN A 74 1.64 19.83 -6.69
N ARG A 75 2.84 20.33 -6.42
CA ARG A 75 3.94 19.48 -5.98
C ARG A 75 3.67 18.93 -4.58
N SER A 76 3.24 19.81 -3.69
CA SER A 76 2.95 19.42 -2.31
C SER A 76 1.59 18.74 -2.21
N GLN A 77 0.65 19.18 -3.05
CA GLN A 77 -0.69 18.61 -3.06
C GLN A 77 -0.65 17.10 -2.83
N MET A 78 0.25 16.43 -3.54
CA MET A 78 0.39 14.98 -3.41
C MET A 78 0.75 14.59 -1.99
N ILE A 79 1.71 15.31 -1.40
CA ILE A 79 2.15 15.04 -0.04
C ILE A 79 0.96 14.76 0.87
N GLU A 80 0.01 15.70 0.92
CA GLU A 80 -1.18 15.54 1.75
C GLU A 80 -1.83 14.19 1.52
N ASN A 81 -2.16 13.90 0.26
CA ASN A 81 -2.80 12.64 -0.09
C ASN A 81 -2.21 11.49 0.72
N ILE A 82 -0.95 11.18 0.47
CA ILE A 82 -0.27 10.10 1.19
C ILE A 82 -0.29 10.33 2.69
N ASP A 83 -0.16 11.59 3.09
CA ASP A 83 -0.18 11.94 4.51
C ASP A 83 -1.45 11.43 5.18
N ALA A 84 -2.60 11.71 4.57
CA ALA A 84 -3.88 11.27 5.12
C ALA A 84 -3.87 9.78 5.40
N CYS A 85 -3.24 9.01 4.51
CA CYS A 85 -3.17 7.56 4.66
C CYS A 85 -2.31 7.18 5.87
N LEU A 86 -1.15 7.84 5.99
CA LEU A 86 -0.24 7.57 7.09
C LEU A 86 -0.90 7.87 8.43
N ASN A 87 -1.54 9.03 8.53
CA ASN A 87 -2.21 9.43 9.76
C ASN A 87 -3.40 8.51 10.05
N PHE A 88 -4.06 8.06 8.99
CA PHE A 88 -5.21 7.18 9.12
C PHE A 88 -4.80 5.83 9.70
N LEU A 89 -3.79 5.21 9.09
CA LEU A 89 -3.30 3.92 9.54
C LEU A 89 -2.96 3.95 11.03
N ALA A 90 -2.38 5.07 11.47
CA ALA A 90 -2.01 5.24 12.87
C ALA A 90 -3.23 5.16 13.78
N ALA A 91 -4.35 5.69 13.30
CA ALA A 91 -5.59 5.68 14.06
C ALA A 91 -6.14 4.27 14.22
N LYS A 92 -5.90 3.44 13.22
CA LYS A 92 -6.37 2.05 13.25
C LYS A 92 -5.58 1.23 14.27
N GLY A 93 -4.36 1.68 14.56
CA GLY A 93 -3.53 0.98 15.53
C GLY A 93 -2.24 0.46 14.90
N ILE A 94 -1.67 1.24 13.98
CA ILE A 94 -0.44 0.85 13.32
C ILE A 94 0.68 1.86 13.60
N ASN A 95 1.91 1.36 13.64
CA ASN A 95 3.07 2.22 13.89
C ASN A 95 3.62 2.79 12.60
N ILE A 96 3.50 4.11 12.43
CA ILE A 96 3.99 4.78 11.23
C ILE A 96 5.21 5.64 11.55
N GLN A 97 5.44 5.88 12.83
CA GLN A 97 6.57 6.69 13.27
C GLN A 97 7.85 6.28 12.55
N GLY A 98 8.22 7.04 11.52
CA GLY A 98 9.42 6.74 10.77
C GLY A 98 9.27 7.04 9.29
N LEU A 99 8.09 6.76 8.74
CA LEU A 99 7.83 7.00 7.34
C LEU A 99 7.89 8.49 7.02
N SER A 100 7.67 8.84 5.76
CA SER A 100 7.70 10.23 5.32
C SER A 100 6.92 10.41 4.02
N ALA A 101 5.76 11.05 4.11
CA ALA A 101 4.93 11.29 2.95
C ALA A 101 5.76 11.76 1.76
N GLU A 102 6.71 12.65 2.02
CA GLU A 102 7.58 13.17 0.97
C GLU A 102 8.33 12.05 0.27
N GLU A 103 8.98 11.20 1.07
CA GLU A 103 9.73 10.08 0.52
C GLU A 103 8.86 9.20 -0.36
N ILE A 104 7.68 8.85 0.16
CA ILE A 104 6.74 8.02 -0.59
C ILE A 104 6.36 8.67 -1.92
N ARG A 105 6.08 9.97 -1.88
CA ARG A 105 5.71 10.71 -3.07
C ARG A 105 6.83 10.68 -4.10
N ASN A 106 8.07 10.59 -3.63
CA ASN A 106 9.22 10.56 -4.51
C ASN A 106 9.33 9.21 -5.22
N GLY A 107 8.80 8.17 -4.59
CA GLY A 107 8.85 6.85 -5.16
C GLY A 107 10.00 6.02 -4.62
N ASN A 108 10.37 6.26 -3.36
CA ASN A 108 11.46 5.53 -2.74
C ASN A 108 10.98 4.18 -2.22
N LEU A 109 11.51 3.11 -2.80
CA LEU A 109 11.14 1.76 -2.40
C LEU A 109 11.26 1.59 -0.89
N LYS A 110 12.32 2.17 -0.32
CA LYS A 110 12.54 2.09 1.12
C LYS A 110 11.37 2.67 1.90
N ALA A 111 10.65 3.60 1.26
CA ALA A 111 9.50 4.23 1.90
C ALA A 111 8.23 3.41 1.68
N ILE A 112 7.86 3.23 0.42
CA ILE A 112 6.67 2.45 0.08
C ILE A 112 6.67 1.10 0.78
N LEU A 113 7.74 0.34 0.58
CA LEU A 113 7.86 -0.98 1.20
C LEU A 113 7.51 -0.92 2.68
N GLY A 114 8.00 0.12 3.35
CA GLY A 114 7.73 0.28 4.77
C GLY A 114 6.25 0.39 5.07
N LEU A 115 5.53 1.14 4.24
CA LEU A 115 4.10 1.34 4.43
C LEU A 115 3.36 0.01 4.31
N PHE A 116 3.52 -0.65 3.18
CA PHE A 116 2.87 -1.93 2.93
C PHE A 116 3.40 -3.01 3.87
N PHE A 117 4.56 -2.74 4.47
CA PHE A 117 5.18 -3.68 5.40
C PHE A 117 4.47 -3.67 6.74
N SER A 118 4.03 -2.48 7.16
CA SER A 118 3.35 -2.33 8.43
C SER A 118 1.83 -2.43 8.25
N LEU A 119 1.34 -1.85 7.17
CA LEU A 119 -0.10 -1.87 6.87
C LEU A 119 -0.63 -3.30 6.87
N SER A 120 -0.01 -4.15 6.06
CA SER A 120 -0.42 -5.55 5.95
C SER A 120 -0.62 -6.16 7.34
N ARG A 121 0.32 -5.88 8.24
CA ARG A 121 0.25 -6.40 9.60
C ARG A 121 -1.14 -6.21 10.19
N TYR A 122 -1.64 -4.98 10.10
CA TYR A 122 -2.96 -4.64 10.63
C TYR A 122 -3.95 -5.77 10.35
N LYS A 123 -4.07 -6.14 9.08
CA LYS A 123 -4.99 -7.20 8.67
C LYS A 123 -4.42 -8.57 9.04
N GLN A 124 -3.20 -8.85 8.60
CA GLN A 124 -2.55 -10.12 8.88
C GLN A 124 -2.94 -10.63 10.27
N GLN A 125 -2.67 -9.82 11.29
CA GLN A 125 -2.99 -10.18 12.66
C GLN A 125 -4.50 -10.25 12.87
N GLN A 126 -5.22 -9.31 12.27
CA GLN A 126 -6.67 -9.26 12.40
C GLN A 126 -7.31 -10.52 11.81
N GLN A 127 -7.62 -11.48 12.68
CA GLN A 127 -8.23 -12.73 12.24
C GLN A 127 -9.26 -13.22 13.26
N GLN A 128 -10.41 -13.67 12.77
CA GLN A 128 -11.47 -14.16 13.65
C GLN A 128 -11.94 -15.54 13.20
N PRO A 129 -12.31 -16.38 14.17
CA PRO A 129 -12.78 -17.75 13.91
C PRO A 129 -14.15 -17.77 13.24
N GLY A 1 17.53 -48.71 7.91
CA GLY A 1 16.46 -47.87 7.41
C GLY A 1 16.85 -46.42 7.33
N SER A 2 16.10 -45.63 6.57
CA SER A 2 16.39 -44.21 6.41
C SER A 2 15.11 -43.43 6.16
N SER A 3 15.14 -42.13 6.47
CA SER A 3 13.98 -41.27 6.28
C SER A 3 14.40 -39.92 5.71
N GLY A 4 13.53 -39.34 4.87
CA GLY A 4 13.83 -38.05 4.29
C GLY A 4 12.91 -36.95 4.78
N SER A 5 13.49 -35.89 5.31
CA SER A 5 12.70 -34.77 5.83
C SER A 5 11.89 -34.12 4.73
N SER A 6 10.72 -33.61 5.09
CA SER A 6 9.83 -32.96 4.13
C SER A 6 9.60 -31.50 4.50
N GLY A 7 9.24 -31.25 5.75
CA GLY A 7 9.00 -29.90 6.22
C GLY A 7 10.25 -29.24 6.76
N LYS A 8 11.23 -29.04 5.89
CA LYS A 8 12.49 -28.42 6.28
C LYS A 8 13.14 -27.71 5.10
N ARG A 9 13.10 -26.38 5.11
CA ARG A 9 13.68 -25.58 4.05
C ARG A 9 13.62 -24.10 4.38
N LYS A 10 14.79 -23.46 4.47
CA LYS A 10 14.87 -22.05 4.78
C LYS A 10 13.87 -21.24 3.95
N PRO A 11 13.27 -20.22 4.57
CA PRO A 11 12.28 -19.36 3.92
C PRO A 11 12.91 -18.46 2.85
N VAL A 12 12.25 -18.34 1.71
CA VAL A 12 12.74 -17.52 0.62
C VAL A 12 13.00 -16.08 1.10
N ILE A 13 14.10 -15.50 0.61
CA ILE A 13 14.45 -14.13 0.97
C ILE A 13 13.50 -13.13 0.34
N HIS A 14 13.20 -12.06 1.09
CA HIS A 14 12.31 -11.02 0.60
C HIS A 14 13.06 -9.72 0.37
N GLY A 15 14.03 -9.76 -0.55
CA GLY A 15 14.81 -8.58 -0.85
C GLY A 15 13.95 -7.33 -1.00
N LEU A 16 14.48 -6.19 -0.56
CA LEU A 16 13.76 -4.93 -0.65
C LEU A 16 12.92 -4.87 -1.93
N GLU A 17 13.58 -4.98 -3.07
CA GLU A 17 12.90 -4.94 -4.36
C GLU A 17 11.90 -6.09 -4.48
N ASP A 18 12.27 -7.25 -3.97
CA ASP A 18 11.42 -8.42 -4.02
C ASP A 18 10.16 -8.22 -3.16
N GLN A 19 10.28 -7.36 -2.16
CA GLN A 19 9.15 -7.07 -1.27
C GLN A 19 8.07 -6.30 -1.99
N LYS A 20 8.47 -5.35 -2.83
CA LYS A 20 7.52 -4.54 -3.60
C LYS A 20 6.45 -5.42 -4.24
N ARG A 21 6.89 -6.39 -5.03
CA ARG A 21 5.97 -7.30 -5.70
C ARG A 21 5.04 -7.97 -4.70
N ILE A 22 5.62 -8.58 -3.67
CA ILE A 22 4.83 -9.26 -2.65
C ILE A 22 3.65 -8.40 -2.21
N TYR A 23 3.91 -7.14 -1.92
CA TYR A 23 2.86 -6.22 -1.49
C TYR A 23 1.90 -5.92 -2.63
N THR A 24 2.45 -5.65 -3.81
CA THR A 24 1.64 -5.34 -4.98
C THR A 24 0.51 -6.34 -5.14
N ASP A 25 0.86 -7.62 -5.21
CA ASP A 25 -0.14 -8.68 -5.36
C ASP A 25 -1.13 -8.67 -4.20
N TRP A 26 -0.62 -8.40 -3.01
CA TRP A 26 -1.46 -8.36 -1.81
C TRP A 26 -2.57 -7.33 -1.97
N ALA A 27 -2.19 -6.10 -2.31
CA ALA A 27 -3.16 -5.03 -2.49
C ALA A 27 -4.04 -5.28 -3.70
N ASN A 28 -3.44 -5.82 -4.75
CA ASN A 28 -4.17 -6.11 -5.98
C ASN A 28 -5.50 -6.82 -5.69
N HIS A 29 -5.46 -7.75 -4.73
CA HIS A 29 -6.65 -8.49 -4.35
C HIS A 29 -7.75 -7.55 -3.90
N TYR A 30 -7.52 -6.84 -2.81
CA TYR A 30 -8.50 -5.91 -2.27
C TYR A 30 -9.09 -5.05 -3.37
N LEU A 31 -8.29 -4.74 -4.38
CA LEU A 31 -8.73 -3.93 -5.51
C LEU A 31 -9.68 -4.72 -6.41
N ALA A 32 -9.28 -5.94 -6.74
CA ALA A 32 -10.10 -6.80 -7.59
C ALA A 32 -11.40 -7.18 -6.90
N LYS A 33 -11.28 -7.72 -5.69
CA LYS A 33 -12.45 -8.13 -4.91
C LYS A 33 -13.46 -7.00 -4.81
N SER A 34 -12.95 -5.77 -4.76
CA SER A 34 -13.81 -4.59 -4.64
C SER A 34 -14.13 -4.03 -6.03
N GLY A 35 -14.20 -4.91 -7.01
CA GLY A 35 -14.50 -4.47 -8.37
C GLY A 35 -13.89 -3.13 -8.70
N HIS A 36 -12.56 -3.04 -8.62
CA HIS A 36 -11.85 -1.80 -8.91
C HIS A 36 -11.48 -1.72 -10.39
N LYS A 37 -11.49 -2.87 -11.06
CA LYS A 37 -11.15 -2.93 -12.48
C LYS A 37 -9.78 -2.31 -12.74
N ARG A 38 -8.85 -2.56 -11.83
CA ARG A 38 -7.49 -2.03 -11.96
C ARG A 38 -6.56 -2.66 -10.94
N LEU A 39 -5.27 -2.70 -11.27
CA LEU A 39 -4.27 -3.28 -10.38
C LEU A 39 -3.09 -2.33 -10.20
N ILE A 40 -2.21 -2.66 -9.25
CA ILE A 40 -1.03 -1.85 -8.99
C ILE A 40 0.19 -2.38 -9.73
N ARG A 41 0.63 -1.63 -10.74
CA ARG A 41 1.78 -2.03 -11.53
C ARG A 41 3.08 -1.74 -10.79
N ASP A 42 3.30 -0.46 -10.49
CA ASP A 42 4.51 -0.04 -9.78
C ASP A 42 4.15 0.53 -8.40
N LEU A 43 4.57 -0.17 -7.35
CA LEU A 43 4.29 0.27 -5.99
C LEU A 43 4.92 1.64 -5.73
N GLN A 44 6.09 1.87 -6.29
CA GLN A 44 6.78 3.14 -6.11
C GLN A 44 6.07 4.26 -6.86
N GLN A 45 5.19 3.88 -7.78
CA GLN A 45 4.43 4.86 -8.57
C GLN A 45 2.95 4.76 -8.28
N ASP A 46 2.56 3.76 -7.48
CA ASP A 46 1.17 3.56 -7.12
C ASP A 46 0.78 4.43 -5.93
N VAL A 47 1.73 4.63 -5.01
CA VAL A 47 1.48 5.45 -3.83
C VAL A 47 2.13 6.82 -3.96
N THR A 48 2.18 7.33 -5.19
CA THR A 48 2.77 8.63 -5.46
C THR A 48 1.77 9.75 -5.24
N ASP A 49 0.51 9.48 -5.58
CA ASP A 49 -0.55 10.47 -5.42
C ASP A 49 -1.42 10.14 -4.21
N GLY A 50 -1.28 8.92 -3.70
CA GLY A 50 -2.06 8.51 -2.55
C GLY A 50 -3.48 8.11 -2.91
N VAL A 51 -3.89 8.46 -4.13
CA VAL A 51 -5.24 8.14 -4.60
C VAL A 51 -5.45 6.63 -4.64
N LEU A 52 -4.78 5.96 -5.58
CA LEU A 52 -4.90 4.52 -5.73
C LEU A 52 -4.58 3.81 -4.42
N LEU A 53 -3.61 4.35 -3.69
CA LEU A 53 -3.21 3.77 -2.41
C LEU A 53 -4.40 3.64 -1.46
N ALA A 54 -5.08 4.76 -1.23
CA ALA A 54 -6.25 4.78 -0.34
C ALA A 54 -7.29 3.75 -0.80
N GLN A 55 -7.58 3.75 -2.10
CA GLN A 55 -8.56 2.83 -2.65
C GLN A 55 -8.49 1.47 -1.96
N ILE A 56 -7.27 1.05 -1.63
CA ILE A 56 -7.06 -0.23 -0.96
C ILE A 56 -7.33 -0.12 0.53
N ILE A 57 -6.62 0.78 1.19
CA ILE A 57 -6.78 0.99 2.63
C ILE A 57 -8.26 1.00 3.01
N GLN A 58 -9.03 1.87 2.37
CA GLN A 58 -10.45 1.98 2.65
C GLN A 58 -11.13 0.62 2.56
N VAL A 59 -10.61 -0.24 1.70
CA VAL A 59 -11.15 -1.58 1.51
C VAL A 59 -10.66 -2.53 2.59
N VAL A 60 -9.35 -2.76 2.62
CA VAL A 60 -8.75 -3.65 3.60
C VAL A 60 -9.11 -3.22 5.02
N ALA A 61 -9.47 -1.96 5.18
CA ALA A 61 -9.83 -1.41 6.48
C ALA A 61 -11.34 -1.16 6.57
N ASN A 62 -12.02 -1.34 5.45
CA ASN A 62 -13.46 -1.13 5.39
C ASN A 62 -13.84 0.25 5.94
N GLU A 63 -12.95 1.21 5.75
CA GLU A 63 -13.18 2.57 6.22
C GLU A 63 -13.04 3.58 5.08
N LYS A 64 -13.45 4.81 5.34
CA LYS A 64 -13.38 5.86 4.33
C LYS A 64 -12.58 7.05 4.86
N ILE A 65 -11.71 7.58 4.00
CA ILE A 65 -10.87 8.73 4.38
C ILE A 65 -11.38 10.01 3.72
N GLU A 66 -11.77 10.98 4.55
CA GLU A 66 -12.27 12.24 4.04
C GLU A 66 -11.14 13.26 3.91
N ASP A 67 -10.01 12.95 4.53
CA ASP A 67 -8.84 13.84 4.49
C ASP A 67 -8.02 13.59 3.23
N ILE A 68 -8.66 13.04 2.20
CA ILE A 68 -7.98 12.74 0.95
C ILE A 68 -8.29 13.80 -0.10
N ASN A 69 -7.24 14.44 -0.61
CA ASN A 69 -7.38 15.48 -1.63
C ASN A 69 -8.28 15.00 -2.77
N GLY A 70 -8.04 13.79 -3.23
CA GLY A 70 -8.82 13.23 -4.32
C GLY A 70 -8.15 13.38 -5.66
N CYS A 71 -7.98 14.62 -6.11
CA CYS A 71 -7.34 14.89 -7.40
C CYS A 71 -6.20 15.87 -7.24
N PRO A 72 -5.10 15.41 -6.63
CA PRO A 72 -3.91 16.25 -6.41
C PRO A 72 -3.18 16.59 -7.71
N LYS A 73 -2.82 17.85 -7.86
CA LYS A 73 -2.12 18.31 -9.05
C LYS A 73 -0.87 19.11 -8.68
N ASN A 74 -0.97 19.87 -7.60
CA ASN A 74 0.15 20.68 -7.13
C ASN A 74 1.31 19.79 -6.65
N ARG A 75 2.39 20.43 -6.23
CA ARG A 75 3.56 19.70 -5.75
C ARG A 75 3.29 19.08 -4.38
N SER A 76 2.73 19.87 -3.48
CA SER A 76 2.42 19.40 -2.13
C SER A 76 1.05 18.73 -2.09
N GLN A 77 0.14 19.19 -2.95
CA GLN A 77 -1.20 18.63 -3.02
C GLN A 77 -1.16 17.11 -2.96
N MET A 78 -0.16 16.53 -3.59
CA MET A 78 0.00 15.07 -3.61
C MET A 78 0.52 14.57 -2.26
N ILE A 79 1.43 15.31 -1.66
CA ILE A 79 2.00 14.93 -0.37
C ILE A 79 0.90 14.72 0.67
N GLU A 80 -0.01 15.68 0.76
CA GLU A 80 -1.10 15.60 1.72
C GLU A 80 -1.78 14.24 1.64
N ASN A 81 -1.97 13.74 0.43
CA ASN A 81 -2.61 12.45 0.22
C ASN A 81 -1.97 11.37 1.10
N ILE A 82 -0.73 11.01 0.78
CA ILE A 82 0.00 10.00 1.54
C ILE A 82 -0.06 10.29 3.04
N ASP A 83 0.11 11.57 3.39
CA ASP A 83 0.08 11.98 4.79
C ASP A 83 -1.21 11.52 5.46
N ALA A 84 -2.34 11.80 4.83
CA ALA A 84 -3.64 11.42 5.37
C ALA A 84 -3.70 9.91 5.62
N CYS A 85 -3.18 9.14 4.68
CA CYS A 85 -3.17 7.68 4.80
C CYS A 85 -2.28 7.24 5.96
N LEU A 86 -1.18 7.94 6.16
CA LEU A 86 -0.25 7.61 7.24
C LEU A 86 -0.90 7.84 8.60
N ASN A 87 -1.60 8.96 8.74
CA ASN A 87 -2.26 9.29 10.00
C ASN A 87 -3.47 8.39 10.23
N PHE A 88 -4.17 8.07 9.14
CA PHE A 88 -5.36 7.21 9.22
C PHE A 88 -4.97 5.81 9.70
N LEU A 89 -3.87 5.29 9.19
CA LEU A 89 -3.39 3.96 9.56
C LEU A 89 -2.95 3.94 11.01
N ALA A 90 -2.25 4.98 11.44
CA ALA A 90 -1.77 5.07 12.80
C ALA A 90 -2.92 4.98 13.80
N ALA A 91 -4.10 5.38 13.36
CA ALA A 91 -5.29 5.34 14.22
C ALA A 91 -5.82 3.91 14.35
N LYS A 92 -5.62 3.12 13.30
CA LYS A 92 -6.08 1.73 13.30
C LYS A 92 -5.16 0.86 14.16
N GLY A 93 -4.01 1.40 14.53
CA GLY A 93 -3.06 0.66 15.35
C GLY A 93 -1.85 0.21 14.56
N ILE A 94 -1.47 1.00 13.55
CA ILE A 94 -0.31 0.68 12.72
C ILE A 94 0.83 1.65 12.97
N ASN A 95 2.05 1.13 12.92
CA ASN A 95 3.24 1.95 13.14
C ASN A 95 3.67 2.63 11.85
N ILE A 96 3.68 3.96 11.86
CA ILE A 96 4.08 4.74 10.69
C ILE A 96 5.37 5.50 10.95
N GLN A 97 5.75 5.59 12.22
CA GLN A 97 6.97 6.29 12.60
C GLN A 97 8.14 5.87 11.71
N GLY A 98 8.54 6.78 10.81
CA GLY A 98 9.64 6.49 9.92
C GLY A 98 9.31 6.83 8.48
N LEU A 99 8.09 6.52 8.06
CA LEU A 99 7.66 6.78 6.69
C LEU A 99 7.51 8.28 6.46
N SER A 100 7.98 8.75 5.30
CA SER A 100 7.91 10.16 4.95
C SER A 100 7.12 10.36 3.67
N ALA A 101 6.01 11.08 3.76
CA ALA A 101 5.17 11.35 2.60
C ALA A 101 5.99 11.84 1.42
N GLU A 102 6.92 12.75 1.69
CA GLU A 102 7.77 13.30 0.63
C GLU A 102 8.57 12.18 -0.05
N GLU A 103 9.10 11.26 0.75
CA GLU A 103 9.87 10.15 0.21
C GLU A 103 8.98 9.17 -0.53
N ILE A 104 7.77 8.97 -0.01
CA ILE A 104 6.81 8.05 -0.62
C ILE A 104 6.32 8.59 -1.96
N ARG A 105 6.02 9.89 -1.99
CA ARG A 105 5.55 10.53 -3.22
C ARG A 105 6.57 10.42 -4.34
N ASN A 106 7.84 10.57 -3.98
CA ASN A 106 8.93 10.49 -4.95
C ASN A 106 9.08 9.07 -5.48
N GLY A 107 8.70 8.10 -4.67
CA GLY A 107 8.80 6.71 -5.07
C GLY A 107 9.94 5.97 -4.39
N ASN A 108 10.34 6.48 -3.23
CA ASN A 108 11.44 5.87 -2.46
C ASN A 108 11.05 4.46 -2.01
N LEU A 109 11.52 3.46 -2.74
CA LEU A 109 11.23 2.07 -2.41
C LEU A 109 11.27 1.85 -0.90
N LYS A 110 12.37 2.27 -0.27
CA LYS A 110 12.53 2.12 1.17
C LYS A 110 11.28 2.61 1.91
N ALA A 111 10.75 3.75 1.49
CA ALA A 111 9.56 4.32 2.11
C ALA A 111 8.33 3.47 1.79
N ILE A 112 7.98 3.39 0.52
CA ILE A 112 6.83 2.61 0.09
C ILE A 112 6.77 1.27 0.79
N LEU A 113 7.77 0.43 0.54
CA LEU A 113 7.84 -0.90 1.16
C LEU A 113 7.45 -0.82 2.64
N GLY A 114 7.86 0.25 3.30
CA GLY A 114 7.54 0.42 4.70
C GLY A 114 6.06 0.51 4.95
N LEU A 115 5.35 1.18 4.05
CA LEU A 115 3.90 1.34 4.18
C LEU A 115 3.18 0.00 4.05
N PHE A 116 3.31 -0.63 2.88
CA PHE A 116 2.68 -1.93 2.64
C PHE A 116 3.23 -2.99 3.60
N PHE A 117 4.36 -2.68 4.22
CA PHE A 117 4.99 -3.61 5.16
C PHE A 117 4.24 -3.62 6.49
N SER A 118 3.84 -2.43 6.96
CA SER A 118 3.13 -2.31 8.22
C SER A 118 1.63 -2.45 8.01
N LEU A 119 1.13 -1.83 6.95
CA LEU A 119 -0.29 -1.87 6.62
C LEU A 119 -0.82 -3.31 6.68
N SER A 120 -0.22 -4.18 5.88
CA SER A 120 -0.63 -5.57 5.84
C SER A 120 -0.81 -6.13 7.24
N ARG A 121 0.13 -5.81 8.12
CA ARG A 121 0.07 -6.28 9.50
C ARG A 121 -1.30 -6.05 10.10
N TYR A 122 -1.78 -4.81 10.01
CA TYR A 122 -3.09 -4.45 10.55
C TYR A 122 -4.12 -5.54 10.24
N LYS A 123 -4.22 -5.90 8.97
CA LYS A 123 -5.17 -6.92 8.54
C LYS A 123 -4.73 -8.30 9.02
N GLN A 124 -3.50 -8.67 8.71
CA GLN A 124 -2.96 -9.96 9.11
C GLN A 124 -3.48 -10.36 10.49
N GLN A 125 -3.36 -9.45 11.45
CA GLN A 125 -3.82 -9.70 12.80
C GLN A 125 -5.35 -9.72 12.87
N GLN A 126 -5.98 -8.79 12.16
CA GLN A 126 -7.43 -8.70 12.14
C GLN A 126 -8.04 -9.85 11.35
N GLN A 127 -8.15 -11.01 11.99
CA GLN A 127 -8.71 -12.19 11.34
C GLN A 127 -10.09 -12.52 11.91
N GLN A 128 -11.07 -12.64 11.02
CA GLN A 128 -12.43 -12.94 11.43
C GLN A 128 -12.47 -14.22 12.29
N PRO A 129 -13.48 -14.31 13.15
CA PRO A 129 -13.65 -15.46 14.05
C PRO A 129 -14.06 -16.72 13.30
N GLY A 1 5.44 -27.45 -15.78
CA GLY A 1 5.69 -27.05 -14.42
C GLY A 1 5.86 -25.55 -14.27
N SER A 2 4.85 -24.90 -13.71
CA SER A 2 4.88 -23.45 -13.52
C SER A 2 5.93 -23.07 -12.49
N SER A 3 5.95 -23.79 -11.37
CA SER A 3 6.91 -23.52 -10.30
C SER A 3 7.60 -24.81 -9.86
N GLY A 4 8.82 -24.68 -9.34
CA GLY A 4 9.57 -25.83 -8.89
C GLY A 4 9.17 -26.26 -7.49
N SER A 5 10.16 -26.44 -6.62
CA SER A 5 9.91 -26.86 -5.25
C SER A 5 10.27 -25.74 -4.27
N SER A 6 9.51 -25.63 -3.20
CA SER A 6 9.74 -24.61 -2.18
C SER A 6 11.04 -24.88 -1.43
N GLY A 7 11.09 -26.02 -0.74
CA GLY A 7 12.27 -26.38 0.02
C GLY A 7 11.97 -26.69 1.47
N LYS A 8 12.77 -27.55 2.08
CA LYS A 8 12.58 -27.94 3.47
C LYS A 8 13.46 -27.08 4.38
N ARG A 9 12.93 -25.94 4.80
CA ARG A 9 13.66 -25.04 5.68
C ARG A 9 14.89 -24.45 4.97
N LYS A 10 14.72 -24.13 3.69
CA LYS A 10 15.80 -23.56 2.90
C LYS A 10 15.84 -22.05 3.03
N PRO A 11 17.06 -21.48 3.08
CA PRO A 11 17.26 -20.04 3.21
C PRO A 11 16.85 -19.29 1.95
N VAL A 12 16.03 -18.25 2.11
CA VAL A 12 15.58 -17.45 0.98
C VAL A 12 15.33 -16.00 1.40
N ILE A 13 15.71 -15.07 0.54
CA ILE A 13 15.53 -13.65 0.81
C ILE A 13 14.86 -12.95 -0.36
N HIS A 14 14.06 -11.93 -0.04
CA HIS A 14 13.35 -11.17 -1.07
C HIS A 14 13.91 -9.76 -1.18
N GLY A 15 14.97 -9.60 -1.97
CA GLY A 15 15.58 -8.30 -2.15
C GLY A 15 14.57 -7.17 -2.14
N LEU A 16 15.01 -5.98 -1.75
CA LEU A 16 14.12 -4.82 -1.69
C LEU A 16 13.15 -4.83 -2.87
N GLU A 17 13.68 -5.05 -4.08
CA GLU A 17 12.86 -5.08 -5.28
C GLU A 17 11.90 -6.26 -5.25
N ASP A 18 12.37 -7.38 -4.72
CA ASP A 18 11.55 -8.59 -4.63
C ASP A 18 10.34 -8.36 -3.75
N GLN A 19 10.52 -7.61 -2.67
CA GLN A 19 9.43 -7.31 -1.75
C GLN A 19 8.29 -6.60 -2.47
N LYS A 20 8.62 -5.52 -3.18
CA LYS A 20 7.62 -4.76 -3.90
C LYS A 20 6.52 -5.66 -4.45
N ARG A 21 6.92 -6.74 -5.12
CA ARG A 21 5.97 -7.69 -5.68
C ARG A 21 5.06 -8.25 -4.60
N ILE A 22 5.66 -8.94 -3.63
CA ILE A 22 4.89 -9.53 -2.53
C ILE A 22 3.73 -8.64 -2.13
N TYR A 23 3.98 -7.33 -2.03
CA TYR A 23 2.94 -6.38 -1.66
C TYR A 23 2.00 -6.12 -2.83
N THR A 24 2.57 -5.82 -3.99
CA THR A 24 1.78 -5.55 -5.18
C THR A 24 0.60 -6.51 -5.29
N ASP A 25 0.86 -7.79 -5.07
CA ASP A 25 -0.18 -8.81 -5.13
C ASP A 25 -1.18 -8.64 -3.98
N TRP A 26 -0.67 -8.29 -2.81
CA TRP A 26 -1.51 -8.10 -1.64
C TRP A 26 -2.62 -7.09 -1.92
N ALA A 27 -2.22 -5.88 -2.31
CA ALA A 27 -3.19 -4.82 -2.61
C ALA A 27 -4.10 -5.22 -3.76
N ASN A 28 -3.50 -5.59 -4.89
CA ASN A 28 -4.25 -6.00 -6.06
C ASN A 28 -5.53 -6.74 -5.66
N HIS A 29 -5.39 -7.75 -4.80
CA HIS A 29 -6.52 -8.53 -4.34
C HIS A 29 -7.66 -7.61 -3.89
N TYR A 30 -7.33 -6.67 -3.01
CA TYR A 30 -8.34 -5.74 -2.50
C TYR A 30 -8.94 -4.91 -3.63
N LEU A 31 -8.10 -4.50 -4.57
CA LEU A 31 -8.54 -3.70 -5.70
C LEU A 31 -9.48 -4.51 -6.60
N ALA A 32 -9.29 -5.82 -6.62
CA ALA A 32 -10.11 -6.70 -7.43
C ALA A 32 -11.45 -7.00 -6.74
N LYS A 33 -11.37 -7.44 -5.48
CA LYS A 33 -12.56 -7.76 -4.71
C LYS A 33 -13.50 -6.56 -4.62
N SER A 34 -12.91 -5.36 -4.57
CA SER A 34 -13.69 -4.14 -4.49
C SER A 34 -14.12 -3.67 -5.87
N GLY A 35 -14.26 -4.62 -6.79
CA GLY A 35 -14.67 -4.29 -8.15
C GLY A 35 -14.00 -3.03 -8.66
N HIS A 36 -12.70 -3.12 -8.93
CA HIS A 36 -11.94 -1.98 -9.42
C HIS A 36 -11.40 -2.26 -10.83
N LYS A 37 -11.48 -1.26 -11.70
CA LYS A 37 -11.00 -1.41 -13.06
C LYS A 37 -9.57 -0.89 -13.19
N ARG A 38 -8.71 -1.28 -12.25
CA ARG A 38 -7.32 -0.86 -12.25
C ARG A 38 -6.53 -1.57 -11.17
N LEU A 39 -5.30 -1.95 -11.49
CA LEU A 39 -4.44 -2.65 -10.54
C LEU A 39 -3.19 -1.82 -10.23
N ILE A 40 -2.28 -2.40 -9.45
CA ILE A 40 -1.05 -1.72 -9.09
C ILE A 40 0.13 -2.24 -9.90
N ARG A 41 0.62 -1.42 -10.82
CA ARG A 41 1.75 -1.81 -11.67
C ARG A 41 3.07 -1.55 -10.96
N ASP A 42 3.34 -0.29 -10.66
CA ASP A 42 4.58 0.09 -9.98
C ASP A 42 4.27 0.63 -8.58
N LEU A 43 4.44 -0.24 -7.58
CA LEU A 43 4.18 0.14 -6.20
C LEU A 43 4.82 1.49 -5.87
N GLN A 44 6.00 1.73 -6.46
CA GLN A 44 6.71 2.98 -6.23
C GLN A 44 5.98 4.15 -6.87
N GLN A 45 5.52 3.95 -8.10
CA GLN A 45 4.80 4.99 -8.83
C GLN A 45 3.29 4.81 -8.67
N ASP A 46 2.89 3.95 -7.75
CA ASP A 46 1.47 3.69 -7.51
C ASP A 46 0.99 4.43 -6.26
N VAL A 47 1.87 4.56 -5.28
CA VAL A 47 1.53 5.25 -4.04
C VAL A 47 2.20 6.61 -3.96
N THR A 48 2.26 7.31 -5.10
CA THR A 48 2.87 8.63 -5.16
C THR A 48 1.83 9.72 -4.95
N ASP A 49 0.61 9.49 -5.46
CA ASP A 49 -0.46 10.45 -5.33
C ASP A 49 -1.32 10.15 -4.09
N GLY A 50 -1.21 8.93 -3.60
CA GLY A 50 -1.98 8.53 -2.43
C GLY A 50 -3.37 8.07 -2.78
N VAL A 51 -3.92 8.59 -3.87
CA VAL A 51 -5.26 8.23 -4.32
C VAL A 51 -5.40 6.72 -4.44
N LEU A 52 -4.66 6.13 -5.38
CA LEU A 52 -4.71 4.69 -5.60
C LEU A 52 -4.44 3.93 -4.30
N LEU A 53 -3.49 4.43 -3.51
CA LEU A 53 -3.15 3.81 -2.25
C LEU A 53 -4.38 3.64 -1.36
N ALA A 54 -5.07 4.75 -1.10
CA ALA A 54 -6.27 4.72 -0.28
C ALA A 54 -7.28 3.70 -0.80
N GLN A 55 -7.47 3.69 -2.11
CA GLN A 55 -8.40 2.76 -2.74
C GLN A 55 -8.32 1.38 -2.08
N ILE A 56 -7.13 1.01 -1.64
CA ILE A 56 -6.92 -0.28 -1.00
C ILE A 56 -7.17 -0.19 0.51
N ILE A 57 -6.55 0.78 1.15
CA ILE A 57 -6.71 0.97 2.59
C ILE A 57 -8.19 1.00 2.97
N GLN A 58 -8.94 1.91 2.35
CA GLN A 58 -10.36 2.04 2.63
C GLN A 58 -11.06 0.68 2.56
N VAL A 59 -10.51 -0.22 1.76
CA VAL A 59 -11.08 -1.55 1.61
C VAL A 59 -10.64 -2.46 2.74
N VAL A 60 -9.36 -2.81 2.77
CA VAL A 60 -8.82 -3.68 3.80
C VAL A 60 -9.21 -3.19 5.20
N ALA A 61 -9.40 -1.87 5.32
CA ALA A 61 -9.79 -1.28 6.60
C ALA A 61 -11.30 -1.18 6.72
N ASN A 62 -11.98 -1.09 5.58
CA ASN A 62 -13.44 -0.98 5.56
C ASN A 62 -13.89 0.39 6.03
N GLU A 63 -13.15 1.42 5.63
CA GLU A 63 -13.48 2.79 6.03
C GLU A 63 -13.14 3.77 4.91
N LYS A 64 -13.71 4.97 5.00
CA LYS A 64 -13.46 6.00 3.99
C LYS A 64 -12.65 7.14 4.57
N ILE A 65 -11.66 7.61 3.81
CA ILE A 65 -10.80 8.70 4.25
C ILE A 65 -11.30 10.04 3.70
N GLU A 66 -11.74 10.91 4.60
CA GLU A 66 -12.24 12.22 4.21
C GLU A 66 -11.09 13.17 3.88
N ASP A 67 -9.92 12.88 4.45
CA ASP A 67 -8.73 13.70 4.21
C ASP A 67 -8.05 13.30 2.91
N ILE A 68 -8.84 13.10 1.87
CA ILE A 68 -8.32 12.71 0.56
C ILE A 68 -8.64 13.76 -0.49
N ASN A 69 -7.61 14.44 -0.99
CA ASN A 69 -7.79 15.47 -2.01
C ASN A 69 -8.22 14.86 -3.34
N GLY A 70 -7.37 13.96 -3.87
CA GLY A 70 -7.67 13.32 -5.13
C GLY A 70 -7.44 14.23 -6.33
N CYS A 71 -6.67 13.75 -7.29
CA CYS A 71 -6.36 14.52 -8.48
C CYS A 71 -5.51 15.74 -8.14
N PRO A 72 -4.37 15.49 -7.48
CA PRO A 72 -3.45 16.56 -7.08
C PRO A 72 -2.74 17.19 -8.27
N LYS A 73 -2.44 18.48 -8.16
CA LYS A 73 -1.75 19.20 -9.22
C LYS A 73 -0.39 19.71 -8.76
N ASN A 74 -0.35 20.27 -7.56
CA ASN A 74 0.88 20.78 -6.99
C ASN A 74 1.70 19.67 -6.33
N ARG A 75 2.99 19.63 -6.63
CA ARG A 75 3.87 18.62 -6.07
C ARG A 75 3.52 18.34 -4.60
N SER A 76 3.04 19.38 -3.91
CA SER A 76 2.67 19.24 -2.51
C SER A 76 1.27 18.65 -2.36
N GLN A 77 0.35 19.11 -3.20
CA GLN A 77 -1.03 18.63 -3.17
C GLN A 77 -1.06 17.11 -2.99
N MET A 78 0.00 16.45 -3.45
CA MET A 78 0.08 14.99 -3.34
C MET A 78 0.39 14.58 -1.91
N ILE A 79 1.35 15.27 -1.29
CA ILE A 79 1.74 14.96 0.08
C ILE A 79 0.52 14.66 0.95
N GLU A 80 -0.42 15.61 0.99
CA GLU A 80 -1.64 15.44 1.78
C GLU A 80 -2.22 14.05 1.59
N ASN A 81 -2.57 13.72 0.36
CA ASN A 81 -3.15 12.43 0.04
C ASN A 81 -2.49 11.32 0.87
N ILE A 82 -1.22 11.07 0.61
CA ILE A 82 -0.47 10.05 1.33
C ILE A 82 -0.53 10.29 2.84
N ASP A 83 -0.42 11.56 3.23
CA ASP A 83 -0.47 11.92 4.65
C ASP A 83 -1.71 11.37 5.31
N ALA A 84 -2.88 11.65 4.71
CA ALA A 84 -4.14 11.18 5.26
C ALA A 84 -4.10 9.68 5.56
N CYS A 85 -3.49 8.92 4.65
CA CYS A 85 -3.38 7.48 4.82
C CYS A 85 -2.50 7.14 6.03
N LEU A 86 -1.35 7.79 6.12
CA LEU A 86 -0.43 7.55 7.23
C LEU A 86 -1.11 7.81 8.57
N ASN A 87 -1.78 8.96 8.67
CA ASN A 87 -2.48 9.32 9.90
C ASN A 87 -3.69 8.43 10.13
N PHE A 88 -4.42 8.15 9.06
CA PHE A 88 -5.61 7.30 9.14
C PHE A 88 -5.24 5.90 9.62
N LEU A 89 -4.11 5.39 9.13
CA LEU A 89 -3.64 4.06 9.50
C LEU A 89 -3.21 4.02 10.97
N ALA A 90 -2.40 4.99 11.37
CA ALA A 90 -1.93 5.07 12.74
C ALA A 90 -3.06 4.83 13.73
N ALA A 91 -4.13 5.60 13.58
CA ALA A 91 -5.29 5.46 14.46
C ALA A 91 -5.73 4.00 14.58
N LYS A 92 -5.55 3.25 13.49
CA LYS A 92 -5.93 1.85 13.47
C LYS A 92 -5.00 1.01 14.34
N GLY A 93 -3.77 1.50 14.51
CA GLY A 93 -2.80 0.79 15.31
C GLY A 93 -1.56 0.40 14.53
N ILE A 94 -1.23 1.22 13.52
CA ILE A 94 -0.06 0.95 12.69
C ILE A 94 1.00 2.03 12.88
N ASN A 95 2.25 1.66 12.63
CA ASN A 95 3.36 2.60 12.78
C ASN A 95 3.59 3.39 11.49
N ILE A 96 3.56 4.71 11.59
CA ILE A 96 3.76 5.57 10.43
C ILE A 96 4.94 6.52 10.65
N GLN A 97 5.15 6.91 11.90
CA GLN A 97 6.24 7.81 12.25
C GLN A 97 7.46 7.54 11.37
N GLY A 98 7.97 6.32 11.45
CA GLY A 98 9.14 5.95 10.66
C GLY A 98 9.00 6.34 9.20
N LEU A 99 7.85 6.01 8.62
CA LEU A 99 7.59 6.32 7.22
C LEU A 99 7.67 7.82 6.96
N SER A 100 7.51 8.22 5.70
CA SER A 100 7.56 9.62 5.33
C SER A 100 6.80 9.88 4.04
N ALA A 101 5.78 10.72 4.12
CA ALA A 101 4.96 11.05 2.95
C ALA A 101 5.83 11.54 1.80
N GLU A 102 6.69 12.51 2.08
CA GLU A 102 7.58 13.07 1.06
C GLU A 102 8.32 11.96 0.32
N GLU A 103 9.00 11.11 1.08
CA GLU A 103 9.75 10.00 0.49
C GLU A 103 8.85 9.11 -0.36
N ILE A 104 7.67 8.79 0.17
CA ILE A 104 6.73 7.95 -0.53
C ILE A 104 6.33 8.57 -1.87
N ARG A 105 5.95 9.84 -1.83
CA ARG A 105 5.54 10.55 -3.04
C ARG A 105 6.62 10.44 -4.12
N ASN A 106 7.88 10.47 -3.70
CA ASN A 106 9.00 10.37 -4.63
C ASN A 106 9.07 8.98 -5.25
N GLY A 107 8.59 7.99 -4.52
CA GLY A 107 8.61 6.63 -5.01
C GLY A 107 9.80 5.84 -4.52
N ASN A 108 10.30 6.20 -3.34
CA ASN A 108 11.45 5.53 -2.75
C ASN A 108 11.06 4.16 -2.22
N LEU A 109 11.46 3.12 -2.93
CA LEU A 109 11.16 1.75 -2.54
C LEU A 109 11.24 1.59 -1.01
N LYS A 110 12.35 2.06 -0.45
CA LYS A 110 12.57 1.97 0.99
C LYS A 110 11.33 2.47 1.76
N ALA A 111 10.75 3.56 1.27
CA ALA A 111 9.57 4.12 1.91
C ALA A 111 8.34 3.26 1.65
N ILE A 112 7.95 3.17 0.38
CA ILE A 112 6.79 2.37 0.00
C ILE A 112 6.77 1.03 0.73
N LEU A 113 7.81 0.23 0.50
CA LEU A 113 7.92 -1.08 1.14
C LEU A 113 7.55 -1.00 2.62
N GLY A 114 8.01 0.05 3.28
CA GLY A 114 7.72 0.23 4.69
C GLY A 114 6.23 0.36 4.96
N LEU A 115 5.57 1.21 4.18
CA LEU A 115 4.13 1.43 4.35
C LEU A 115 3.37 0.11 4.25
N PHE A 116 3.53 -0.59 3.13
CA PHE A 116 2.85 -1.87 2.93
C PHE A 116 3.38 -2.92 3.90
N PHE A 117 4.63 -2.77 4.33
CA PHE A 117 5.25 -3.70 5.25
C PHE A 117 4.53 -3.68 6.61
N SER A 118 4.10 -2.49 7.02
CA SER A 118 3.41 -2.33 8.29
C SER A 118 1.90 -2.45 8.11
N LEU A 119 1.37 -1.73 7.12
CA LEU A 119 -0.06 -1.75 6.84
C LEU A 119 -0.60 -3.17 6.91
N SER A 120 -0.08 -4.04 6.05
CA SER A 120 -0.51 -5.43 6.00
C SER A 120 -0.79 -5.96 7.41
N ARG A 121 0.20 -5.82 8.29
CA ARG A 121 0.07 -6.27 9.67
C ARG A 121 -1.35 -6.03 10.19
N TYR A 122 -1.87 -4.83 9.93
CA TYR A 122 -3.21 -4.47 10.38
C TYR A 122 -4.18 -5.63 10.17
N LYS A 123 -4.29 -6.09 8.93
CA LYS A 123 -5.18 -7.19 8.59
C LYS A 123 -4.57 -8.53 9.01
N GLN A 124 -3.35 -8.78 8.54
CA GLN A 124 -2.67 -10.02 8.86
C GLN A 124 -2.99 -10.48 10.29
N GLN A 125 -3.52 -11.69 10.41
CA GLN A 125 -3.88 -12.24 11.71
C GLN A 125 -4.67 -11.23 12.53
N GLN A 126 -5.55 -10.48 11.86
CA GLN A 126 -6.35 -9.48 12.54
C GLN A 126 -7.49 -10.12 13.31
N GLN A 127 -8.19 -11.05 12.67
CA GLN A 127 -9.31 -11.74 13.31
C GLN A 127 -8.90 -12.33 14.65
N GLN A 128 -7.60 -12.47 14.85
CA GLN A 128 -7.07 -13.02 16.09
C GLN A 128 -5.60 -12.64 16.28
N PRO A 129 -5.29 -12.05 17.44
CA PRO A 129 -3.93 -11.63 17.78
C PRO A 129 -2.99 -12.80 18.01
N GLY A 1 -4.73 -4.18 -16.13
CA GLY A 1 -5.03 -5.54 -16.55
C GLY A 1 -3.79 -6.31 -16.96
N SER A 2 -3.27 -7.12 -16.04
CA SER A 2 -2.07 -7.91 -16.29
C SER A 2 -2.41 -9.39 -16.46
N SER A 3 -2.51 -9.83 -17.70
CA SER A 3 -2.84 -11.22 -17.99
C SER A 3 -1.67 -12.14 -17.66
N GLY A 4 -1.91 -13.09 -16.77
CA GLY A 4 -0.87 -14.02 -16.38
C GLY A 4 -0.66 -14.07 -14.88
N SER A 5 -1.72 -14.39 -14.14
CA SER A 5 -1.65 -14.45 -12.68
C SER A 5 -1.03 -15.77 -12.23
N SER A 6 0.20 -15.69 -11.72
CA SER A 6 0.90 -16.88 -11.24
C SER A 6 1.96 -16.51 -10.23
N GLY A 7 2.46 -17.51 -9.51
CA GLY A 7 3.48 -17.27 -8.50
C GLY A 7 4.51 -18.38 -8.44
N LYS A 8 5.24 -18.45 -7.33
CA LYS A 8 6.26 -19.47 -7.15
C LYS A 8 5.91 -20.41 -6.00
N ARG A 9 6.56 -21.57 -5.95
CA ARG A 9 6.32 -22.54 -4.90
C ARG A 9 7.60 -22.88 -4.16
N LYS A 10 8.41 -21.86 -3.89
CA LYS A 10 9.67 -22.04 -3.18
C LYS A 10 10.01 -20.82 -2.33
N PRO A 11 10.69 -21.05 -1.20
CA PRO A 11 11.09 -19.98 -0.28
C PRO A 11 12.18 -19.09 -0.87
N VAL A 12 11.90 -17.79 -0.96
CA VAL A 12 12.86 -16.83 -1.50
C VAL A 12 13.11 -15.69 -0.52
N ILE A 13 14.32 -15.15 -0.54
CA ILE A 13 14.69 -14.05 0.34
C ILE A 13 13.72 -12.89 0.18
N HIS A 14 13.23 -12.69 -1.04
CA HIS A 14 12.30 -11.60 -1.33
C HIS A 14 12.94 -10.24 -1.06
N GLY A 15 14.13 -10.05 -1.60
CA GLY A 15 14.84 -8.80 -1.41
C GLY A 15 13.94 -7.59 -1.60
N LEU A 16 14.41 -6.43 -1.15
CA LEU A 16 13.63 -5.20 -1.27
C LEU A 16 12.87 -5.16 -2.60
N GLU A 17 13.61 -5.34 -3.70
CA GLU A 17 13.01 -5.32 -5.02
C GLU A 17 11.88 -6.35 -5.12
N ASP A 18 12.09 -7.51 -4.51
CA ASP A 18 11.09 -8.58 -4.52
C ASP A 18 9.88 -8.19 -3.69
N GLN A 19 10.12 -7.72 -2.48
CA GLN A 19 9.04 -7.31 -1.58
C GLN A 19 8.03 -6.43 -2.31
N LYS A 20 8.54 -5.51 -3.13
CA LYS A 20 7.67 -4.61 -3.89
C LYS A 20 6.56 -5.38 -4.58
N ARG A 21 6.88 -6.57 -5.06
CA ARG A 21 5.89 -7.41 -5.75
C ARG A 21 4.93 -8.05 -4.76
N ILE A 22 5.48 -8.83 -3.83
CA ILE A 22 4.68 -9.49 -2.82
C ILE A 22 3.54 -8.60 -2.33
N TYR A 23 3.82 -7.31 -2.22
CA TYR A 23 2.82 -6.35 -1.77
C TYR A 23 1.81 -6.05 -2.88
N THR A 24 2.31 -5.70 -4.05
CA THR A 24 1.46 -5.40 -5.18
C THR A 24 0.30 -6.38 -5.29
N ASP A 25 0.61 -7.67 -5.29
CA ASP A 25 -0.41 -8.71 -5.37
C ASP A 25 -1.36 -8.63 -4.18
N TRP A 26 -0.83 -8.28 -3.02
CA TRP A 26 -1.63 -8.17 -1.81
C TRP A 26 -2.69 -7.08 -1.96
N ALA A 27 -2.29 -5.94 -2.51
CA ALA A 27 -3.21 -4.82 -2.71
C ALA A 27 -4.12 -5.07 -3.91
N ASN A 28 -3.55 -5.64 -4.96
CA ASN A 28 -4.30 -5.94 -6.17
C ASN A 28 -5.64 -6.62 -5.84
N HIS A 29 -5.57 -7.63 -4.98
CA HIS A 29 -6.76 -8.36 -4.57
C HIS A 29 -7.84 -7.41 -4.06
N TYR A 30 -7.46 -6.58 -3.09
CA TYR A 30 -8.40 -5.62 -2.50
C TYR A 30 -8.96 -4.69 -3.58
N LEU A 31 -8.28 -4.62 -4.70
CA LEU A 31 -8.71 -3.77 -5.81
C LEU A 31 -9.66 -4.53 -6.74
N ALA A 32 -9.28 -5.74 -7.10
CA ALA A 32 -10.10 -6.56 -7.98
C ALA A 32 -11.38 -7.00 -7.29
N LYS A 33 -11.31 -7.19 -5.98
CA LYS A 33 -12.47 -7.61 -5.19
C LYS A 33 -13.56 -6.54 -5.25
N SER A 34 -13.16 -5.28 -5.21
CA SER A 34 -14.10 -4.17 -5.25
C SER A 34 -14.39 -3.75 -6.70
N GLY A 35 -14.08 -4.63 -7.63
CA GLY A 35 -14.31 -4.34 -9.03
C GLY A 35 -13.48 -3.17 -9.52
N HIS A 36 -12.16 -3.30 -9.46
CA HIS A 36 -11.25 -2.25 -9.90
C HIS A 36 -10.40 -2.72 -11.08
N LYS A 37 -10.97 -2.66 -12.28
CA LYS A 37 -10.26 -3.09 -13.48
C LYS A 37 -8.77 -2.76 -13.37
N ARG A 38 -8.46 -1.47 -13.24
CA ARG A 38 -7.07 -1.03 -13.13
C ARG A 38 -6.33 -1.84 -12.07
N LEU A 39 -5.00 -1.78 -12.12
CA LEU A 39 -4.17 -2.51 -11.15
C LEU A 39 -2.93 -1.70 -10.80
N ILE A 40 -2.14 -2.24 -9.87
CA ILE A 40 -0.91 -1.57 -9.44
C ILE A 40 0.31 -2.15 -10.15
N ARG A 41 0.96 -1.33 -10.97
CA ARG A 41 2.14 -1.76 -11.71
C ARG A 41 3.39 -1.66 -10.84
N ASP A 42 3.73 -0.44 -10.45
CA ASP A 42 4.90 -0.21 -9.61
C ASP A 42 4.50 0.33 -8.24
N LEU A 43 4.48 -0.55 -7.25
CA LEU A 43 4.12 -0.17 -5.89
C LEU A 43 4.58 1.24 -5.58
N GLN A 44 5.75 1.61 -6.09
CA GLN A 44 6.30 2.94 -5.87
C GLN A 44 5.42 4.00 -6.49
N GLN A 45 5.04 3.80 -7.75
CA GLN A 45 4.20 4.74 -8.47
C GLN A 45 2.75 4.63 -8.01
N ASP A 46 2.37 3.46 -7.52
CA ASP A 46 1.01 3.21 -7.05
C ASP A 46 0.72 4.04 -5.81
N VAL A 47 1.77 4.63 -5.22
CA VAL A 47 1.62 5.45 -4.02
C VAL A 47 2.29 6.80 -4.20
N THR A 48 2.19 7.36 -5.40
CA THR A 48 2.79 8.65 -5.70
C THR A 48 1.82 9.79 -5.42
N ASP A 49 0.53 9.53 -5.65
CA ASP A 49 -0.50 10.54 -5.42
C ASP A 49 -1.32 10.20 -4.18
N GLY A 50 -1.20 8.96 -3.72
CA GLY A 50 -1.93 8.53 -2.54
C GLY A 50 -3.34 8.06 -2.88
N VAL A 51 -3.85 8.49 -4.02
CA VAL A 51 -5.19 8.11 -4.46
C VAL A 51 -5.31 6.59 -4.58
N LEU A 52 -4.60 6.02 -5.54
CA LEU A 52 -4.63 4.58 -5.76
C LEU A 52 -4.27 3.82 -4.48
N LEU A 53 -3.39 4.42 -3.68
CA LEU A 53 -2.96 3.81 -2.43
C LEU A 53 -4.14 3.66 -1.46
N ALA A 54 -4.87 4.75 -1.26
CA ALA A 54 -6.01 4.74 -0.36
C ALA A 54 -7.10 3.80 -0.87
N GLN A 55 -7.22 3.69 -2.18
CA GLN A 55 -8.22 2.83 -2.80
C GLN A 55 -8.19 1.44 -2.18
N ILE A 56 -7.03 1.06 -1.63
CA ILE A 56 -6.87 -0.25 -1.01
C ILE A 56 -7.14 -0.17 0.49
N ILE A 57 -6.39 0.70 1.17
CA ILE A 57 -6.55 0.87 2.62
C ILE A 57 -8.02 0.91 3.00
N GLN A 58 -8.77 1.81 2.38
CA GLN A 58 -10.20 1.96 2.66
C GLN A 58 -10.90 0.60 2.59
N VAL A 59 -10.45 -0.25 1.68
CA VAL A 59 -11.03 -1.58 1.51
C VAL A 59 -10.56 -2.52 2.61
N VAL A 60 -9.27 -2.83 2.63
CA VAL A 60 -8.70 -3.72 3.63
C VAL A 60 -9.04 -3.25 5.04
N ALA A 61 -9.40 -1.98 5.16
CA ALA A 61 -9.75 -1.41 6.45
C ALA A 61 -11.25 -1.19 6.57
N ASN A 62 -11.96 -1.36 5.46
CA ASN A 62 -13.40 -1.17 5.43
C ASN A 62 -13.79 0.20 5.97
N GLU A 63 -13.00 1.21 5.63
CA GLU A 63 -13.27 2.57 6.08
C GLU A 63 -13.01 3.58 4.96
N LYS A 64 -13.50 4.80 5.15
CA LYS A 64 -13.33 5.85 4.16
C LYS A 64 -12.50 7.00 4.73
N ILE A 65 -11.58 7.52 3.92
CA ILE A 65 -10.72 8.62 4.34
C ILE A 65 -11.22 9.95 3.77
N GLU A 66 -11.73 10.80 4.66
CA GLU A 66 -12.24 12.11 4.25
C GLU A 66 -11.10 13.10 4.03
N ASP A 67 -9.90 12.70 4.43
CA ASP A 67 -8.72 13.55 4.28
C ASP A 67 -7.97 13.21 2.99
N ILE A 68 -8.72 12.92 1.94
CA ILE A 68 -8.14 12.59 0.65
C ILE A 68 -8.49 13.64 -0.41
N ASN A 69 -7.48 14.40 -0.83
CA ASN A 69 -7.68 15.44 -1.84
C ASN A 69 -8.60 14.94 -2.96
N GLY A 70 -8.30 13.76 -3.48
CA GLY A 70 -9.10 13.19 -4.54
C GLY A 70 -8.46 13.38 -5.91
N CYS A 71 -8.33 14.63 -6.34
CA CYS A 71 -7.74 14.93 -7.62
C CYS A 71 -6.58 15.91 -7.48
N PRO A 72 -5.38 15.38 -7.15
CA PRO A 72 -4.18 16.19 -6.97
C PRO A 72 -3.67 16.78 -8.28
N LYS A 73 -3.27 18.05 -8.25
CA LYS A 73 -2.76 18.72 -9.44
C LYS A 73 -1.38 19.30 -9.17
N ASN A 74 -1.14 19.75 -7.94
CA ASN A 74 0.14 20.33 -7.57
C ASN A 74 1.08 19.25 -7.03
N ARG A 75 2.35 19.61 -6.86
CA ARG A 75 3.35 18.68 -6.35
C ARG A 75 3.13 18.39 -4.87
N SER A 76 2.51 19.35 -4.19
CA SER A 76 2.24 19.20 -2.76
C SER A 76 0.87 18.57 -2.53
N GLN A 77 -0.09 18.92 -3.38
CA GLN A 77 -1.44 18.39 -3.26
C GLN A 77 -1.42 16.88 -3.05
N MET A 78 -0.36 16.23 -3.52
CA MET A 78 -0.21 14.79 -3.37
C MET A 78 0.33 14.44 -1.98
N ILE A 79 1.16 15.32 -1.43
CA ILE A 79 1.74 15.10 -0.12
C ILE A 79 0.66 14.81 0.92
N GLU A 80 -0.36 15.66 0.96
CA GLU A 80 -1.45 15.50 1.91
C GLU A 80 -2.10 14.12 1.77
N ASN A 81 -2.41 13.75 0.52
CA ASN A 81 -3.02 12.47 0.24
C ASN A 81 -2.33 11.35 1.02
N ILE A 82 -1.09 11.06 0.64
CA ILE A 82 -0.32 10.00 1.29
C ILE A 82 -0.29 10.21 2.81
N ASP A 83 -0.23 11.47 3.22
CA ASP A 83 -0.20 11.80 4.64
C ASP A 83 -1.46 11.31 5.34
N ALA A 84 -2.61 11.54 4.71
CA ALA A 84 -3.89 11.11 5.28
C ALA A 84 -3.88 9.62 5.57
N CYS A 85 -3.33 8.84 4.66
CA CYS A 85 -3.27 7.39 4.81
C CYS A 85 -2.38 7.01 5.98
N LEU A 86 -1.23 7.68 6.10
CA LEU A 86 -0.28 7.42 7.18
C LEU A 86 -0.91 7.71 8.53
N ASN A 87 -1.63 8.83 8.63
CA ASN A 87 -2.28 9.22 9.87
C ASN A 87 -3.50 8.33 10.15
N PHE A 88 -4.23 7.99 9.09
CA PHE A 88 -5.41 7.16 9.22
C PHE A 88 -5.05 5.77 9.74
N LEU A 89 -3.91 5.26 9.28
CA LEU A 89 -3.44 3.94 9.69
C LEU A 89 -3.02 3.95 11.16
N ALA A 90 -2.21 4.93 11.54
CA ALA A 90 -1.75 5.04 12.92
C ALA A 90 -2.90 4.87 13.90
N ALA A 91 -4.01 5.56 13.63
CA ALA A 91 -5.18 5.48 14.50
C ALA A 91 -5.69 4.05 14.60
N LYS A 92 -5.50 3.28 13.53
CA LYS A 92 -5.94 1.89 13.51
C LYS A 92 -5.01 1.01 14.33
N GLY A 93 -3.84 1.53 14.66
CA GLY A 93 -2.88 0.78 15.45
C GLY A 93 -1.69 0.32 14.63
N ILE A 94 -1.23 1.17 13.72
CA ILE A 94 -0.10 0.84 12.87
C ILE A 94 1.04 1.83 13.06
N ASN A 95 2.24 1.31 13.29
CA ASN A 95 3.41 2.15 13.49
C ASN A 95 3.85 2.80 12.18
N ILE A 96 3.71 4.12 12.09
CA ILE A 96 4.08 4.86 10.89
C ILE A 96 5.34 5.68 11.14
N GLN A 97 5.62 5.98 12.40
CA GLN A 97 6.80 6.75 12.77
C GLN A 97 8.01 6.32 11.96
N GLY A 98 8.56 7.26 11.19
CA GLY A 98 9.73 6.95 10.37
C GLY A 98 9.48 7.21 8.90
N LEU A 99 8.25 6.95 8.44
CA LEU A 99 7.89 7.15 7.05
C LEU A 99 7.87 8.64 6.70
N SER A 100 7.72 8.94 5.42
CA SER A 100 7.68 10.32 4.95
C SER A 100 6.83 10.44 3.69
N ALA A 101 5.63 11.01 3.84
CA ALA A 101 4.72 11.19 2.71
C ALA A 101 5.48 11.69 1.49
N GLU A 102 6.40 12.62 1.71
CA GLU A 102 7.19 13.19 0.61
C GLU A 102 7.98 12.10 -0.11
N GLU A 103 8.75 11.33 0.66
CA GLU A 103 9.56 10.26 0.09
C GLU A 103 8.70 9.32 -0.75
N ILE A 104 7.55 8.95 -0.21
CA ILE A 104 6.63 8.05 -0.92
C ILE A 104 6.23 8.62 -2.27
N ARG A 105 5.95 9.92 -2.30
CA ARG A 105 5.56 10.58 -3.54
C ARG A 105 6.66 10.48 -4.59
N ASN A 106 7.91 10.47 -4.14
CA ASN A 106 9.05 10.39 -5.04
C ASN A 106 9.24 8.95 -5.53
N GLY A 107 8.63 8.00 -4.83
CA GLY A 107 8.74 6.61 -5.20
C GLY A 107 9.91 5.91 -4.54
N ASN A 108 10.20 6.29 -3.31
CA ASN A 108 11.31 5.70 -2.56
C ASN A 108 10.93 4.33 -2.02
N LEU A 109 11.37 3.28 -2.70
CA LEU A 109 11.07 1.92 -2.29
C LEU A 109 11.17 1.77 -0.77
N LYS A 110 12.38 1.95 -0.25
CA LYS A 110 12.61 1.85 1.19
C LYS A 110 11.44 2.44 1.97
N ALA A 111 10.85 3.49 1.42
CA ALA A 111 9.72 4.16 2.07
C ALA A 111 8.44 3.34 1.90
N ILE A 112 8.01 3.18 0.65
CA ILE A 112 6.79 2.42 0.36
C ILE A 112 6.78 1.09 1.11
N LEU A 113 7.80 0.27 0.85
CA LEU A 113 7.91 -1.03 1.51
C LEU A 113 7.51 -0.95 2.97
N GLY A 114 8.05 0.06 3.67
CA GLY A 114 7.74 0.24 5.08
C GLY A 114 6.25 0.35 5.33
N LEU A 115 5.56 1.10 4.48
CA LEU A 115 4.12 1.28 4.62
C LEU A 115 3.38 -0.04 4.44
N PHE A 116 3.57 -0.68 3.29
CA PHE A 116 2.93 -1.95 3.00
C PHE A 116 3.45 -3.05 3.93
N PHE A 117 4.60 -2.80 4.55
CA PHE A 117 5.20 -3.76 5.45
C PHE A 117 4.44 -3.82 6.78
N SER A 118 3.95 -2.66 7.23
CA SER A 118 3.21 -2.58 8.48
C SER A 118 1.70 -2.70 8.22
N LEU A 119 1.22 -1.96 7.23
CA LEU A 119 -0.20 -1.98 6.88
C LEU A 119 -0.73 -3.41 6.86
N SER A 120 -0.06 -4.28 6.12
CA SER A 120 -0.47 -5.67 6.02
C SER A 120 -0.64 -6.30 7.40
N ARG A 121 0.18 -5.84 8.34
CA ARG A 121 0.12 -6.36 9.72
C ARG A 121 -1.25 -6.09 10.34
N TYR A 122 -1.70 -4.84 10.23
CA TYR A 122 -2.99 -4.45 10.79
C TYR A 122 -4.04 -5.53 10.53
N LYS A 123 -4.23 -5.88 9.26
CA LYS A 123 -5.20 -6.90 8.88
C LYS A 123 -4.83 -8.25 9.47
N GLN A 124 -3.55 -8.59 9.40
CA GLN A 124 -3.06 -9.87 9.92
C GLN A 124 -3.09 -9.86 11.45
N GLN A 125 -2.82 -11.03 12.04
CA GLN A 125 -2.81 -11.16 13.49
C GLN A 125 -3.88 -10.27 14.12
N GLN A 126 -5.02 -10.15 13.45
CA GLN A 126 -6.12 -9.33 13.95
C GLN A 126 -7.25 -10.21 14.46
N GLN A 127 -6.91 -11.24 15.21
CA GLN A 127 -7.91 -12.15 15.76
C GLN A 127 -7.76 -12.27 17.28
N GLN A 128 -7.42 -11.16 17.93
CA GLN A 128 -7.25 -11.14 19.38
C GLN A 128 -8.52 -10.68 20.07
N PRO A 129 -9.05 -11.53 20.97
CA PRO A 129 -10.27 -11.24 21.72
C PRO A 129 -10.06 -10.12 22.74
#